data_2QZQ
# 
_entry.id   2QZQ 
# 
_audit_conform.dict_name       mmcif_pdbx.dic 
_audit_conform.dict_version    5.398 
_audit_conform.dict_location   http://mmcif.pdb.org/dictionaries/ascii/mmcif_pdbx.dic 
# 
loop_
_database_2.database_id 
_database_2.database_code 
_database_2.pdbx_database_accession 
_database_2.pdbx_DOI 
PDB   2QZQ         pdb_00002qzq 10.2210/pdb2qzq/pdb 
RCSB  RCSB044248   ?            ?                   
WWPDB D_1000044248 ?            ?                   
# 
loop_
_pdbx_audit_revision_history.ordinal 
_pdbx_audit_revision_history.data_content_type 
_pdbx_audit_revision_history.major_revision 
_pdbx_audit_revision_history.minor_revision 
_pdbx_audit_revision_history.revision_date 
1 'Structure model' 1 0 2008-09-23 
2 'Structure model' 1 1 2011-07-13 
3 'Structure model' 1 2 2024-11-13 
# 
_pdbx_audit_revision_details.ordinal             1 
_pdbx_audit_revision_details.revision_ordinal    1 
_pdbx_audit_revision_details.data_content_type   'Structure model' 
_pdbx_audit_revision_details.provider            repository 
_pdbx_audit_revision_details.type                'Initial release' 
_pdbx_audit_revision_details.description         ? 
_pdbx_audit_revision_details.details             ? 
# 
loop_
_pdbx_audit_revision_group.ordinal 
_pdbx_audit_revision_group.revision_ordinal 
_pdbx_audit_revision_group.data_content_type 
_pdbx_audit_revision_group.group 
1 2 'Structure model' 'Version format compliance' 
2 3 'Structure model' 'Data collection'           
3 3 'Structure model' 'Database references'       
4 3 'Structure model' 'Derived calculations'      
5 3 'Structure model' 'Structure summary'         
# 
loop_
_pdbx_audit_revision_category.ordinal 
_pdbx_audit_revision_category.revision_ordinal 
_pdbx_audit_revision_category.data_content_type 
_pdbx_audit_revision_category.category 
1 3 'Structure model' chem_comp_atom            
2 3 'Structure model' chem_comp_bond            
3 3 'Structure model' database_2                
4 3 'Structure model' pdbx_entry_details        
5 3 'Structure model' pdbx_modification_feature 
6 3 'Structure model' struct_conn               
# 
loop_
_pdbx_audit_revision_item.ordinal 
_pdbx_audit_revision_item.revision_ordinal 
_pdbx_audit_revision_item.data_content_type 
_pdbx_audit_revision_item.item 
1 3 'Structure model' '_database_2.pdbx_DOI'                
2 3 'Structure model' '_database_2.pdbx_database_accession' 
3 3 'Structure model' '_struct_conn.pdbx_leaving_atom_flag' 
# 
_pdbx_database_status.entry_id                        2QZQ 
_pdbx_database_status.deposit_site                    RCSB 
_pdbx_database_status.process_site                    PDBJ 
_pdbx_database_status.recvd_initial_deposition_date   2007-08-17 
_pdbx_database_status.status_code                     REL 
_pdbx_database_status.status_code_sf                  REL 
_pdbx_database_status.status_code_mr                  ? 
_pdbx_database_status.SG_entry                        ? 
_pdbx_database_status.pdb_format_compatible           Y 
_pdbx_database_status.status_code_cs                  ? 
_pdbx_database_status.status_code_nmr_data            ? 
_pdbx_database_status.methods_development_category    ? 
# 
_pdbx_database_related.db_name        PDB 
_pdbx_database_related.db_id          2QZ5 
_pdbx_database_related.details        . 
_pdbx_database_related.content_type   unspecified 
# 
loop_
_audit_author.name 
_audit_author.pdbx_ordinal 
'Zheng, L.S.' 1 
'Wu, J.W.'    2 
# 
_citation.id                        primary 
_citation.title                     'Crystal structure of C-terminal of Aida' 
_citation.journal_abbrev            'To be Published' 
_citation.journal_volume            ? 
_citation.page_first                ? 
_citation.page_last                 ? 
_citation.year                      ? 
_citation.journal_id_ASTM           ? 
_citation.country                   ? 
_citation.journal_id_ISSN           ? 
_citation.journal_id_CSD            0353 
_citation.book_publisher            ? 
_citation.pdbx_database_id_PubMed   ? 
_citation.pdbx_database_id_DOI      ? 
# 
_citation_author.citation_id        primary 
_citation_author.name               'Zheng, L.S.' 
_citation_author.ordinal            1 
_citation_author.identifier_ORCID   ? 
# 
loop_
_entity.id 
_entity.type 
_entity.src_method 
_entity.pdbx_description 
_entity.formula_weight 
_entity.pdbx_number_of_molecules 
_entity.pdbx_ec 
_entity.pdbx_mutation 
_entity.pdbx_fragment 
_entity.details 
1 polymer man 'Axin interactor, dorsalization associated protein' 17636.301 1   ? ? 'C-TERMINAL DOMAIN' ? 
2 water   nat water                                               18.015    144 ? ? ?                   ? 
# 
_entity_name_com.entity_id   1 
_entity_name_com.name        'Axin interaction partner and dorsalization antagonist' 
# 
_entity_poly.entity_id                      1 
_entity_poly.type                           'polypeptide(L)' 
_entity_poly.nstd_linkage                   no 
_entity_poly.nstd_monomer                   yes 
_entity_poly.pdbx_seq_one_letter_code       
;GSLLPRLPSEPG(MSE)TLLTLTIEKIGLKDAGQCIDPYITVSVKDLNGIDLNPVQDTPVATRKEDTYIHFSVDVEIQRH
LEKLPKGAAIFFEFKHYKPKKRFTSTKCFAF(MSE)E(MSE)DEIKPGPIVIELYKKPTDFKRKKLNLLTKKPLYLHLNQ
TLHK
;
_entity_poly.pdbx_seq_one_letter_code_can   
;GSLLPRLPSEPGMTLLTLTIEKIGLKDAGQCIDPYITVSVKDLNGIDLNPVQDTPVATRKEDTYIHFSVDVEIQRHLEKL
PKGAAIFFEFKHYKPKKRFTSTKCFAFMEMDEIKPGPIVIELYKKPTDFKRKKLNLLTKKPLYLHLNQTLHK
;
_entity_poly.pdbx_strand_id                 A 
_entity_poly.pdbx_target_identifier         ? 
# 
_pdbx_entity_nonpoly.entity_id   2 
_pdbx_entity_nonpoly.name        water 
_pdbx_entity_nonpoly.comp_id     HOH 
# 
loop_
_entity_poly_seq.entity_id 
_entity_poly_seq.num 
_entity_poly_seq.mon_id 
_entity_poly_seq.hetero 
1 1   GLY n 
1 2   SER n 
1 3   LEU n 
1 4   LEU n 
1 5   PRO n 
1 6   ARG n 
1 7   LEU n 
1 8   PRO n 
1 9   SER n 
1 10  GLU n 
1 11  PRO n 
1 12  GLY n 
1 13  MSE n 
1 14  THR n 
1 15  LEU n 
1 16  LEU n 
1 17  THR n 
1 18  LEU n 
1 19  THR n 
1 20  ILE n 
1 21  GLU n 
1 22  LYS n 
1 23  ILE n 
1 24  GLY n 
1 25  LEU n 
1 26  LYS n 
1 27  ASP n 
1 28  ALA n 
1 29  GLY n 
1 30  GLN n 
1 31  CYS n 
1 32  ILE n 
1 33  ASP n 
1 34  PRO n 
1 35  TYR n 
1 36  ILE n 
1 37  THR n 
1 38  VAL n 
1 39  SER n 
1 40  VAL n 
1 41  LYS n 
1 42  ASP n 
1 43  LEU n 
1 44  ASN n 
1 45  GLY n 
1 46  ILE n 
1 47  ASP n 
1 48  LEU n 
1 49  ASN n 
1 50  PRO n 
1 51  VAL n 
1 52  GLN n 
1 53  ASP n 
1 54  THR n 
1 55  PRO n 
1 56  VAL n 
1 57  ALA n 
1 58  THR n 
1 59  ARG n 
1 60  LYS n 
1 61  GLU n 
1 62  ASP n 
1 63  THR n 
1 64  TYR n 
1 65  ILE n 
1 66  HIS n 
1 67  PHE n 
1 68  SER n 
1 69  VAL n 
1 70  ASP n 
1 71  VAL n 
1 72  GLU n 
1 73  ILE n 
1 74  GLN n 
1 75  ARG n 
1 76  HIS n 
1 77  LEU n 
1 78  GLU n 
1 79  LYS n 
1 80  LEU n 
1 81  PRO n 
1 82  LYS n 
1 83  GLY n 
1 84  ALA n 
1 85  ALA n 
1 86  ILE n 
1 87  PHE n 
1 88  PHE n 
1 89  GLU n 
1 90  PHE n 
1 91  LYS n 
1 92  HIS n 
1 93  TYR n 
1 94  LYS n 
1 95  PRO n 
1 96  LYS n 
1 97  LYS n 
1 98  ARG n 
1 99  PHE n 
1 100 THR n 
1 101 SER n 
1 102 THR n 
1 103 LYS n 
1 104 CYS n 
1 105 PHE n 
1 106 ALA n 
1 107 PHE n 
1 108 MSE n 
1 109 GLU n 
1 110 MSE n 
1 111 ASP n 
1 112 GLU n 
1 113 ILE n 
1 114 LYS n 
1 115 PRO n 
1 116 GLY n 
1 117 PRO n 
1 118 ILE n 
1 119 VAL n 
1 120 ILE n 
1 121 GLU n 
1 122 LEU n 
1 123 TYR n 
1 124 LYS n 
1 125 LYS n 
1 126 PRO n 
1 127 THR n 
1 128 ASP n 
1 129 PHE n 
1 130 LYS n 
1 131 ARG n 
1 132 LYS n 
1 133 LYS n 
1 134 LEU n 
1 135 ASN n 
1 136 LEU n 
1 137 LEU n 
1 138 THR n 
1 139 LYS n 
1 140 LYS n 
1 141 PRO n 
1 142 LEU n 
1 143 TYR n 
1 144 LEU n 
1 145 HIS n 
1 146 LEU n 
1 147 ASN n 
1 148 GLN n 
1 149 THR n 
1 150 LEU n 
1 151 HIS n 
1 152 LYS n 
# 
_entity_src_gen.entity_id                          1 
_entity_src_gen.pdbx_src_id                        1 
_entity_src_gen.pdbx_alt_source_flag               sample 
_entity_src_gen.pdbx_seq_type                      ? 
_entity_src_gen.pdbx_beg_seq_num                   ? 
_entity_src_gen.pdbx_end_seq_num                   ? 
_entity_src_gen.gene_src_common_name               Zebrafish 
_entity_src_gen.gene_src_genus                     ? 
_entity_src_gen.pdbx_gene_src_gene                 Aida 
_entity_src_gen.gene_src_species                   ? 
_entity_src_gen.gene_src_strain                    ? 
_entity_src_gen.gene_src_tissue                    ? 
_entity_src_gen.gene_src_tissue_fraction           ? 
_entity_src_gen.gene_src_details                   ? 
_entity_src_gen.pdbx_gene_src_fragment             ? 
_entity_src_gen.pdbx_gene_src_scientific_name      'Danio rerio' 
_entity_src_gen.pdbx_gene_src_ncbi_taxonomy_id     7955 
_entity_src_gen.pdbx_gene_src_variant              ? 
_entity_src_gen.pdbx_gene_src_cell_line            ? 
_entity_src_gen.pdbx_gene_src_atcc                 ? 
_entity_src_gen.pdbx_gene_src_organ                ? 
_entity_src_gen.pdbx_gene_src_organelle            ? 
_entity_src_gen.pdbx_gene_src_cell                 ? 
_entity_src_gen.pdbx_gene_src_cellular_location    ? 
_entity_src_gen.host_org_common_name               ? 
_entity_src_gen.pdbx_host_org_scientific_name      'Escherichia coli' 
_entity_src_gen.pdbx_host_org_ncbi_taxonomy_id     562 
_entity_src_gen.host_org_genus                     ? 
_entity_src_gen.pdbx_host_org_gene                 ? 
_entity_src_gen.pdbx_host_org_organ                ? 
_entity_src_gen.host_org_species                   ? 
_entity_src_gen.pdbx_host_org_tissue               ? 
_entity_src_gen.pdbx_host_org_tissue_fraction      ? 
_entity_src_gen.pdbx_host_org_strain               BL21 
_entity_src_gen.pdbx_host_org_variant              ? 
_entity_src_gen.pdbx_host_org_cell_line            ? 
_entity_src_gen.pdbx_host_org_atcc                 ? 
_entity_src_gen.pdbx_host_org_culture_collection   ? 
_entity_src_gen.pdbx_host_org_cell                 ? 
_entity_src_gen.pdbx_host_org_organelle            ? 
_entity_src_gen.pdbx_host_org_cellular_location    ? 
_entity_src_gen.pdbx_host_org_vector_type          plasmid 
_entity_src_gen.pdbx_host_org_vector               ? 
_entity_src_gen.host_org_details                   ? 
_entity_src_gen.expression_system_id               ? 
_entity_src_gen.plasmid_name                       pET15b 
_entity_src_gen.plasmid_details                    ? 
_entity_src_gen.pdbx_description                   ? 
# 
loop_
_chem_comp.id 
_chem_comp.type 
_chem_comp.mon_nstd_flag 
_chem_comp.name 
_chem_comp.pdbx_synonyms 
_chem_comp.formula 
_chem_comp.formula_weight 
ALA 'L-peptide linking' y ALANINE          ? 'C3 H7 N O2'     89.093  
ARG 'L-peptide linking' y ARGININE         ? 'C6 H15 N4 O2 1' 175.209 
ASN 'L-peptide linking' y ASPARAGINE       ? 'C4 H8 N2 O3'    132.118 
ASP 'L-peptide linking' y 'ASPARTIC ACID'  ? 'C4 H7 N O4'     133.103 
CYS 'L-peptide linking' y CYSTEINE         ? 'C3 H7 N O2 S'   121.158 
GLN 'L-peptide linking' y GLUTAMINE        ? 'C5 H10 N2 O3'   146.144 
GLU 'L-peptide linking' y 'GLUTAMIC ACID'  ? 'C5 H9 N O4'     147.129 
GLY 'peptide linking'   y GLYCINE          ? 'C2 H5 N O2'     75.067  
HIS 'L-peptide linking' y HISTIDINE        ? 'C6 H10 N3 O2 1' 156.162 
HOH non-polymer         . WATER            ? 'H2 O'           18.015  
ILE 'L-peptide linking' y ISOLEUCINE       ? 'C6 H13 N O2'    131.173 
LEU 'L-peptide linking' y LEUCINE          ? 'C6 H13 N O2'    131.173 
LYS 'L-peptide linking' y LYSINE           ? 'C6 H15 N2 O2 1' 147.195 
MSE 'L-peptide linking' n SELENOMETHIONINE ? 'C5 H11 N O2 Se' 196.106 
PHE 'L-peptide linking' y PHENYLALANINE    ? 'C9 H11 N O2'    165.189 
PRO 'L-peptide linking' y PROLINE          ? 'C5 H9 N O2'     115.130 
SER 'L-peptide linking' y SERINE           ? 'C3 H7 N O3'     105.093 
THR 'L-peptide linking' y THREONINE        ? 'C4 H9 N O3'     119.119 
TYR 'L-peptide linking' y TYROSINE         ? 'C9 H11 N O3'    181.189 
VAL 'L-peptide linking' y VALINE           ? 'C5 H11 N O2'    117.146 
# 
loop_
_pdbx_poly_seq_scheme.asym_id 
_pdbx_poly_seq_scheme.entity_id 
_pdbx_poly_seq_scheme.seq_id 
_pdbx_poly_seq_scheme.mon_id 
_pdbx_poly_seq_scheme.ndb_seq_num 
_pdbx_poly_seq_scheme.pdb_seq_num 
_pdbx_poly_seq_scheme.auth_seq_num 
_pdbx_poly_seq_scheme.pdb_mon_id 
_pdbx_poly_seq_scheme.auth_mon_id 
_pdbx_poly_seq_scheme.pdb_strand_id 
_pdbx_poly_seq_scheme.pdb_ins_code 
_pdbx_poly_seq_scheme.hetero 
A 1 1   GLY 1   19  19  GLY GLY A . n 
A 1 2   SER 2   20  20  SER SER A . n 
A 1 3   LEU 3   21  21  LEU LEU A . n 
A 1 4   LEU 4   22  22  LEU LEU A . n 
A 1 5   PRO 5   23  23  PRO PRO A . n 
A 1 6   ARG 6   24  24  ARG ARG A . n 
A 1 7   LEU 7   25  25  LEU LEU A . n 
A 1 8   PRO 8   26  26  PRO PRO A . n 
A 1 9   SER 9   27  27  SER SER A . n 
A 1 10  GLU 10  28  28  GLU GLU A . n 
A 1 11  PRO 11  29  29  PRO PRO A . n 
A 1 12  GLY 12  30  30  GLY GLY A . n 
A 1 13  MSE 13  31  31  MSE MSE A . n 
A 1 14  THR 14  32  32  THR THR A . n 
A 1 15  LEU 15  33  33  LEU LEU A . n 
A 1 16  LEU 16  34  34  LEU LEU A . n 
A 1 17  THR 17  35  35  THR THR A . n 
A 1 18  LEU 18  36  36  LEU LEU A . n 
A 1 19  THR 19  37  37  THR THR A . n 
A 1 20  ILE 20  38  38  ILE ILE A . n 
A 1 21  GLU 21  39  39  GLU GLU A . n 
A 1 22  LYS 22  40  40  LYS LYS A . n 
A 1 23  ILE 23  41  41  ILE ILE A . n 
A 1 24  GLY 24  42  42  GLY GLY A . n 
A 1 25  LEU 25  43  43  LEU LEU A . n 
A 1 26  LYS 26  44  44  LYS LYS A . n 
A 1 27  ASP 27  45  45  ASP ASP A . n 
A 1 28  ALA 28  46  46  ALA ALA A . n 
A 1 29  GLY 29  47  47  GLY GLY A . n 
A 1 30  GLN 30  48  48  GLN GLN A . n 
A 1 31  CYS 31  49  49  CYS CYS A . n 
A 1 32  ILE 32  50  50  ILE ILE A . n 
A 1 33  ASP 33  51  51  ASP ASP A . n 
A 1 34  PRO 34  52  52  PRO PRO A . n 
A 1 35  TYR 35  53  53  TYR TYR A . n 
A 1 36  ILE 36  54  54  ILE ILE A . n 
A 1 37  THR 37  55  55  THR THR A . n 
A 1 38  VAL 38  56  56  VAL VAL A . n 
A 1 39  SER 39  57  57  SER SER A . n 
A 1 40  VAL 40  58  58  VAL VAL A . n 
A 1 41  LYS 41  59  59  LYS LYS A . n 
A 1 42  ASP 42  60  60  ASP ASP A . n 
A 1 43  LEU 43  61  61  LEU LEU A . n 
A 1 44  ASN 44  62  62  ASN ASN A . n 
A 1 45  GLY 45  63  63  GLY GLY A . n 
A 1 46  ILE 46  64  64  ILE ILE A . n 
A 1 47  ASP 47  65  65  ASP ASP A . n 
A 1 48  LEU 48  66  66  LEU LEU A . n 
A 1 49  ASN 49  67  67  ASN ASN A . n 
A 1 50  PRO 50  68  68  PRO PRO A . n 
A 1 51  VAL 51  69  69  VAL VAL A . n 
A 1 52  GLN 52  70  70  GLN GLN A . n 
A 1 53  ASP 53  71  71  ASP ASP A . n 
A 1 54  THR 54  72  72  THR THR A . n 
A 1 55  PRO 55  73  73  PRO PRO A . n 
A 1 56  VAL 56  74  74  VAL VAL A . n 
A 1 57  ALA 57  75  75  ALA ALA A . n 
A 1 58  THR 58  76  76  THR THR A . n 
A 1 59  ARG 59  77  77  ARG ARG A . n 
A 1 60  LYS 60  78  78  LYS LYS A . n 
A 1 61  GLU 61  79  79  GLU GLU A . n 
A 1 62  ASP 62  80  80  ASP ASP A . n 
A 1 63  THR 63  81  81  THR THR A . n 
A 1 64  TYR 64  82  82  TYR TYR A . n 
A 1 65  ILE 65  83  83  ILE ILE A . n 
A 1 66  HIS 66  84  84  HIS HIS A . n 
A 1 67  PHE 67  85  85  PHE PHE A . n 
A 1 68  SER 68  86  86  SER SER A . n 
A 1 69  VAL 69  87  87  VAL VAL A . n 
A 1 70  ASP 70  88  88  ASP ASP A . n 
A 1 71  VAL 71  89  89  VAL VAL A . n 
A 1 72  GLU 72  90  90  GLU GLU A . n 
A 1 73  ILE 73  91  91  ILE ILE A . n 
A 1 74  GLN 74  92  92  GLN GLN A . n 
A 1 75  ARG 75  93  93  ARG ARG A . n 
A 1 76  HIS 76  94  94  HIS HIS A . n 
A 1 77  LEU 77  95  95  LEU LEU A . n 
A 1 78  GLU 78  96  96  GLU GLU A . n 
A 1 79  LYS 79  97  97  LYS LYS A . n 
A 1 80  LEU 80  98  98  LEU LEU A . n 
A 1 81  PRO 81  99  99  PRO PRO A . n 
A 1 82  LYS 82  100 100 LYS SER A . n 
A 1 83  GLY 83  101 101 GLY GLY A . n 
A 1 84  ALA 84  102 102 ALA ALA A . n 
A 1 85  ALA 85  103 103 ALA ALA A . n 
A 1 86  ILE 86  104 104 ILE ILE A . n 
A 1 87  PHE 87  105 105 PHE PHE A . n 
A 1 88  PHE 88  106 106 PHE PHE A . n 
A 1 89  GLU 89  107 107 GLU GLU A . n 
A 1 90  PHE 90  108 108 PHE PHE A . n 
A 1 91  LYS 91  109 109 LYS LYS A . n 
A 1 92  HIS 92  110 110 HIS HIS A . n 
A 1 93  TYR 93  111 111 TYR TYR A . n 
A 1 94  LYS 94  112 112 LYS LYS A . n 
A 1 95  PRO 95  113 113 PRO PRO A . n 
A 1 96  LYS 96  114 114 LYS LYS A . n 
A 1 97  LYS 97  115 115 LYS LYS A . n 
A 1 98  ARG 98  116 116 ARG ARG A . n 
A 1 99  PHE 99  117 117 PHE PHE A . n 
A 1 100 THR 100 118 118 THR THR A . n 
A 1 101 SER 101 119 119 SER SER A . n 
A 1 102 THR 102 120 120 THR THR A . n 
A 1 103 LYS 103 121 121 LYS LYS A . n 
A 1 104 CYS 104 122 122 CYS CYS A . n 
A 1 105 PHE 105 123 123 PHE PHE A . n 
A 1 106 ALA 106 124 124 ALA ALA A . n 
A 1 107 PHE 107 125 125 PHE PHE A . n 
A 1 108 MSE 108 126 126 MSE MSE A . n 
A 1 109 GLU 109 127 127 GLU GLU A . n 
A 1 110 MSE 110 128 128 MSE MSE A . n 
A 1 111 ASP 111 129 129 ASP ASP A . n 
A 1 112 GLU 112 130 130 GLU GLU A . n 
A 1 113 ILE 113 131 131 ILE ILE A . n 
A 1 114 LYS 114 132 132 LYS LYS A . n 
A 1 115 PRO 115 133 133 PRO PRO A . n 
A 1 116 GLY 116 134 134 GLY GLY A . n 
A 1 117 PRO 117 135 135 PRO PRO A . n 
A 1 118 ILE 118 136 136 ILE ILE A . n 
A 1 119 VAL 119 137 137 VAL VAL A . n 
A 1 120 ILE 120 138 138 ILE ILE A . n 
A 1 121 GLU 121 139 139 GLU GLU A . n 
A 1 122 LEU 122 140 140 LEU LEU A . n 
A 1 123 TYR 123 141 141 TYR TYR A . n 
A 1 124 LYS 124 142 142 LYS LYS A . n 
A 1 125 LYS 125 143 143 LYS LYS A . n 
A 1 126 PRO 126 144 144 PRO PRO A . n 
A 1 127 THR 127 145 145 THR THR A . n 
A 1 128 ASP 128 146 146 ASP ASP A . n 
A 1 129 PHE 129 147 147 PHE PHE A . n 
A 1 130 LYS 130 148 148 LYS LYS A . n 
A 1 131 ARG 131 149 149 ARG ARG A . n 
A 1 132 LYS 132 150 150 LYS LYS A . n 
A 1 133 LYS 133 151 151 LYS LYS A . n 
A 1 134 LEU 134 152 152 LEU LEU A . n 
A 1 135 ASN 135 153 153 ASN ASN A . n 
A 1 136 LEU 136 154 154 LEU LEU A . n 
A 1 137 LEU 137 155 155 LEU LEU A . n 
A 1 138 THR 138 156 156 THR THR A . n 
A 1 139 LYS 139 157 157 LYS LYS A . n 
A 1 140 LYS 140 158 158 LYS LYS A . n 
A 1 141 PRO 141 159 159 PRO PRO A . n 
A 1 142 LEU 142 160 160 LEU LEU A . n 
A 1 143 TYR 143 161 161 TYR TYR A . n 
A 1 144 LEU 144 162 162 LEU LEU A . n 
A 1 145 HIS 145 163 163 HIS HIS A . n 
A 1 146 LEU 146 164 164 LEU LEU A . n 
A 1 147 ASN 147 165 165 ASN ASN A . n 
A 1 148 GLN 148 166 166 GLN GLN A . n 
A 1 149 THR 149 167 167 THR THR A . n 
A 1 150 LEU 150 168 168 LEU LEU A . n 
A 1 151 HIS 151 169 169 HIS HIS A . n 
A 1 152 LYS 152 170 170 LYS LYS A . n 
# 
loop_
_pdbx_nonpoly_scheme.asym_id 
_pdbx_nonpoly_scheme.entity_id 
_pdbx_nonpoly_scheme.mon_id 
_pdbx_nonpoly_scheme.ndb_seq_num 
_pdbx_nonpoly_scheme.pdb_seq_num 
_pdbx_nonpoly_scheme.auth_seq_num 
_pdbx_nonpoly_scheme.pdb_mon_id 
_pdbx_nonpoly_scheme.auth_mon_id 
_pdbx_nonpoly_scheme.pdb_strand_id 
_pdbx_nonpoly_scheme.pdb_ins_code 
B 2 HOH 1   171 1   HOH HOH A . 
B 2 HOH 2   172 2   HOH HOH A . 
B 2 HOH 3   173 3   HOH HOH A . 
B 2 HOH 4   174 4   HOH HOH A . 
B 2 HOH 5   175 5   HOH HOH A . 
B 2 HOH 6   176 6   HOH HOH A . 
B 2 HOH 7   177 7   HOH HOH A . 
B 2 HOH 8   178 8   HOH HOH A . 
B 2 HOH 9   179 9   HOH HOH A . 
B 2 HOH 10  180 10  HOH HOH A . 
B 2 HOH 11  181 11  HOH HOH A . 
B 2 HOH 12  182 12  HOH HOH A . 
B 2 HOH 13  183 13  HOH HOH A . 
B 2 HOH 14  184 14  HOH HOH A . 
B 2 HOH 15  185 15  HOH HOH A . 
B 2 HOH 16  186 16  HOH HOH A . 
B 2 HOH 17  187 17  HOH HOH A . 
B 2 HOH 18  188 18  HOH HOH A . 
B 2 HOH 19  189 19  HOH HOH A . 
B 2 HOH 20  190 20  HOH HOH A . 
B 2 HOH 21  191 21  HOH HOH A . 
B 2 HOH 22  192 22  HOH HOH A . 
B 2 HOH 23  193 23  HOH HOH A . 
B 2 HOH 24  194 24  HOH HOH A . 
B 2 HOH 25  195 25  HOH HOH A . 
B 2 HOH 26  196 26  HOH HOH A . 
B 2 HOH 27  197 27  HOH HOH A . 
B 2 HOH 28  198 28  HOH HOH A . 
B 2 HOH 29  199 29  HOH HOH A . 
B 2 HOH 30  200 30  HOH HOH A . 
B 2 HOH 31  201 31  HOH HOH A . 
B 2 HOH 32  202 32  HOH HOH A . 
B 2 HOH 33  203 33  HOH HOH A . 
B 2 HOH 34  204 34  HOH HOH A . 
B 2 HOH 35  205 35  HOH HOH A . 
B 2 HOH 36  206 36  HOH HOH A . 
B 2 HOH 37  207 37  HOH HOH A . 
B 2 HOH 38  208 38  HOH HOH A . 
B 2 HOH 39  209 39  HOH HOH A . 
B 2 HOH 40  210 40  HOH HOH A . 
B 2 HOH 41  211 41  HOH HOH A . 
B 2 HOH 42  212 42  HOH HOH A . 
B 2 HOH 43  213 43  HOH HOH A . 
B 2 HOH 44  214 44  HOH HOH A . 
B 2 HOH 45  215 45  HOH HOH A . 
B 2 HOH 46  216 46  HOH HOH A . 
B 2 HOH 47  217 47  HOH HOH A . 
B 2 HOH 48  218 48  HOH HOH A . 
B 2 HOH 49  219 49  HOH HOH A . 
B 2 HOH 50  220 50  HOH HOH A . 
B 2 HOH 51  221 51  HOH HOH A . 
B 2 HOH 52  222 52  HOH HOH A . 
B 2 HOH 53  223 53  HOH HOH A . 
B 2 HOH 54  224 54  HOH HOH A . 
B 2 HOH 55  225 55  HOH HOH A . 
B 2 HOH 56  226 56  HOH HOH A . 
B 2 HOH 57  227 57  HOH HOH A . 
B 2 HOH 58  228 58  HOH HOH A . 
B 2 HOH 59  229 59  HOH HOH A . 
B 2 HOH 60  230 60  HOH HOH A . 
B 2 HOH 61  231 61  HOH HOH A . 
B 2 HOH 62  232 62  HOH HOH A . 
B 2 HOH 63  233 63  HOH HOH A . 
B 2 HOH 64  234 64  HOH HOH A . 
B 2 HOH 65  235 65  HOH HOH A . 
B 2 HOH 66  236 66  HOH HOH A . 
B 2 HOH 67  237 67  HOH HOH A . 
B 2 HOH 68  238 68  HOH HOH A . 
B 2 HOH 69  239 69  HOH HOH A . 
B 2 HOH 70  240 70  HOH HOH A . 
B 2 HOH 71  241 71  HOH HOH A . 
B 2 HOH 72  242 72  HOH HOH A . 
B 2 HOH 73  243 73  HOH HOH A . 
B 2 HOH 74  244 74  HOH HOH A . 
B 2 HOH 75  245 75  HOH HOH A . 
B 2 HOH 76  246 76  HOH HOH A . 
B 2 HOH 77  247 77  HOH HOH A . 
B 2 HOH 78  248 78  HOH HOH A . 
B 2 HOH 79  249 79  HOH HOH A . 
B 2 HOH 80  250 80  HOH HOH A . 
B 2 HOH 81  251 81  HOH HOH A . 
B 2 HOH 82  252 82  HOH HOH A . 
B 2 HOH 83  253 83  HOH HOH A . 
B 2 HOH 84  254 84  HOH HOH A . 
B 2 HOH 85  255 85  HOH HOH A . 
B 2 HOH 86  256 86  HOH HOH A . 
B 2 HOH 87  257 87  HOH HOH A . 
B 2 HOH 88  258 88  HOH HOH A . 
B 2 HOH 89  259 89  HOH HOH A . 
B 2 HOH 90  260 90  HOH HOH A . 
B 2 HOH 91  261 91  HOH HOH A . 
B 2 HOH 92  262 92  HOH HOH A . 
B 2 HOH 93  263 93  HOH HOH A . 
B 2 HOH 94  264 94  HOH HOH A . 
B 2 HOH 95  265 95  HOH HOH A . 
B 2 HOH 96  266 96  HOH HOH A . 
B 2 HOH 97  267 97  HOH HOH A . 
B 2 HOH 98  268 98  HOH HOH A . 
B 2 HOH 99  269 99  HOH HOH A . 
B 2 HOH 100 270 100 HOH HOH A . 
B 2 HOH 101 271 101 HOH HOH A . 
B 2 HOH 102 272 102 HOH HOH A . 
B 2 HOH 103 273 103 HOH HOH A . 
B 2 HOH 104 274 104 HOH HOH A . 
B 2 HOH 105 275 105 HOH HOH A . 
B 2 HOH 106 276 106 HOH HOH A . 
B 2 HOH 107 277 107 HOH HOH A . 
B 2 HOH 108 278 108 HOH HOH A . 
B 2 HOH 109 279 109 HOH HOH A . 
B 2 HOH 110 280 110 HOH HOH A . 
B 2 HOH 111 281 111 HOH HOH A . 
B 2 HOH 112 282 112 HOH HOH A . 
B 2 HOH 113 283 113 HOH HOH A . 
B 2 HOH 114 284 114 HOH HOH A . 
B 2 HOH 115 285 115 HOH HOH A . 
B 2 HOH 116 286 118 HOH HOH A . 
B 2 HOH 117 287 119 HOH HOH A . 
B 2 HOH 118 288 120 HOH HOH A . 
B 2 HOH 119 289 121 HOH HOH A . 
B 2 HOH 120 290 123 HOH HOH A . 
B 2 HOH 121 291 125 HOH HOH A . 
B 2 HOH 122 292 126 HOH HOH A . 
B 2 HOH 123 293 127 HOH HOH A . 
B 2 HOH 124 294 128 HOH HOH A . 
B 2 HOH 125 295 130 HOH HOH A . 
B 2 HOH 126 296 131 HOH HOH A . 
B 2 HOH 127 297 132 HOH HOH A . 
B 2 HOH 128 298 133 HOH HOH A . 
B 2 HOH 129 299 134 HOH HOH A . 
B 2 HOH 130 300 11  HOH HOH A . 
B 2 HOH 131 301 12  HOH HOH A . 
B 2 HOH 132 302 14  HOH HOH A . 
B 2 HOH 133 303 16  HOH HOH A . 
B 2 HOH 134 304 18  HOH HOH A . 
B 2 HOH 135 305 21  HOH HOH A . 
B 2 HOH 136 306 22  HOH HOH A . 
B 2 HOH 137 307 24  HOH HOH A . 
B 2 HOH 138 308 26  HOH HOH A . 
B 2 HOH 139 309 29  HOH HOH A . 
B 2 HOH 140 310 46  HOH HOH A . 
B 2 HOH 141 311 48  HOH HOH A . 
B 2 HOH 142 312 54  HOH HOH A . 
B 2 HOH 143 313 58  HOH HOH A . 
B 2 HOH 144 314 93  HOH HOH A . 
# 
loop_
_pdbx_unobs_or_zero_occ_atoms.id 
_pdbx_unobs_or_zero_occ_atoms.PDB_model_num 
_pdbx_unobs_or_zero_occ_atoms.polymer_flag 
_pdbx_unobs_or_zero_occ_atoms.occupancy_flag 
_pdbx_unobs_or_zero_occ_atoms.auth_asym_id 
_pdbx_unobs_or_zero_occ_atoms.auth_comp_id 
_pdbx_unobs_or_zero_occ_atoms.auth_seq_id 
_pdbx_unobs_or_zero_occ_atoms.PDB_ins_code 
_pdbx_unobs_or_zero_occ_atoms.auth_atom_id 
_pdbx_unobs_or_zero_occ_atoms.label_alt_id 
_pdbx_unobs_or_zero_occ_atoms.label_asym_id 
_pdbx_unobs_or_zero_occ_atoms.label_comp_id 
_pdbx_unobs_or_zero_occ_atoms.label_seq_id 
_pdbx_unobs_or_zero_occ_atoms.label_atom_id 
1 1 Y 1 A LYS 100 ? CD ? A LYS 82 CD 
2 1 Y 1 A LYS 100 ? CE ? A LYS 82 CE 
3 1 Y 1 A LYS 100 ? NZ ? A LYS 82 NZ 
# 
loop_
_software.name 
_software.version 
_software.date 
_software.type 
_software.contact_author 
_software.contact_author_email 
_software.classification 
_software.location 
_software.language 
_software.citation_id 
_software.pdbx_ordinal 
REFMAC      5.2.0005 ?              program 'Murshudov, G.N.' ccp4@dl.ac.uk            refinement        
http://www.ccp4.ac.uk/main.html  Fortran_77 ? 1 
PDB_EXTRACT 3.000    'July 2, 2007' package PDB               sw-help@rcsb.rutgers.edu 'data extraction' 
http://pdb.rutgers.edu/software/ C++        ? 2 
ADSC        Quantum  ?              ?       ?                 ?                        'data collection' ? ?          ? 3 
MOSFLM      .        ?              ?       ?                 ?                        'data reduction'  ? ?          ? 4 
SCALA       .        ?              ?       ?                 ?                        'data scaling'    ? ?          ? 5 
SOLVE       .        ?              ?       ?                 ?                        phasing           ? ?          ? 6 
# 
_cell.length_a           54.951 
_cell.length_b           54.951 
_cell.length_c           130.020 
_cell.angle_alpha        90.000 
_cell.angle_beta         90.000 
_cell.angle_gamma        120.000 
_cell.entry_id           2QZQ 
_cell.pdbx_unique_axis   ? 
_cell.Z_PDB              6 
_cell.length_a_esd       ? 
_cell.length_b_esd       ? 
_cell.length_c_esd       ? 
_cell.angle_alpha_esd    ? 
_cell.angle_beta_esd     ? 
_cell.angle_gamma_esd    ? 
# 
_symmetry.space_group_name_H-M             'P 32 2 1' 
_symmetry.entry_id                         2QZQ 
_symmetry.pdbx_full_space_group_name_H-M   ? 
_symmetry.Int_Tables_number                154 
_symmetry.cell_setting                     ? 
_symmetry.space_group_name_Hall            ? 
# 
_exptl.crystals_number   1 
_exptl.entry_id          2QZQ 
_exptl.method            'X-RAY DIFFRACTION' 
# 
_exptl_crystal.id                    1 
_exptl_crystal.density_Matthews      3.21 
_exptl_crystal.density_meas          ? 
_exptl_crystal.density_percent_sol   61.72 
_exptl_crystal.description           ? 
_exptl_crystal.F_000                 ? 
_exptl_crystal.preparation           ? 
# 
_exptl_crystal_grow.crystal_id      1 
_exptl_crystal_grow.method          'VAPOR DIFFUSION' 
_exptl_crystal_grow.pH              7.4 
_exptl_crystal_grow.temp            291 
_exptl_crystal_grow.temp_details    ? 
_exptl_crystal_grow.pdbx_details    '0.1 HEPES Na pH 7.4, 12% PEG 3350, 2% MPD, VAPOR DIFFUSION, temperature 291K' 
_exptl_crystal_grow.pdbx_pH_range   ? 
# 
_diffrn.id                     1 
_diffrn.ambient_temp           100 
_diffrn.ambient_temp_details   ? 
_diffrn.crystal_id             1 
# 
_diffrn_detector.diffrn_id              1 
_diffrn_detector.detector               CCD 
_diffrn_detector.type                   'ADSC QUANTUM 315' 
_diffrn_detector.pdbx_collection_date   2005-12-09 
_diffrn_detector.details                ? 
# 
_diffrn_radiation.diffrn_id                        1 
_diffrn_radiation.wavelength_id                    1 
_diffrn_radiation.pdbx_diffrn_protocol             'SINGLE WAVELENGTH' 
_diffrn_radiation.monochromator                    ? 
_diffrn_radiation.pdbx_monochromatic_or_laue_m_l   M 
_diffrn_radiation.pdbx_scattering_type             x-ray 
# 
_diffrn_radiation_wavelength.id           1 
_diffrn_radiation_wavelength.wavelength   0.9786 
_diffrn_radiation_wavelength.wt           1.0 
# 
_diffrn_source.diffrn_id                   1 
_diffrn_source.source                      SYNCHROTRON 
_diffrn_source.type                        'PHOTON FACTORY BEAMLINE BL-6A' 
_diffrn_source.pdbx_wavelength             ? 
_diffrn_source.pdbx_wavelength_list        0.9786 
_diffrn_source.pdbx_synchrotron_site       'Photon Factory' 
_diffrn_source.pdbx_synchrotron_beamline   BL-6A 
# 
_reflns.entry_id                     2QZQ 
_reflns.observed_criterion_sigma_F   0 
_reflns.observed_criterion_sigma_I   0 
_reflns.d_resolution_high            1.90 
_reflns.d_resolution_low             47.56 
_reflns.number_all                   18670 
_reflns.number_obs                   18670 
_reflns.percent_possible_obs         100 
_reflns.pdbx_Rmerge_I_obs            0.067 
_reflns.pdbx_Rsym_value              0.064 
_reflns.pdbx_netI_over_sigmaI        33.9 
_reflns.B_iso_Wilson_estimate        24.233 
_reflns.pdbx_redundancy              20.8 
_reflns.R_free_details               ? 
_reflns.limit_h_max                  ? 
_reflns.limit_h_min                  ? 
_reflns.limit_k_max                  ? 
_reflns.limit_k_min                  ? 
_reflns.limit_l_max                  ? 
_reflns.limit_l_min                  ? 
_reflns.observed_criterion_F_max     ? 
_reflns.observed_criterion_F_min     ? 
_reflns.pdbx_chi_squared             ? 
_reflns.pdbx_scaling_rejects         ? 
_reflns.pdbx_diffrn_id               1 
_reflns.pdbx_ordinal                 1 
# 
_reflns_shell.d_res_high             1.90 
_reflns_shell.d_res_low              2.00 
_reflns_shell.percent_possible_obs   ? 
_reflns_shell.percent_possible_all   100 
_reflns_shell.Rmerge_I_obs           0.406 
_reflns_shell.meanI_over_sigI_obs    9.0 
_reflns_shell.pdbx_Rsym_value        0.387 
_reflns_shell.pdbx_redundancy        20.5 
_reflns_shell.number_unique_all      2652 
_reflns_shell.number_measured_all    ? 
_reflns_shell.number_measured_obs    ? 
_reflns_shell.number_unique_obs      ? 
_reflns_shell.pdbx_chi_squared       ? 
_reflns_shell.pdbx_diffrn_id         ? 
_reflns_shell.pdbx_ordinal           1 
# 
_refine.entry_id                                 2QZQ 
_refine.ls_d_res_high                            1.900 
_refine.ls_d_res_low                             26.840 
_refine.pdbx_ls_sigma_F                          0.00 
_refine.ls_percent_reflns_obs                    97.630 
_refine.ls_number_reflns_obs                     18158 
_refine.pdbx_ls_cross_valid_method               THROUGHOUT 
_refine.pdbx_R_Free_selection_details            RANDOM 
_refine.details                                  'HYDROGENS HAVE BEEN ADDED IN THE RIDING POSITIONS' 
_refine.ls_R_factor_obs                          0.197 
_refine.ls_R_factor_R_work                       0.193 
_refine.ls_R_factor_R_free                       0.230 
_refine.ls_percent_reflns_R_free                 10.200 
_refine.ls_number_reflns_R_free                  1858 
_refine.B_iso_mean                               22.999 
_refine.aniso_B[1][1]                            0.000 
_refine.aniso_B[2][2]                            0.000 
_refine.aniso_B[3][3]                            0.000 
_refine.aniso_B[1][2]                            0.000 
_refine.aniso_B[1][3]                            0.000 
_refine.aniso_B[2][3]                            0.000 
_refine.correlation_coeff_Fo_to_Fc               0.947 
_refine.correlation_coeff_Fo_to_Fc_free          0.922 
_refine.pdbx_overall_ESU_R                       0.137 
_refine.pdbx_overall_ESU_R_Free                  0.133 
_refine.overall_SU_ML                            0.085 
_refine.overall_SU_B                             2.819 
_refine.solvent_model_details                    MASK 
_refine.pdbx_solvent_vdw_probe_radii             1.200 
_refine.pdbx_solvent_ion_probe_radii             0.800 
_refine.pdbx_solvent_shrinkage_radii             0.800 
_refine.pdbx_method_to_determine_struct          ? 
_refine.pdbx_stereochemistry_target_values       'MAXIMUM LIKELIHOOD' 
_refine.pdbx_ls_sigma_I                          0 
_refine.ls_number_reflns_all                     18670 
_refine.ls_R_factor_all                          0.197 
_refine.ls_redundancy_reflns_obs                 ? 
_refine.pdbx_data_cutoff_high_absF               ? 
_refine.pdbx_data_cutoff_low_absF                ? 
_refine.ls_number_parameters                     ? 
_refine.ls_number_restraints                     ? 
_refine.ls_R_factor_R_free_error                 ? 
_refine.ls_R_factor_R_free_error_details         ? 
_refine.pdbx_starting_model                      ? 
_refine.pdbx_stereochem_target_val_spec_case     ? 
_refine.solvent_model_param_bsol                 ? 
_refine.solvent_model_param_ksol                 ? 
_refine.occupancy_max                            ? 
_refine.occupancy_min                            ? 
_refine.pdbx_isotropic_thermal_model             ? 
_refine.B_iso_min                                ? 
_refine.B_iso_max                                ? 
_refine.overall_SU_R_Cruickshank_DPI             ? 
_refine.overall_SU_R_free                        ? 
_refine.pdbx_data_cutoff_high_rms_absF           ? 
_refine.ls_wR_factor_R_free                      ? 
_refine.ls_wR_factor_R_work                      ? 
_refine.overall_FOM_free_R_set                   ? 
_refine.overall_FOM_work_R_set                   ? 
_refine.pdbx_overall_phase_error                 ? 
_refine.pdbx_refine_id                           'X-RAY DIFFRACTION' 
_refine.pdbx_diffrn_id                           1 
_refine.pdbx_TLS_residual_ADP_flag               ? 
_refine.pdbx_overall_SU_R_free_Cruickshank_DPI   ? 
_refine.pdbx_overall_SU_R_Blow_DPI               ? 
_refine.pdbx_overall_SU_R_free_Blow_DPI          ? 
# 
_refine_hist.pdbx_refine_id                   'X-RAY DIFFRACTION' 
_refine_hist.cycle_id                         LAST 
_refine_hist.pdbx_number_atoms_protein        1227 
_refine_hist.pdbx_number_atoms_nucleic_acid   0 
_refine_hist.pdbx_number_atoms_ligand         0 
_refine_hist.number_atoms_solvent             144 
_refine_hist.number_atoms_total               1371 
_refine_hist.d_res_high                       1.900 
_refine_hist.d_res_low                        26.840 
# 
loop_
_refine_ls_restr.type 
_refine_ls_restr.number 
_refine_ls_restr.dev_ideal 
_refine_ls_restr.dev_ideal_target 
_refine_ls_restr.weight 
_refine_ls_restr.pdbx_refine_id 
_refine_ls_restr.pdbx_restraint_function 
r_bond_refined_d         1263 0.016  0.022  ? 'X-RAY DIFFRACTION' ? 
r_angle_refined_deg      1704 1.525  2.008  ? 'X-RAY DIFFRACTION' ? 
r_dihedral_angle_1_deg   151  6.266  5.000  ? 'X-RAY DIFFRACTION' ? 
r_dihedral_angle_2_deg   49   30.361 24.286 ? 'X-RAY DIFFRACTION' ? 
r_dihedral_angle_3_deg   244  13.567 15.000 ? 'X-RAY DIFFRACTION' ? 
r_dihedral_angle_4_deg   5    23.417 15.000 ? 'X-RAY DIFFRACTION' ? 
r_chiral_restr           196  0.103  0.200  ? 'X-RAY DIFFRACTION' ? 
r_gen_planes_refined     907  0.006  0.020  ? 'X-RAY DIFFRACTION' ? 
r_nbd_refined            520  0.216  0.200  ? 'X-RAY DIFFRACTION' ? 
r_nbtor_refined          858  0.303  0.200  ? 'X-RAY DIFFRACTION' ? 
r_xyhbond_nbd_refined    115  0.141  0.200  ? 'X-RAY DIFFRACTION' ? 
r_symmetry_vdw_refined   34   0.191  0.200  ? 'X-RAY DIFFRACTION' ? 
r_symmetry_hbond_refined 12   0.216  0.200  ? 'X-RAY DIFFRACTION' ? 
r_mcbond_it              789  0.975  1.500  ? 'X-RAY DIFFRACTION' ? 
r_mcangle_it             1253 1.295  2.000  ? 'X-RAY DIFFRACTION' ? 
r_scbond_it              525  2.594  3.000  ? 'X-RAY DIFFRACTION' ? 
r_scangle_it             451  3.552  4.500  ? 'X-RAY DIFFRACTION' ? 
# 
_refine_ls_shell.d_res_high                       1.901 
_refine_ls_shell.d_res_low                        1.950 
_refine_ls_shell.pdbx_total_number_of_bins_used   20 
_refine_ls_shell.percent_reflns_obs               90.830 
_refine_ls_shell.number_reflns_R_work             1075 
_refine_ls_shell.R_factor_all                     ? 
_refine_ls_shell.R_factor_R_work                  0.220 
_refine_ls_shell.R_factor_R_free                  0.263 
_refine_ls_shell.percent_reflns_R_free            ? 
_refine_ls_shell.number_reflns_R_free             134 
_refine_ls_shell.R_factor_R_free_error            ? 
_refine_ls_shell.number_reflns_all                1209 
_refine_ls_shell.number_reflns_obs                ? 
_refine_ls_shell.redundancy_reflns_obs            ? 
_refine_ls_shell.pdbx_refine_id                   'X-RAY DIFFRACTION' 
# 
_struct.entry_id                  2QZQ 
_struct.title                     'Crystal structure of C-terminal of Aida' 
_struct.pdbx_model_details        ? 
_struct.pdbx_CASP_flag            ? 
_struct.pdbx_model_type_details   ? 
# 
_struct_keywords.entry_id        2QZQ 
_struct_keywords.pdbx_keywords   'SIGNALING PROTEIN, LIPID BINDING PROTEIN' 
_struct_keywords.text            'beta sheet sandwich, Coiled coil, SIGNALING PROTEIN, LIPID BINDING PROTEIN' 
# 
loop_
_struct_asym.id 
_struct_asym.pdbx_blank_PDB_chainid_flag 
_struct_asym.pdbx_modified 
_struct_asym.entity_id 
_struct_asym.details 
A N N 1 ? 
B N N 2 ? 
# 
_struct_ref.id                         1 
_struct_ref.db_name                    UNP 
_struct_ref.db_code                    AIDA_DANRE 
_struct_ref.pdbx_db_accession          Q6PBN2 
_struct_ref.entity_id                  1 
_struct_ref.pdbx_seq_one_letter_code   
;GSLLPRLPSEPGMTLLTLTIEKIGLKDAGQCIDPYITVSVKDLNGIDLNPVQDTPVATRKEDTYIHFSVDVEIQRHLEKL
PKGAAIFFEFKHYKPKKRFTSTKCFAFMEMDEIKPGPIVIELYKKPTDFKRKKLNLLTKKPLYLHLNQTLHK
;
_struct_ref.pdbx_align_begin           151 
_struct_ref.pdbx_db_isoform            ? 
# 
_struct_ref_seq.align_id                      1 
_struct_ref_seq.ref_id                        1 
_struct_ref_seq.pdbx_PDB_id_code              2QZQ 
_struct_ref_seq.pdbx_strand_id                A 
_struct_ref_seq.seq_align_beg                 1 
_struct_ref_seq.pdbx_seq_align_beg_ins_code   ? 
_struct_ref_seq.seq_align_end                 152 
_struct_ref_seq.pdbx_seq_align_end_ins_code   ? 
_struct_ref_seq.pdbx_db_accession             Q6PBN2 
_struct_ref_seq.db_align_beg                  151 
_struct_ref_seq.pdbx_db_align_beg_ins_code    ? 
_struct_ref_seq.db_align_end                  302 
_struct_ref_seq.pdbx_db_align_end_ins_code    ? 
_struct_ref_seq.pdbx_auth_seq_align_beg       19 
_struct_ref_seq.pdbx_auth_seq_align_end       170 
# 
_pdbx_struct_assembly.id                   1 
_pdbx_struct_assembly.details              author_and_software_defined_assembly 
_pdbx_struct_assembly.method_details       PISA 
_pdbx_struct_assembly.oligomeric_details   monomeric 
_pdbx_struct_assembly.oligomeric_count     1 
# 
_pdbx_struct_assembly_gen.assembly_id       1 
_pdbx_struct_assembly_gen.oper_expression   1 
_pdbx_struct_assembly_gen.asym_id_list      A,B 
# 
_pdbx_struct_oper_list.id                   1 
_pdbx_struct_oper_list.type                 'identity operation' 
_pdbx_struct_oper_list.name                 1_555 
_pdbx_struct_oper_list.symmetry_operation   x,y,z 
_pdbx_struct_oper_list.matrix[1][1]         1.0000000000 
_pdbx_struct_oper_list.matrix[1][2]         0.0000000000 
_pdbx_struct_oper_list.matrix[1][3]         0.0000000000 
_pdbx_struct_oper_list.vector[1]            0.0000000000 
_pdbx_struct_oper_list.matrix[2][1]         0.0000000000 
_pdbx_struct_oper_list.matrix[2][2]         1.0000000000 
_pdbx_struct_oper_list.matrix[2][3]         0.0000000000 
_pdbx_struct_oper_list.vector[2]            0.0000000000 
_pdbx_struct_oper_list.matrix[3][1]         0.0000000000 
_pdbx_struct_oper_list.matrix[3][2]         0.0000000000 
_pdbx_struct_oper_list.matrix[3][3]         1.0000000000 
_pdbx_struct_oper_list.vector[3]            0.0000000000 
# 
_struct_biol.id        1 
_struct_biol.details   ? 
# 
loop_
_struct_conf.conf_type_id 
_struct_conf.id 
_struct_conf.pdbx_PDB_helix_id 
_struct_conf.beg_label_comp_id 
_struct_conf.beg_label_asym_id 
_struct_conf.beg_label_seq_id 
_struct_conf.pdbx_beg_PDB_ins_code 
_struct_conf.end_label_comp_id 
_struct_conf.end_label_asym_id 
_struct_conf.end_label_seq_id 
_struct_conf.pdbx_end_PDB_ins_code 
_struct_conf.beg_auth_comp_id 
_struct_conf.beg_auth_asym_id 
_struct_conf.beg_auth_seq_id 
_struct_conf.end_auth_comp_id 
_struct_conf.end_auth_asym_id 
_struct_conf.end_auth_seq_id 
_struct_conf.pdbx_PDB_helix_class 
_struct_conf.details 
_struct_conf.pdbx_PDB_helix_length 
HELX_P HELX_P1 1 ASP A 27  ? CYS A 31  ? ASP A 45  CYS A 49  5 ? 5 
HELX_P HELX_P2 2 HIS A 76  ? LEU A 80  ? HIS A 94  LEU A 98  5 ? 5 
HELX_P HELX_P3 3 ASP A 111 ? ILE A 113 ? ASP A 129 ILE A 131 5 ? 3 
# 
_struct_conf_type.id          HELX_P 
_struct_conf_type.criteria    ? 
_struct_conf_type.reference   ? 
# 
loop_
_struct_conn.id 
_struct_conn.conn_type_id 
_struct_conn.pdbx_leaving_atom_flag 
_struct_conn.pdbx_PDB_id 
_struct_conn.ptnr1_label_asym_id 
_struct_conn.ptnr1_label_comp_id 
_struct_conn.ptnr1_label_seq_id 
_struct_conn.ptnr1_label_atom_id 
_struct_conn.pdbx_ptnr1_label_alt_id 
_struct_conn.pdbx_ptnr1_PDB_ins_code 
_struct_conn.pdbx_ptnr1_standard_comp_id 
_struct_conn.ptnr1_symmetry 
_struct_conn.ptnr2_label_asym_id 
_struct_conn.ptnr2_label_comp_id 
_struct_conn.ptnr2_label_seq_id 
_struct_conn.ptnr2_label_atom_id 
_struct_conn.pdbx_ptnr2_label_alt_id 
_struct_conn.pdbx_ptnr2_PDB_ins_code 
_struct_conn.ptnr1_auth_asym_id 
_struct_conn.ptnr1_auth_comp_id 
_struct_conn.ptnr1_auth_seq_id 
_struct_conn.ptnr2_auth_asym_id 
_struct_conn.ptnr2_auth_comp_id 
_struct_conn.ptnr2_auth_seq_id 
_struct_conn.ptnr2_symmetry 
_struct_conn.pdbx_ptnr3_label_atom_id 
_struct_conn.pdbx_ptnr3_label_seq_id 
_struct_conn.pdbx_ptnr3_label_comp_id 
_struct_conn.pdbx_ptnr3_label_asym_id 
_struct_conn.pdbx_ptnr3_label_alt_id 
_struct_conn.pdbx_ptnr3_PDB_ins_code 
_struct_conn.details 
_struct_conn.pdbx_dist_value 
_struct_conn.pdbx_value_order 
_struct_conn.pdbx_role 
covale1 covale both ? A GLY 12  C ? ? ? 1_555 A MSE 13  N ? ? A GLY 30  A MSE 31  1_555 ? ? ? ? ? ? ? 1.331 ? ? 
covale2 covale both ? A MSE 13  C ? ? ? 1_555 A THR 14  N ? ? A MSE 31  A THR 32  1_555 ? ? ? ? ? ? ? 1.327 ? ? 
covale3 covale both ? A PHE 107 C ? ? ? 1_555 A MSE 108 N ? ? A PHE 125 A MSE 126 1_555 ? ? ? ? ? ? ? 1.327 ? ? 
covale4 covale both ? A MSE 108 C ? ? ? 1_555 A GLU 109 N ? ? A MSE 126 A GLU 127 1_555 ? ? ? ? ? ? ? 1.336 ? ? 
covale5 covale both ? A GLU 109 C ? ? ? 1_555 A MSE 110 N ? ? A GLU 127 A MSE 128 1_555 ? ? ? ? ? ? ? 1.327 ? ? 
covale6 covale both ? A MSE 110 C ? ? ? 1_555 A ASP 111 N ? ? A MSE 128 A ASP 129 1_555 ? ? ? ? ? ? ? 1.334 ? ? 
# 
_struct_conn_type.id          covale 
_struct_conn_type.criteria    ? 
_struct_conn_type.reference   ? 
# 
loop_
_pdbx_modification_feature.ordinal 
_pdbx_modification_feature.label_comp_id 
_pdbx_modification_feature.label_asym_id 
_pdbx_modification_feature.label_seq_id 
_pdbx_modification_feature.label_alt_id 
_pdbx_modification_feature.modified_residue_label_comp_id 
_pdbx_modification_feature.modified_residue_label_asym_id 
_pdbx_modification_feature.modified_residue_label_seq_id 
_pdbx_modification_feature.modified_residue_label_alt_id 
_pdbx_modification_feature.auth_comp_id 
_pdbx_modification_feature.auth_asym_id 
_pdbx_modification_feature.auth_seq_id 
_pdbx_modification_feature.PDB_ins_code 
_pdbx_modification_feature.symmetry 
_pdbx_modification_feature.modified_residue_auth_comp_id 
_pdbx_modification_feature.modified_residue_auth_asym_id 
_pdbx_modification_feature.modified_residue_auth_seq_id 
_pdbx_modification_feature.modified_residue_PDB_ins_code 
_pdbx_modification_feature.modified_residue_symmetry 
_pdbx_modification_feature.comp_id_linking_atom 
_pdbx_modification_feature.modified_residue_id_linking_atom 
_pdbx_modification_feature.modified_residue_id 
_pdbx_modification_feature.ref_pcm_id 
_pdbx_modification_feature.ref_comp_id 
_pdbx_modification_feature.type 
_pdbx_modification_feature.category 
1 MSE A 13  ? . . . . MSE A 31  ? 1_555 . . . . . . . MET 1 MSE Selenomethionine 'Named protein modification' 
2 MSE A 108 ? . . . . MSE A 126 ? 1_555 . . . . . . . MET 1 MSE Selenomethionine 'Named protein modification' 
3 MSE A 110 ? . . . . MSE A 128 ? 1_555 . . . . . . . MET 1 MSE Selenomethionine 'Named protein modification' 
# 
_struct_mon_prot_cis.pdbx_id                1 
_struct_mon_prot_cis.label_comp_id          LYS 
_struct_mon_prot_cis.label_seq_id           125 
_struct_mon_prot_cis.label_asym_id          A 
_struct_mon_prot_cis.label_alt_id           . 
_struct_mon_prot_cis.pdbx_PDB_ins_code      ? 
_struct_mon_prot_cis.auth_comp_id           LYS 
_struct_mon_prot_cis.auth_seq_id            143 
_struct_mon_prot_cis.auth_asym_id           A 
_struct_mon_prot_cis.pdbx_label_comp_id_2   PRO 
_struct_mon_prot_cis.pdbx_label_seq_id_2    126 
_struct_mon_prot_cis.pdbx_label_asym_id_2   A 
_struct_mon_prot_cis.pdbx_PDB_ins_code_2    ? 
_struct_mon_prot_cis.pdbx_auth_comp_id_2    PRO 
_struct_mon_prot_cis.pdbx_auth_seq_id_2     144 
_struct_mon_prot_cis.pdbx_auth_asym_id_2    A 
_struct_mon_prot_cis.pdbx_PDB_model_num     1 
_struct_mon_prot_cis.pdbx_omega_angle       -1.33 
# 
loop_
_struct_sheet.id 
_struct_sheet.type 
_struct_sheet.number_strands 
_struct_sheet.details 
A ? 5 ? 
B ? 5 ? 
# 
loop_
_struct_sheet_order.sheet_id 
_struct_sheet_order.range_id_1 
_struct_sheet_order.range_id_2 
_struct_sheet_order.offset 
_struct_sheet_order.sense 
A 1 2 ? anti-parallel 
A 2 3 ? anti-parallel 
A 3 4 ? anti-parallel 
A 4 5 ? anti-parallel 
B 1 2 ? anti-parallel 
B 2 3 ? anti-parallel 
B 3 4 ? anti-parallel 
B 4 5 ? anti-parallel 
# 
loop_
_struct_sheet_range.sheet_id 
_struct_sheet_range.id 
_struct_sheet_range.beg_label_comp_id 
_struct_sheet_range.beg_label_asym_id 
_struct_sheet_range.beg_label_seq_id 
_struct_sheet_range.pdbx_beg_PDB_ins_code 
_struct_sheet_range.end_label_comp_id 
_struct_sheet_range.end_label_asym_id 
_struct_sheet_range.end_label_seq_id 
_struct_sheet_range.pdbx_end_PDB_ins_code 
_struct_sheet_range.beg_auth_comp_id 
_struct_sheet_range.beg_auth_asym_id 
_struct_sheet_range.beg_auth_seq_id 
_struct_sheet_range.end_auth_comp_id 
_struct_sheet_range.end_auth_asym_id 
_struct_sheet_range.end_auth_seq_id 
A 1 ARG A 59  ? LYS A 60  ? ARG A 77  LYS A 78  
A 2 TYR A 64  ? GLU A 72  ? TYR A 82  GLU A 90  
A 3 LEU A 15  ? GLY A 24  ? LEU A 33  GLY A 42  
A 4 LEU A 144 ? HIS A 151 ? LEU A 162 HIS A 169 
A 5 GLY A 116 ? ILE A 120 ? GLY A 134 ILE A 138 
B 1 GLN A 52  ? ASP A 53  ? GLN A 70  ASP A 71  
B 2 ILE A 32  ? LYS A 41  ? ILE A 50  LYS A 59  
B 3 ALA A 85  ? TYR A 93  ? ALA A 103 TYR A 111 
B 4 THR A 100 ? GLU A 109 ? THR A 118 GLU A 127 
B 5 TYR A 123 ? LYS A 124 ? TYR A 141 LYS A 142 
# 
loop_
_pdbx_struct_sheet_hbond.sheet_id 
_pdbx_struct_sheet_hbond.range_id_1 
_pdbx_struct_sheet_hbond.range_id_2 
_pdbx_struct_sheet_hbond.range_1_label_atom_id 
_pdbx_struct_sheet_hbond.range_1_label_comp_id 
_pdbx_struct_sheet_hbond.range_1_label_asym_id 
_pdbx_struct_sheet_hbond.range_1_label_seq_id 
_pdbx_struct_sheet_hbond.range_1_PDB_ins_code 
_pdbx_struct_sheet_hbond.range_1_auth_atom_id 
_pdbx_struct_sheet_hbond.range_1_auth_comp_id 
_pdbx_struct_sheet_hbond.range_1_auth_asym_id 
_pdbx_struct_sheet_hbond.range_1_auth_seq_id 
_pdbx_struct_sheet_hbond.range_2_label_atom_id 
_pdbx_struct_sheet_hbond.range_2_label_comp_id 
_pdbx_struct_sheet_hbond.range_2_label_asym_id 
_pdbx_struct_sheet_hbond.range_2_label_seq_id 
_pdbx_struct_sheet_hbond.range_2_PDB_ins_code 
_pdbx_struct_sheet_hbond.range_2_auth_atom_id 
_pdbx_struct_sheet_hbond.range_2_auth_comp_id 
_pdbx_struct_sheet_hbond.range_2_auth_asym_id 
_pdbx_struct_sheet_hbond.range_2_auth_seq_id 
A 1 2 N ARG A 59  ? N ARG A 77  O HIS A 66  ? O HIS A 84  
A 2 3 O VAL A 69  ? O VAL A 87  N ILE A 20  ? N ILE A 38  
A 3 4 N THR A 19  ? N THR A 37  O ASN A 147 ? O ASN A 165 
A 4 5 O LEU A 144 ? O LEU A 162 N ILE A 120 ? N ILE A 138 
B 1 2 O GLN A 52  ? O GLN A 70  N VAL A 38  ? N VAL A 56  
B 2 3 N TYR A 35  ? N TYR A 53  O LYS A 91  ? O LYS A 109 
B 3 4 N HIS A 92  ? N HIS A 110 O SER A 101 ? O SER A 119 
B 4 5 N PHE A 105 ? N PHE A 123 O TYR A 123 ? O TYR A 141 
# 
_pdbx_entry_details.entry_id                   2QZQ 
_pdbx_entry_details.compound_details           ? 
_pdbx_entry_details.source_details             ? 
_pdbx_entry_details.nonpolymer_details         ? 
_pdbx_entry_details.sequence_details           ? 
_pdbx_entry_details.has_ligand_of_interest     ? 
_pdbx_entry_details.has_protein_modification   Y 
# 
loop_
_pdbx_validate_torsion.id 
_pdbx_validate_torsion.PDB_model_num 
_pdbx_validate_torsion.auth_comp_id 
_pdbx_validate_torsion.auth_asym_id 
_pdbx_validate_torsion.auth_seq_id 
_pdbx_validate_torsion.PDB_ins_code 
_pdbx_validate_torsion.label_alt_id 
_pdbx_validate_torsion.phi 
_pdbx_validate_torsion.psi 
1 1 SER A 20 ? ? -140.89 40.27 
2 1 GLN A 92 ? ? -87.20  41.17 
# 
loop_
_pdbx_struct_mod_residue.id 
_pdbx_struct_mod_residue.label_asym_id 
_pdbx_struct_mod_residue.label_comp_id 
_pdbx_struct_mod_residue.label_seq_id 
_pdbx_struct_mod_residue.auth_asym_id 
_pdbx_struct_mod_residue.auth_comp_id 
_pdbx_struct_mod_residue.auth_seq_id 
_pdbx_struct_mod_residue.PDB_ins_code 
_pdbx_struct_mod_residue.parent_comp_id 
_pdbx_struct_mod_residue.details 
1 A MSE 13  A MSE 31  ? MET SELENOMETHIONINE 
2 A MSE 108 A MSE 126 ? MET SELENOMETHIONINE 
3 A MSE 110 A MSE 128 ? MET SELENOMETHIONINE 
# 
loop_
_chem_comp_atom.comp_id 
_chem_comp_atom.atom_id 
_chem_comp_atom.type_symbol 
_chem_comp_atom.pdbx_aromatic_flag 
_chem_comp_atom.pdbx_stereo_config 
_chem_comp_atom.pdbx_ordinal 
ALA N    N  N N 1   
ALA CA   C  N S 2   
ALA C    C  N N 3   
ALA O    O  N N 4   
ALA CB   C  N N 5   
ALA OXT  O  N N 6   
ALA H    H  N N 7   
ALA H2   H  N N 8   
ALA HA   H  N N 9   
ALA HB1  H  N N 10  
ALA HB2  H  N N 11  
ALA HB3  H  N N 12  
ALA HXT  H  N N 13  
ARG N    N  N N 14  
ARG CA   C  N S 15  
ARG C    C  N N 16  
ARG O    O  N N 17  
ARG CB   C  N N 18  
ARG CG   C  N N 19  
ARG CD   C  N N 20  
ARG NE   N  N N 21  
ARG CZ   C  N N 22  
ARG NH1  N  N N 23  
ARG NH2  N  N N 24  
ARG OXT  O  N N 25  
ARG H    H  N N 26  
ARG H2   H  N N 27  
ARG HA   H  N N 28  
ARG HB2  H  N N 29  
ARG HB3  H  N N 30  
ARG HG2  H  N N 31  
ARG HG3  H  N N 32  
ARG HD2  H  N N 33  
ARG HD3  H  N N 34  
ARG HE   H  N N 35  
ARG HH11 H  N N 36  
ARG HH12 H  N N 37  
ARG HH21 H  N N 38  
ARG HH22 H  N N 39  
ARG HXT  H  N N 40  
ASN N    N  N N 41  
ASN CA   C  N S 42  
ASN C    C  N N 43  
ASN O    O  N N 44  
ASN CB   C  N N 45  
ASN CG   C  N N 46  
ASN OD1  O  N N 47  
ASN ND2  N  N N 48  
ASN OXT  O  N N 49  
ASN H    H  N N 50  
ASN H2   H  N N 51  
ASN HA   H  N N 52  
ASN HB2  H  N N 53  
ASN HB3  H  N N 54  
ASN HD21 H  N N 55  
ASN HD22 H  N N 56  
ASN HXT  H  N N 57  
ASP N    N  N N 58  
ASP CA   C  N S 59  
ASP C    C  N N 60  
ASP O    O  N N 61  
ASP CB   C  N N 62  
ASP CG   C  N N 63  
ASP OD1  O  N N 64  
ASP OD2  O  N N 65  
ASP OXT  O  N N 66  
ASP H    H  N N 67  
ASP H2   H  N N 68  
ASP HA   H  N N 69  
ASP HB2  H  N N 70  
ASP HB3  H  N N 71  
ASP HD2  H  N N 72  
ASP HXT  H  N N 73  
CYS N    N  N N 74  
CYS CA   C  N R 75  
CYS C    C  N N 76  
CYS O    O  N N 77  
CYS CB   C  N N 78  
CYS SG   S  N N 79  
CYS OXT  O  N N 80  
CYS H    H  N N 81  
CYS H2   H  N N 82  
CYS HA   H  N N 83  
CYS HB2  H  N N 84  
CYS HB3  H  N N 85  
CYS HG   H  N N 86  
CYS HXT  H  N N 87  
GLN N    N  N N 88  
GLN CA   C  N S 89  
GLN C    C  N N 90  
GLN O    O  N N 91  
GLN CB   C  N N 92  
GLN CG   C  N N 93  
GLN CD   C  N N 94  
GLN OE1  O  N N 95  
GLN NE2  N  N N 96  
GLN OXT  O  N N 97  
GLN H    H  N N 98  
GLN H2   H  N N 99  
GLN HA   H  N N 100 
GLN HB2  H  N N 101 
GLN HB3  H  N N 102 
GLN HG2  H  N N 103 
GLN HG3  H  N N 104 
GLN HE21 H  N N 105 
GLN HE22 H  N N 106 
GLN HXT  H  N N 107 
GLU N    N  N N 108 
GLU CA   C  N S 109 
GLU C    C  N N 110 
GLU O    O  N N 111 
GLU CB   C  N N 112 
GLU CG   C  N N 113 
GLU CD   C  N N 114 
GLU OE1  O  N N 115 
GLU OE2  O  N N 116 
GLU OXT  O  N N 117 
GLU H    H  N N 118 
GLU H2   H  N N 119 
GLU HA   H  N N 120 
GLU HB2  H  N N 121 
GLU HB3  H  N N 122 
GLU HG2  H  N N 123 
GLU HG3  H  N N 124 
GLU HE2  H  N N 125 
GLU HXT  H  N N 126 
GLY N    N  N N 127 
GLY CA   C  N N 128 
GLY C    C  N N 129 
GLY O    O  N N 130 
GLY OXT  O  N N 131 
GLY H    H  N N 132 
GLY H2   H  N N 133 
GLY HA2  H  N N 134 
GLY HA3  H  N N 135 
GLY HXT  H  N N 136 
HIS N    N  N N 137 
HIS CA   C  N S 138 
HIS C    C  N N 139 
HIS O    O  N N 140 
HIS CB   C  N N 141 
HIS CG   C  Y N 142 
HIS ND1  N  Y N 143 
HIS CD2  C  Y N 144 
HIS CE1  C  Y N 145 
HIS NE2  N  Y N 146 
HIS OXT  O  N N 147 
HIS H    H  N N 148 
HIS H2   H  N N 149 
HIS HA   H  N N 150 
HIS HB2  H  N N 151 
HIS HB3  H  N N 152 
HIS HD1  H  N N 153 
HIS HD2  H  N N 154 
HIS HE1  H  N N 155 
HIS HE2  H  N N 156 
HIS HXT  H  N N 157 
HOH O    O  N N 158 
HOH H1   H  N N 159 
HOH H2   H  N N 160 
ILE N    N  N N 161 
ILE CA   C  N S 162 
ILE C    C  N N 163 
ILE O    O  N N 164 
ILE CB   C  N S 165 
ILE CG1  C  N N 166 
ILE CG2  C  N N 167 
ILE CD1  C  N N 168 
ILE OXT  O  N N 169 
ILE H    H  N N 170 
ILE H2   H  N N 171 
ILE HA   H  N N 172 
ILE HB   H  N N 173 
ILE HG12 H  N N 174 
ILE HG13 H  N N 175 
ILE HG21 H  N N 176 
ILE HG22 H  N N 177 
ILE HG23 H  N N 178 
ILE HD11 H  N N 179 
ILE HD12 H  N N 180 
ILE HD13 H  N N 181 
ILE HXT  H  N N 182 
LEU N    N  N N 183 
LEU CA   C  N S 184 
LEU C    C  N N 185 
LEU O    O  N N 186 
LEU CB   C  N N 187 
LEU CG   C  N N 188 
LEU CD1  C  N N 189 
LEU CD2  C  N N 190 
LEU OXT  O  N N 191 
LEU H    H  N N 192 
LEU H2   H  N N 193 
LEU HA   H  N N 194 
LEU HB2  H  N N 195 
LEU HB3  H  N N 196 
LEU HG   H  N N 197 
LEU HD11 H  N N 198 
LEU HD12 H  N N 199 
LEU HD13 H  N N 200 
LEU HD21 H  N N 201 
LEU HD22 H  N N 202 
LEU HD23 H  N N 203 
LEU HXT  H  N N 204 
LYS N    N  N N 205 
LYS CA   C  N S 206 
LYS C    C  N N 207 
LYS O    O  N N 208 
LYS CB   C  N N 209 
LYS CG   C  N N 210 
LYS CD   C  N N 211 
LYS CE   C  N N 212 
LYS NZ   N  N N 213 
LYS OXT  O  N N 214 
LYS H    H  N N 215 
LYS H2   H  N N 216 
LYS HA   H  N N 217 
LYS HB2  H  N N 218 
LYS HB3  H  N N 219 
LYS HG2  H  N N 220 
LYS HG3  H  N N 221 
LYS HD2  H  N N 222 
LYS HD3  H  N N 223 
LYS HE2  H  N N 224 
LYS HE3  H  N N 225 
LYS HZ1  H  N N 226 
LYS HZ2  H  N N 227 
LYS HZ3  H  N N 228 
LYS HXT  H  N N 229 
MSE N    N  N N 230 
MSE CA   C  N S 231 
MSE C    C  N N 232 
MSE O    O  N N 233 
MSE OXT  O  N N 234 
MSE CB   C  N N 235 
MSE CG   C  N N 236 
MSE SE   SE N N 237 
MSE CE   C  N N 238 
MSE H    H  N N 239 
MSE H2   H  N N 240 
MSE HA   H  N N 241 
MSE HXT  H  N N 242 
MSE HB2  H  N N 243 
MSE HB3  H  N N 244 
MSE HG2  H  N N 245 
MSE HG3  H  N N 246 
MSE HE1  H  N N 247 
MSE HE2  H  N N 248 
MSE HE3  H  N N 249 
PHE N    N  N N 250 
PHE CA   C  N S 251 
PHE C    C  N N 252 
PHE O    O  N N 253 
PHE CB   C  N N 254 
PHE CG   C  Y N 255 
PHE CD1  C  Y N 256 
PHE CD2  C  Y N 257 
PHE CE1  C  Y N 258 
PHE CE2  C  Y N 259 
PHE CZ   C  Y N 260 
PHE OXT  O  N N 261 
PHE H    H  N N 262 
PHE H2   H  N N 263 
PHE HA   H  N N 264 
PHE HB2  H  N N 265 
PHE HB3  H  N N 266 
PHE HD1  H  N N 267 
PHE HD2  H  N N 268 
PHE HE1  H  N N 269 
PHE HE2  H  N N 270 
PHE HZ   H  N N 271 
PHE HXT  H  N N 272 
PRO N    N  N N 273 
PRO CA   C  N S 274 
PRO C    C  N N 275 
PRO O    O  N N 276 
PRO CB   C  N N 277 
PRO CG   C  N N 278 
PRO CD   C  N N 279 
PRO OXT  O  N N 280 
PRO H    H  N N 281 
PRO HA   H  N N 282 
PRO HB2  H  N N 283 
PRO HB3  H  N N 284 
PRO HG2  H  N N 285 
PRO HG3  H  N N 286 
PRO HD2  H  N N 287 
PRO HD3  H  N N 288 
PRO HXT  H  N N 289 
SER N    N  N N 290 
SER CA   C  N S 291 
SER C    C  N N 292 
SER O    O  N N 293 
SER CB   C  N N 294 
SER OG   O  N N 295 
SER OXT  O  N N 296 
SER H    H  N N 297 
SER H2   H  N N 298 
SER HA   H  N N 299 
SER HB2  H  N N 300 
SER HB3  H  N N 301 
SER HG   H  N N 302 
SER HXT  H  N N 303 
THR N    N  N N 304 
THR CA   C  N S 305 
THR C    C  N N 306 
THR O    O  N N 307 
THR CB   C  N R 308 
THR OG1  O  N N 309 
THR CG2  C  N N 310 
THR OXT  O  N N 311 
THR H    H  N N 312 
THR H2   H  N N 313 
THR HA   H  N N 314 
THR HB   H  N N 315 
THR HG1  H  N N 316 
THR HG21 H  N N 317 
THR HG22 H  N N 318 
THR HG23 H  N N 319 
THR HXT  H  N N 320 
TYR N    N  N N 321 
TYR CA   C  N S 322 
TYR C    C  N N 323 
TYR O    O  N N 324 
TYR CB   C  N N 325 
TYR CG   C  Y N 326 
TYR CD1  C  Y N 327 
TYR CD2  C  Y N 328 
TYR CE1  C  Y N 329 
TYR CE2  C  Y N 330 
TYR CZ   C  Y N 331 
TYR OH   O  N N 332 
TYR OXT  O  N N 333 
TYR H    H  N N 334 
TYR H2   H  N N 335 
TYR HA   H  N N 336 
TYR HB2  H  N N 337 
TYR HB3  H  N N 338 
TYR HD1  H  N N 339 
TYR HD2  H  N N 340 
TYR HE1  H  N N 341 
TYR HE2  H  N N 342 
TYR HH   H  N N 343 
TYR HXT  H  N N 344 
VAL N    N  N N 345 
VAL CA   C  N S 346 
VAL C    C  N N 347 
VAL O    O  N N 348 
VAL CB   C  N N 349 
VAL CG1  C  N N 350 
VAL CG2  C  N N 351 
VAL OXT  O  N N 352 
VAL H    H  N N 353 
VAL H2   H  N N 354 
VAL HA   H  N N 355 
VAL HB   H  N N 356 
VAL HG11 H  N N 357 
VAL HG12 H  N N 358 
VAL HG13 H  N N 359 
VAL HG21 H  N N 360 
VAL HG22 H  N N 361 
VAL HG23 H  N N 362 
VAL HXT  H  N N 363 
# 
loop_
_chem_comp_bond.comp_id 
_chem_comp_bond.atom_id_1 
_chem_comp_bond.atom_id_2 
_chem_comp_bond.value_order 
_chem_comp_bond.pdbx_aromatic_flag 
_chem_comp_bond.pdbx_stereo_config 
_chem_comp_bond.pdbx_ordinal 
ALA N   CA   sing N N 1   
ALA N   H    sing N N 2   
ALA N   H2   sing N N 3   
ALA CA  C    sing N N 4   
ALA CA  CB   sing N N 5   
ALA CA  HA   sing N N 6   
ALA C   O    doub N N 7   
ALA C   OXT  sing N N 8   
ALA CB  HB1  sing N N 9   
ALA CB  HB2  sing N N 10  
ALA CB  HB3  sing N N 11  
ALA OXT HXT  sing N N 12  
ARG N   CA   sing N N 13  
ARG N   H    sing N N 14  
ARG N   H2   sing N N 15  
ARG CA  C    sing N N 16  
ARG CA  CB   sing N N 17  
ARG CA  HA   sing N N 18  
ARG C   O    doub N N 19  
ARG C   OXT  sing N N 20  
ARG CB  CG   sing N N 21  
ARG CB  HB2  sing N N 22  
ARG CB  HB3  sing N N 23  
ARG CG  CD   sing N N 24  
ARG CG  HG2  sing N N 25  
ARG CG  HG3  sing N N 26  
ARG CD  NE   sing N N 27  
ARG CD  HD2  sing N N 28  
ARG CD  HD3  sing N N 29  
ARG NE  CZ   sing N N 30  
ARG NE  HE   sing N N 31  
ARG CZ  NH1  sing N N 32  
ARG CZ  NH2  doub N N 33  
ARG NH1 HH11 sing N N 34  
ARG NH1 HH12 sing N N 35  
ARG NH2 HH21 sing N N 36  
ARG NH2 HH22 sing N N 37  
ARG OXT HXT  sing N N 38  
ASN N   CA   sing N N 39  
ASN N   H    sing N N 40  
ASN N   H2   sing N N 41  
ASN CA  C    sing N N 42  
ASN CA  CB   sing N N 43  
ASN CA  HA   sing N N 44  
ASN C   O    doub N N 45  
ASN C   OXT  sing N N 46  
ASN CB  CG   sing N N 47  
ASN CB  HB2  sing N N 48  
ASN CB  HB3  sing N N 49  
ASN CG  OD1  doub N N 50  
ASN CG  ND2  sing N N 51  
ASN ND2 HD21 sing N N 52  
ASN ND2 HD22 sing N N 53  
ASN OXT HXT  sing N N 54  
ASP N   CA   sing N N 55  
ASP N   H    sing N N 56  
ASP N   H2   sing N N 57  
ASP CA  C    sing N N 58  
ASP CA  CB   sing N N 59  
ASP CA  HA   sing N N 60  
ASP C   O    doub N N 61  
ASP C   OXT  sing N N 62  
ASP CB  CG   sing N N 63  
ASP CB  HB2  sing N N 64  
ASP CB  HB3  sing N N 65  
ASP CG  OD1  doub N N 66  
ASP CG  OD2  sing N N 67  
ASP OD2 HD2  sing N N 68  
ASP OXT HXT  sing N N 69  
CYS N   CA   sing N N 70  
CYS N   H    sing N N 71  
CYS N   H2   sing N N 72  
CYS CA  C    sing N N 73  
CYS CA  CB   sing N N 74  
CYS CA  HA   sing N N 75  
CYS C   O    doub N N 76  
CYS C   OXT  sing N N 77  
CYS CB  SG   sing N N 78  
CYS CB  HB2  sing N N 79  
CYS CB  HB3  sing N N 80  
CYS SG  HG   sing N N 81  
CYS OXT HXT  sing N N 82  
GLN N   CA   sing N N 83  
GLN N   H    sing N N 84  
GLN N   H2   sing N N 85  
GLN CA  C    sing N N 86  
GLN CA  CB   sing N N 87  
GLN CA  HA   sing N N 88  
GLN C   O    doub N N 89  
GLN C   OXT  sing N N 90  
GLN CB  CG   sing N N 91  
GLN CB  HB2  sing N N 92  
GLN CB  HB3  sing N N 93  
GLN CG  CD   sing N N 94  
GLN CG  HG2  sing N N 95  
GLN CG  HG3  sing N N 96  
GLN CD  OE1  doub N N 97  
GLN CD  NE2  sing N N 98  
GLN NE2 HE21 sing N N 99  
GLN NE2 HE22 sing N N 100 
GLN OXT HXT  sing N N 101 
GLU N   CA   sing N N 102 
GLU N   H    sing N N 103 
GLU N   H2   sing N N 104 
GLU CA  C    sing N N 105 
GLU CA  CB   sing N N 106 
GLU CA  HA   sing N N 107 
GLU C   O    doub N N 108 
GLU C   OXT  sing N N 109 
GLU CB  CG   sing N N 110 
GLU CB  HB2  sing N N 111 
GLU CB  HB3  sing N N 112 
GLU CG  CD   sing N N 113 
GLU CG  HG2  sing N N 114 
GLU CG  HG3  sing N N 115 
GLU CD  OE1  doub N N 116 
GLU CD  OE2  sing N N 117 
GLU OE2 HE2  sing N N 118 
GLU OXT HXT  sing N N 119 
GLY N   CA   sing N N 120 
GLY N   H    sing N N 121 
GLY N   H2   sing N N 122 
GLY CA  C    sing N N 123 
GLY CA  HA2  sing N N 124 
GLY CA  HA3  sing N N 125 
GLY C   O    doub N N 126 
GLY C   OXT  sing N N 127 
GLY OXT HXT  sing N N 128 
HIS N   CA   sing N N 129 
HIS N   H    sing N N 130 
HIS N   H2   sing N N 131 
HIS CA  C    sing N N 132 
HIS CA  CB   sing N N 133 
HIS CA  HA   sing N N 134 
HIS C   O    doub N N 135 
HIS C   OXT  sing N N 136 
HIS CB  CG   sing N N 137 
HIS CB  HB2  sing N N 138 
HIS CB  HB3  sing N N 139 
HIS CG  ND1  sing Y N 140 
HIS CG  CD2  doub Y N 141 
HIS ND1 CE1  doub Y N 142 
HIS ND1 HD1  sing N N 143 
HIS CD2 NE2  sing Y N 144 
HIS CD2 HD2  sing N N 145 
HIS CE1 NE2  sing Y N 146 
HIS CE1 HE1  sing N N 147 
HIS NE2 HE2  sing N N 148 
HIS OXT HXT  sing N N 149 
HOH O   H1   sing N N 150 
HOH O   H2   sing N N 151 
ILE N   CA   sing N N 152 
ILE N   H    sing N N 153 
ILE N   H2   sing N N 154 
ILE CA  C    sing N N 155 
ILE CA  CB   sing N N 156 
ILE CA  HA   sing N N 157 
ILE C   O    doub N N 158 
ILE C   OXT  sing N N 159 
ILE CB  CG1  sing N N 160 
ILE CB  CG2  sing N N 161 
ILE CB  HB   sing N N 162 
ILE CG1 CD1  sing N N 163 
ILE CG1 HG12 sing N N 164 
ILE CG1 HG13 sing N N 165 
ILE CG2 HG21 sing N N 166 
ILE CG2 HG22 sing N N 167 
ILE CG2 HG23 sing N N 168 
ILE CD1 HD11 sing N N 169 
ILE CD1 HD12 sing N N 170 
ILE CD1 HD13 sing N N 171 
ILE OXT HXT  sing N N 172 
LEU N   CA   sing N N 173 
LEU N   H    sing N N 174 
LEU N   H2   sing N N 175 
LEU CA  C    sing N N 176 
LEU CA  CB   sing N N 177 
LEU CA  HA   sing N N 178 
LEU C   O    doub N N 179 
LEU C   OXT  sing N N 180 
LEU CB  CG   sing N N 181 
LEU CB  HB2  sing N N 182 
LEU CB  HB3  sing N N 183 
LEU CG  CD1  sing N N 184 
LEU CG  CD2  sing N N 185 
LEU CG  HG   sing N N 186 
LEU CD1 HD11 sing N N 187 
LEU CD1 HD12 sing N N 188 
LEU CD1 HD13 sing N N 189 
LEU CD2 HD21 sing N N 190 
LEU CD2 HD22 sing N N 191 
LEU CD2 HD23 sing N N 192 
LEU OXT HXT  sing N N 193 
LYS N   CA   sing N N 194 
LYS N   H    sing N N 195 
LYS N   H2   sing N N 196 
LYS CA  C    sing N N 197 
LYS CA  CB   sing N N 198 
LYS CA  HA   sing N N 199 
LYS C   O    doub N N 200 
LYS C   OXT  sing N N 201 
LYS CB  CG   sing N N 202 
LYS CB  HB2  sing N N 203 
LYS CB  HB3  sing N N 204 
LYS CG  CD   sing N N 205 
LYS CG  HG2  sing N N 206 
LYS CG  HG3  sing N N 207 
LYS CD  CE   sing N N 208 
LYS CD  HD2  sing N N 209 
LYS CD  HD3  sing N N 210 
LYS CE  NZ   sing N N 211 
LYS CE  HE2  sing N N 212 
LYS CE  HE3  sing N N 213 
LYS NZ  HZ1  sing N N 214 
LYS NZ  HZ2  sing N N 215 
LYS NZ  HZ3  sing N N 216 
LYS OXT HXT  sing N N 217 
MSE N   CA   sing N N 218 
MSE N   H    sing N N 219 
MSE N   H2   sing N N 220 
MSE CA  C    sing N N 221 
MSE CA  CB   sing N N 222 
MSE CA  HA   sing N N 223 
MSE C   O    doub N N 224 
MSE C   OXT  sing N N 225 
MSE OXT HXT  sing N N 226 
MSE CB  CG   sing N N 227 
MSE CB  HB2  sing N N 228 
MSE CB  HB3  sing N N 229 
MSE CG  SE   sing N N 230 
MSE CG  HG2  sing N N 231 
MSE CG  HG3  sing N N 232 
MSE SE  CE   sing N N 233 
MSE CE  HE1  sing N N 234 
MSE CE  HE2  sing N N 235 
MSE CE  HE3  sing N N 236 
PHE N   CA   sing N N 237 
PHE N   H    sing N N 238 
PHE N   H2   sing N N 239 
PHE CA  C    sing N N 240 
PHE CA  CB   sing N N 241 
PHE CA  HA   sing N N 242 
PHE C   O    doub N N 243 
PHE C   OXT  sing N N 244 
PHE CB  CG   sing N N 245 
PHE CB  HB2  sing N N 246 
PHE CB  HB3  sing N N 247 
PHE CG  CD1  doub Y N 248 
PHE CG  CD2  sing Y N 249 
PHE CD1 CE1  sing Y N 250 
PHE CD1 HD1  sing N N 251 
PHE CD2 CE2  doub Y N 252 
PHE CD2 HD2  sing N N 253 
PHE CE1 CZ   doub Y N 254 
PHE CE1 HE1  sing N N 255 
PHE CE2 CZ   sing Y N 256 
PHE CE2 HE2  sing N N 257 
PHE CZ  HZ   sing N N 258 
PHE OXT HXT  sing N N 259 
PRO N   CA   sing N N 260 
PRO N   CD   sing N N 261 
PRO N   H    sing N N 262 
PRO CA  C    sing N N 263 
PRO CA  CB   sing N N 264 
PRO CA  HA   sing N N 265 
PRO C   O    doub N N 266 
PRO C   OXT  sing N N 267 
PRO CB  CG   sing N N 268 
PRO CB  HB2  sing N N 269 
PRO CB  HB3  sing N N 270 
PRO CG  CD   sing N N 271 
PRO CG  HG2  sing N N 272 
PRO CG  HG3  sing N N 273 
PRO CD  HD2  sing N N 274 
PRO CD  HD3  sing N N 275 
PRO OXT HXT  sing N N 276 
SER N   CA   sing N N 277 
SER N   H    sing N N 278 
SER N   H2   sing N N 279 
SER CA  C    sing N N 280 
SER CA  CB   sing N N 281 
SER CA  HA   sing N N 282 
SER C   O    doub N N 283 
SER C   OXT  sing N N 284 
SER CB  OG   sing N N 285 
SER CB  HB2  sing N N 286 
SER CB  HB3  sing N N 287 
SER OG  HG   sing N N 288 
SER OXT HXT  sing N N 289 
THR N   CA   sing N N 290 
THR N   H    sing N N 291 
THR N   H2   sing N N 292 
THR CA  C    sing N N 293 
THR CA  CB   sing N N 294 
THR CA  HA   sing N N 295 
THR C   O    doub N N 296 
THR C   OXT  sing N N 297 
THR CB  OG1  sing N N 298 
THR CB  CG2  sing N N 299 
THR CB  HB   sing N N 300 
THR OG1 HG1  sing N N 301 
THR CG2 HG21 sing N N 302 
THR CG2 HG22 sing N N 303 
THR CG2 HG23 sing N N 304 
THR OXT HXT  sing N N 305 
TYR N   CA   sing N N 306 
TYR N   H    sing N N 307 
TYR N   H2   sing N N 308 
TYR CA  C    sing N N 309 
TYR CA  CB   sing N N 310 
TYR CA  HA   sing N N 311 
TYR C   O    doub N N 312 
TYR C   OXT  sing N N 313 
TYR CB  CG   sing N N 314 
TYR CB  HB2  sing N N 315 
TYR CB  HB3  sing N N 316 
TYR CG  CD1  doub Y N 317 
TYR CG  CD2  sing Y N 318 
TYR CD1 CE1  sing Y N 319 
TYR CD1 HD1  sing N N 320 
TYR CD2 CE2  doub Y N 321 
TYR CD2 HD2  sing N N 322 
TYR CE1 CZ   doub Y N 323 
TYR CE1 HE1  sing N N 324 
TYR CE2 CZ   sing Y N 325 
TYR CE2 HE2  sing N N 326 
TYR CZ  OH   sing N N 327 
TYR OH  HH   sing N N 328 
TYR OXT HXT  sing N N 329 
VAL N   CA   sing N N 330 
VAL N   H    sing N N 331 
VAL N   H2   sing N N 332 
VAL CA  C    sing N N 333 
VAL CA  CB   sing N N 334 
VAL CA  HA   sing N N 335 
VAL C   O    doub N N 336 
VAL C   OXT  sing N N 337 
VAL CB  CG1  sing N N 338 
VAL CB  CG2  sing N N 339 
VAL CB  HB   sing N N 340 
VAL CG1 HG11 sing N N 341 
VAL CG1 HG12 sing N N 342 
VAL CG1 HG13 sing N N 343 
VAL CG2 HG21 sing N N 344 
VAL CG2 HG22 sing N N 345 
VAL CG2 HG23 sing N N 346 
VAL OXT HXT  sing N N 347 
# 
_atom_sites.entry_id                    2QZQ 
_atom_sites.fract_transf_matrix[1][1]   0.00348737 
_atom_sites.fract_transf_matrix[1][2]   -0.00336945 
_atom_sites.fract_transf_matrix[1][3]   0.02044626 
_atom_sites.fract_transf_matrix[2][1]   -0.01525801 
_atom_sites.fract_transf_matrix[2][2]   0.00359566 
_atom_sites.fract_transf_matrix[2][3]   0.01399323 
_atom_sites.fract_transf_matrix[3][1]   -0.00242695 
_atom_sites.fract_transf_matrix[3][2]   -0.00725604 
_atom_sites.fract_transf_matrix[3][3]   -0.00078182 
_atom_sites.fract_transf_vector[1]      0.044241 
_atom_sites.fract_transf_vector[2]      0.687555 
_atom_sites.fract_transf_vector[3]      0.082959 
# 
loop_
_atom_type.symbol 
C  
N  
O  
S  
SE 
# 
loop_
_atom_site.group_PDB 
_atom_site.id 
_atom_site.type_symbol 
_atom_site.label_atom_id 
_atom_site.label_alt_id 
_atom_site.label_comp_id 
_atom_site.label_asym_id 
_atom_site.label_entity_id 
_atom_site.label_seq_id 
_atom_site.pdbx_PDB_ins_code 
_atom_site.Cartn_x 
_atom_site.Cartn_y 
_atom_site.Cartn_z 
_atom_site.occupancy 
_atom_site.B_iso_or_equiv 
_atom_site.pdbx_formal_charge 
_atom_site.auth_seq_id 
_atom_site.auth_comp_id 
_atom_site.auth_asym_id 
_atom_site.auth_atom_id 
_atom_site.pdbx_PDB_model_num 
ATOM   1    N  N   . GLY A 1 1   ? -10.932 -0.080  9.990   1.00 28.40 ? 19  GLY A N   1 
ATOM   2    C  CA  . GLY A 1 1   ? -10.506 -0.557  8.630   1.00 27.61 ? 19  GLY A CA  1 
ATOM   3    C  C   . GLY A 1 1   ? -11.679 -0.592  7.652   1.00 28.26 ? 19  GLY A C   1 
ATOM   4    O  O   . GLY A 1 1   ? -12.856 -0.553  8.060   1.00 27.76 ? 19  GLY A O   1 
ATOM   5    N  N   . SER A 1 2   ? -11.361 -0.639  6.352   1.00 26.89 ? 20  SER A N   1 
ATOM   6    C  CA  . SER A 1 2   ? -12.361 -0.687  5.298   1.00 25.81 ? 20  SER A CA  1 
ATOM   7    C  C   . SER A 1 2   ? -11.930 -1.632  4.163   1.00 25.67 ? 20  SER A C   1 
ATOM   8    O  O   . SER A 1 2   ? -12.132 -1.323  2.997   1.00 24.44 ? 20  SER A O   1 
ATOM   9    C  CB  . SER A 1 2   ? -12.662 0.715   4.766   1.00 26.04 ? 20  SER A CB  1 
ATOM   10   O  OG  . SER A 1 2   ? -11.493 1.366   4.267   1.00 25.59 ? 20  SER A OG  1 
ATOM   11   N  N   . LEU A 1 3   ? -11.341 -2.768  4.535   1.00 25.53 ? 21  LEU A N   1 
ATOM   12   C  CA  . LEU A 1 3   ? -10.835 -3.754  3.579   1.00 26.77 ? 21  LEU A CA  1 
ATOM   13   C  C   . LEU A 1 3   ? -12.028 -4.520  3.043   1.00 27.46 ? 21  LEU A C   1 
ATOM   14   O  O   . LEU A 1 3   ? -12.902 -4.927  3.812   1.00 27.43 ? 21  LEU A O   1 
ATOM   15   C  CB  . LEU A 1 3   ? -9.841  -4.716  4.215   1.00 25.83 ? 21  LEU A CB  1 
ATOM   16   C  CG  . LEU A 1 3   ? -8.491  -4.170  4.716   1.00 26.12 ? 21  LEU A CG  1 
ATOM   17   C  CD1 . LEU A 1 3   ? -7.598  -5.317  5.127   1.00 23.23 ? 21  LEU A CD1 1 
ATOM   18   C  CD2 . LEU A 1 3   ? -7.755  -3.272  3.681   1.00 22.74 ? 21  LEU A CD2 1 
ATOM   19   N  N   . LEU A 1 4   ? -12.068 -4.683  1.725   1.00 27.52 ? 22  LEU A N   1 
ATOM   20   C  CA  . LEU A 1 4   ? -13.240 -5.226  1.065   1.00 27.06 ? 22  LEU A CA  1 
ATOM   21   C  C   . LEU A 1 4   ? -13.003 -6.693  0.716   1.00 27.77 ? 22  LEU A C   1 
ATOM   22   O  O   . LEU A 1 4   ? -11.861 -7.119  0.569   1.00 27.21 ? 22  LEU A O   1 
ATOM   23   C  CB  . LEU A 1 4   ? -13.544 -4.397  -0.171  1.00 26.44 ? 22  LEU A CB  1 
ATOM   24   C  CG  . LEU A 1 4   ? -14.106 -2.994  0.031   1.00 26.11 ? 22  LEU A CG  1 
ATOM   25   C  CD1 . LEU A 1 4   ? -13.948 -2.203  -1.241  1.00 25.53 ? 22  LEU A CD1 1 
ATOM   26   C  CD2 . LEU A 1 4   ? -15.577 -3.042  0.453   1.00 28.79 ? 22  LEU A CD2 1 
ATOM   27   N  N   . PRO A 1 5   ? -14.090 -7.478  0.588   1.00 28.65 ? 23  PRO A N   1 
ATOM   28   C  CA  . PRO A 1 5   ? -13.908 -8.890  0.257   1.00 28.90 ? 23  PRO A CA  1 
ATOM   29   C  C   . PRO A 1 5   ? -13.363 -9.009  -1.171  1.00 28.39 ? 23  PRO A C   1 
ATOM   30   O  O   . PRO A 1 5   ? -13.556 -8.095  -1.979  1.00 27.59 ? 23  PRO A O   1 
ATOM   31   C  CB  . PRO A 1 5   ? -15.333 -9.479  0.314   1.00 29.21 ? 23  PRO A CB  1 
ATOM   32   C  CG  . PRO A 1 5   ? -16.246 -8.377  0.788   1.00 29.83 ? 23  PRO A CG  1 
ATOM   33   C  CD  . PRO A 1 5   ? -15.506 -7.071  0.681   1.00 28.84 ? 23  PRO A CD  1 
ATOM   34   N  N   . ARG A 1 6   ? -12.686 -10.118 -1.450  1.00 29.43 ? 24  ARG A N   1 
ATOM   35   C  CA  . ARG A 1 6   ? -12.306 -10.502 -2.816  1.00 29.99 ? 24  ARG A CA  1 
ATOM   36   C  C   . ARG A 1 6   ? -13.526 -10.439 -3.760  1.00 30.29 ? 24  ARG A C   1 
ATOM   37   O  O   . ARG A 1 6   ? -14.631 -10.880 -3.402  1.00 30.34 ? 24  ARG A O   1 
ATOM   38   C  CB  . ARG A 1 6   ? -11.686 -11.905 -2.803  1.00 30.14 ? 24  ARG A CB  1 
ATOM   39   C  CG  . ARG A 1 6   ? -11.002 -12.333 -4.119  1.00 30.82 ? 24  ARG A CG  1 
ATOM   40   C  CD  . ARG A 1 6   ? -10.230 -13.638 -3.953  1.00 30.59 ? 24  ARG A CD  1 
ATOM   41   N  NE  . ARG A 1 6   ? -9.277  -13.549 -2.852  1.00 32.85 ? 24  ARG A NE  1 
ATOM   42   C  CZ  . ARG A 1 6   ? -8.655  -14.578 -2.283  1.00 33.33 ? 24  ARG A CZ  1 
ATOM   43   N  NH1 . ARG A 1 6   ? -8.880  -15.817 -2.709  1.00 36.20 ? 24  ARG A NH1 1 
ATOM   44   N  NH2 . ARG A 1 6   ? -7.797  -14.367 -1.286  1.00 32.57 ? 24  ARG A NH2 1 
ATOM   45   N  N   . LEU A 1 7   ? -13.337 -9.832  -4.929  1.00 29.85 ? 25  LEU A N   1 
ATOM   46   C  CA  . LEU A 1 7   ? -14.370 -9.810  -5.968  1.00 30.33 ? 25  LEU A CA  1 
ATOM   47   C  C   . LEU A 1 7   ? -14.709 -11.232 -6.412  1.00 30.75 ? 25  LEU A C   1 
ATOM   48   O  O   . LEU A 1 7   ? -13.868 -12.140 -6.304  1.00 30.85 ? 25  LEU A O   1 
ATOM   49   C  CB  . LEU A 1 7   ? -13.915 -8.999  -7.191  1.00 29.76 ? 25  LEU A CB  1 
ATOM   50   C  CG  . LEU A 1 7   ? -13.779 -7.486  -7.062  1.00 30.14 ? 25  LEU A CG  1 
ATOM   51   C  CD1 . LEU A 1 7   ? -13.206 -6.928  -8.326  1.00 27.73 ? 25  LEU A CD1 1 
ATOM   52   C  CD2 . LEU A 1 7   ? -15.124 -6.807  -6.749  1.00 29.96 ? 25  LEU A CD2 1 
ATOM   53   N  N   . PRO A 1 8   ? -15.943 -11.440 -6.919  1.00 31.14 ? 26  PRO A N   1 
ATOM   54   C  CA  . PRO A 1 8   ? -16.219 -12.779 -7.454  1.00 31.32 ? 26  PRO A CA  1 
ATOM   55   C  C   . PRO A 1 8   ? -15.275 -13.047 -8.629  1.00 30.89 ? 26  PRO A C   1 
ATOM   56   O  O   . PRO A 1 8   ? -14.970 -12.124 -9.393  1.00 30.42 ? 26  PRO A O   1 
ATOM   57   C  CB  . PRO A 1 8   ? -17.664 -12.675 -7.975  1.00 30.81 ? 26  PRO A CB  1 
ATOM   58   C  CG  . PRO A 1 8   ? -17.954 -11.212 -8.100  1.00 32.72 ? 26  PRO A CG  1 
ATOM   59   C  CD  . PRO A 1 8   ? -17.080 -10.508 -7.081  1.00 31.25 ? 26  PRO A CD  1 
ATOM   60   N  N   . SER A 1 9   ? -14.814 -14.281 -8.763  1.00 31.47 ? 27  SER A N   1 
ATOM   61   C  CA  . SER A 1 9   ? -13.970 -14.640 -9.894  1.00 32.40 ? 27  SER A CA  1 
ATOM   62   C  C   . SER A 1 9   ? -14.754 -14.605 -11.215 1.00 31.78 ? 27  SER A C   1 
ATOM   63   O  O   . SER A 1 9   ? -15.958 -14.863 -11.246 1.00 31.45 ? 27  SER A O   1 
ATOM   64   C  CB  . SER A 1 9   ? -13.295 -15.990 -9.664  1.00 32.43 ? 27  SER A CB  1 
ATOM   65   O  OG  . SER A 1 9   ? -14.251 -17.025 -9.592  1.00 37.14 ? 27  SER A OG  1 
ATOM   66   N  N   . GLU A 1 10  ? -14.069 -14.207 -12.284 1.00 31.41 ? 28  GLU A N   1 
ATOM   67   C  CA  . GLU A 1 10  ? -14.641 -14.181 -13.623 1.00 30.50 ? 28  GLU A CA  1 
ATOM   68   C  C   . GLU A 1 10  ? -13.773 -15.077 -14.510 1.00 28.53 ? 28  GLU A C   1 
ATOM   69   O  O   . GLU A 1 10  ? -12.535 -15.027 -14.444 1.00 27.51 ? 28  GLU A O   1 
ATOM   70   C  CB  . GLU A 1 10  ? -14.746 -12.752 -14.177 1.00 30.81 ? 28  GLU A CB  1 
ATOM   71   C  CG  . GLU A 1 10  ? -15.928 -11.988 -13.580 1.00 32.73 ? 28  GLU A CG  1 
ATOM   72   C  CD  . GLU A 1 10  ? -15.967 -10.518 -13.954 1.00 34.37 ? 28  GLU A CD  1 
ATOM   73   O  OE1 . GLU A 1 10  ? -15.453 -10.167 -15.041 1.00 37.16 ? 28  GLU A OE1 1 
ATOM   74   O  OE2 . GLU A 1 10  ? -16.535 -9.707  -13.164 1.00 38.09 ? 28  GLU A OE2 1 
ATOM   75   N  N   . PRO A 1 11  ? -14.418 -15.955 -15.292 1.00 26.98 ? 29  PRO A N   1 
ATOM   76   C  CA  . PRO A 1 11  ? -13.617 -16.837 -16.147 1.00 25.83 ? 29  PRO A CA  1 
ATOM   77   C  C   . PRO A 1 11  ? -12.618 -16.077 -17.027 1.00 24.44 ? 29  PRO A C   1 
ATOM   78   O  O   . PRO A 1 11  ? -12.964 -15.062 -17.644 1.00 24.05 ? 29  PRO A O   1 
ATOM   79   C  CB  . PRO A 1 11  ? -14.680 -17.574 -16.985 1.00 25.93 ? 29  PRO A CB  1 
ATOM   80   C  CG  . PRO A 1 11  ? -15.926 -17.568 -16.075 1.00 25.77 ? 29  PRO A CG  1 
ATOM   81   C  CD  . PRO A 1 11  ? -15.876 -16.223 -15.400 1.00 26.63 ? 29  PRO A CD  1 
ATOM   82   N  N   . GLY A 1 12  ? -11.386 -16.584 -17.069 1.00 25.04 ? 30  GLY A N   1 
ATOM   83   C  CA  . GLY A 1 12  ? -10.321 -16.029 -17.917 1.00 25.53 ? 30  GLY A CA  1 
ATOM   84   C  C   . GLY A 1 12  ? -9.688  -14.738 -17.415 1.00 26.53 ? 30  GLY A C   1 
ATOM   85   O  O   . GLY A 1 12  ? -8.853  -14.135 -18.105 1.00 26.65 ? 30  GLY A O   1 
HETATM 86   N  N   . MSE A 1 13  ? -10.084 -14.318 -16.215 1.00 26.74 ? 31  MSE A N   1 
HETATM 87   C  CA  . MSE A 1 13  ? -9.593  -13.065 -15.620 1.00 27.41 ? 31  MSE A CA  1 
HETATM 88   C  C   . MSE A 1 13  ? -8.854  -13.354 -14.312 1.00 26.60 ? 31  MSE A C   1 
HETATM 89   O  O   . MSE A 1 13  ? -8.955  -14.446 -13.743 1.00 27.13 ? 31  MSE A O   1 
HETATM 90   C  CB  . MSE A 1 13  ? -10.742 -12.071 -15.367 1.00 28.52 ? 31  MSE A CB  1 
HETATM 91   C  CG  . MSE A 1 13  ? -11.669 -11.815 -16.522 1.00 30.47 ? 31  MSE A CG  1 
HETATM 92   SE SE  . MSE A 1 13  ? -10.927 -10.751 -17.955 1.00 41.41 ? 31  MSE A SE  1 
HETATM 93   C  CE  . MSE A 1 13  ? -12.380 -11.007 -19.367 1.00 33.71 ? 31  MSE A CE  1 
ATOM   94   N  N   . THR A 1 14  ? -8.117  -12.361 -13.830 1.00 25.78 ? 32  THR A N   1 
ATOM   95   C  CA  . THR A 1 14  ? -7.184  -12.582 -12.718 1.00 24.88 ? 32  THR A CA  1 
ATOM   96   C  C   . THR A 1 14  ? -7.439  -11.569 -11.600 1.00 23.88 ? 32  THR A C   1 
ATOM   97   O  O   . THR A 1 14  ? -7.645  -10.397 -11.871 1.00 23.45 ? 32  THR A O   1 
ATOM   98   C  CB  . THR A 1 14  ? -5.716  -12.440 -13.185 1.00 24.90 ? 32  THR A CB  1 
ATOM   99   O  OG1 . THR A 1 14  ? -5.515  -13.190 -14.403 1.00 24.92 ? 32  THR A OG1 1 
ATOM   100  C  CG2 . THR A 1 14  ? -4.773  -12.934 -12.098 1.00 23.50 ? 32  THR A CG2 1 
ATOM   101  N  N   . LEU A 1 15  ? -7.426  -12.051 -10.364 1.00 23.91 ? 33  LEU A N   1 
ATOM   102  C  CA  . LEU A 1 15  ? -7.587  -11.189 -9.184  1.00 23.94 ? 33  LEU A CA  1 
ATOM   103  C  C   . LEU A 1 15  ? -6.327  -11.210 -8.344  1.00 23.76 ? 33  LEU A C   1 
ATOM   104  O  O   . LEU A 1 15  ? -5.676  -12.255 -8.176  1.00 24.33 ? 33  LEU A O   1 
ATOM   105  C  CB  . LEU A 1 15  ? -8.797  -11.615 -8.337  1.00 23.60 ? 33  LEU A CB  1 
ATOM   106  C  CG  . LEU A 1 15  ? -10.189 -11.354 -8.910  1.00 24.24 ? 33  LEU A CG  1 
ATOM   107  C  CD1 . LEU A 1 15  ? -11.228 -12.121 -8.063  1.00 24.57 ? 33  LEU A CD1 1 
ATOM   108  C  CD2 . LEU A 1 15  ? -10.542 -9.849  -9.022  1.00 21.79 ? 33  LEU A CD2 1 
ATOM   109  N  N   . LEU A 1 16  ? -5.985  -10.039 -7.807  1.00 23.38 ? 34  LEU A N   1 
ATOM   110  C  CA  . LEU A 1 16  ? -4.753  -9.895  -7.065  1.00 22.07 ? 34  LEU A CA  1 
ATOM   111  C  C   . LEU A 1 16  ? -5.046  -9.677  -5.592  1.00 21.78 ? 34  LEU A C   1 
ATOM   112  O  O   . LEU A 1 16  ? -5.908  -8.867  -5.241  1.00 21.27 ? 34  LEU A O   1 
ATOM   113  C  CB  . LEU A 1 16  ? -3.924  -8.733  -7.644  1.00 22.38 ? 34  LEU A CB  1 
ATOM   114  C  CG  . LEU A 1 16  ? -2.643  -8.287  -6.906  1.00 21.97 ? 34  LEU A CG  1 
ATOM   115  C  CD1 . LEU A 1 16  ? -1.551  -9.341  -6.958  1.00 23.43 ? 34  LEU A CD1 1 
ATOM   116  C  CD2 . LEU A 1 16  ? -2.154  -6.959  -7.448  1.00 21.08 ? 34  LEU A CD2 1 
ATOM   117  N  N   . THR A 1 17  ? -4.366  -10.468 -4.765  1.00 21.62 ? 35  THR A N   1 
ATOM   118  C  CA  . THR A 1 17  ? -4.265  -10.252 -3.331  1.00 22.32 ? 35  THR A CA  1 
ATOM   119  C  C   . THR A 1 17  ? -2.871  -9.755  -2.992  1.00 21.87 ? 35  THR A C   1 
ATOM   120  O  O   . THR A 1 17  ? -1.867  -10.357 -3.393  1.00 22.20 ? 35  THR A O   1 
ATOM   121  C  CB  . THR A 1 17  ? -4.541  -11.525 -2.528  1.00 22.19 ? 35  THR A CB  1 
ATOM   122  O  OG1 . THR A 1 17  ? -5.790  -12.082 -2.971  1.00 22.72 ? 35  THR A OG1 1 
ATOM   123  C  CG2 . THR A 1 17  ? -4.631  -11.207 -0.981  1.00 23.05 ? 35  THR A CG2 1 
ATOM   124  N  N   . LEU A 1 18  ? -2.813  -8.640  -2.269  1.00 21.81 ? 36  LEU A N   1 
ATOM   125  C  CA  . LEU A 1 18  ? -1.534  -8.172  -1.736  1.00 21.25 ? 36  LEU A CA  1 
ATOM   126  C  C   . LEU A 1 18  ? -1.525  -8.343  -0.238  1.00 21.36 ? 36  LEU A C   1 
ATOM   127  O  O   . LEU A 1 18  ? -2.363  -7.735  0.466   1.00 22.18 ? 36  LEU A O   1 
ATOM   128  C  CB  . LEU A 1 18  ? -1.295  -6.709  -2.105  1.00 21.32 ? 36  LEU A CB  1 
ATOM   129  C  CG  . LEU A 1 18  ? -1.208  -6.412  -3.598  1.00 21.86 ? 36  LEU A CG  1 
ATOM   130  C  CD1 . LEU A 1 18  ? -1.251  -4.910  -3.871  1.00 22.16 ? 36  LEU A CD1 1 
ATOM   131  C  CD2 . LEU A 1 18  ? 0.013   -7.080  -4.209  1.00 22.19 ? 36  LEU A CD2 1 
ATOM   132  N  N   . THR A 1 19  ? -0.618  -9.187  0.254   1.00 20.74 ? 37  THR A N   1 
ATOM   133  C  CA  . THR A 1 19  ? -0.433  -9.354  1.681   1.00 20.83 ? 37  THR A CA  1 
ATOM   134  C  C   . THR A 1 19  ? 0.535   -8.279  2.124   1.00 19.46 ? 37  THR A C   1 
ATOM   135  O  O   . THR A 1 19  ? 1.655   -8.219  1.649   1.00 18.22 ? 37  THR A O   1 
ATOM   136  C  CB  . THR A 1 19  ? 0.190   -10.736 2.008   1.00 21.39 ? 37  THR A CB  1 
ATOM   137  O  OG1 . THR A 1 19  ? -0.634  -11.767 1.445   1.00 23.08 ? 37  THR A OG1 1 
ATOM   138  C  CG2 . THR A 1 19  ? 0.330   -10.952 3.531   1.00 21.75 ? 37  THR A CG2 1 
ATOM   139  N  N   . ILE A 1 20  ? 0.105   -7.430  3.041   1.00 19.34 ? 38  ILE A N   1 
ATOM   140  C  CA  . ILE A 1 20  ? 1.013   -6.440  3.594   1.00 18.41 ? 38  ILE A CA  1 
ATOM   141  C  C   . ILE A 1 20  ? 1.613   -7.116  4.797   1.00 19.45 ? 38  ILE A C   1 
ATOM   142  O  O   . ILE A 1 20  ? 0.923   -7.369  5.807   1.00 19.39 ? 38  ILE A O   1 
ATOM   143  C  CB  . ILE A 1 20  ? 0.285   -5.133  4.009   1.00 18.64 ? 38  ILE A CB  1 
ATOM   144  C  CG1 . ILE A 1 20  ? -0.429  -4.482  2.812   1.00 19.17 ? 38  ILE A CG1 1 
ATOM   145  C  CG2 . ILE A 1 20  ? 1.250   -4.182  4.725   1.00 17.17 ? 38  ILE A CG2 1 
ATOM   146  C  CD1 . ILE A 1 20  ? -1.363  -3.323  3.212   1.00 18.13 ? 38  ILE A CD1 1 
ATOM   147  N  N   . GLU A 1 21  ? 2.896   -7.444  4.678   1.00 18.77 ? 39  GLU A N   1 
ATOM   148  C  CA  . GLU A 1 21  ? 3.581   -8.182  5.725   1.00 19.60 ? 39  GLU A CA  1 
ATOM   149  C  C   . GLU A 1 21  ? 4.019   -7.224  6.805   1.00 18.51 ? 39  GLU A C   1 
ATOM   150  O  O   . GLU A 1 21  ? 3.600   -7.337  7.941   1.00 18.07 ? 39  GLU A O   1 
ATOM   151  C  CB  . GLU A 1 21  ? 4.761   -8.973  5.155   1.00 18.93 ? 39  GLU A CB  1 
ATOM   152  C  CG  . GLU A 1 21  ? 4.273   -9.969  4.082   1.00 21.05 ? 39  GLU A CG  1 
ATOM   153  C  CD  . GLU A 1 21  ? 5.381   -10.793 3.427   1.00 22.36 ? 39  GLU A CD  1 
ATOM   154  O  OE1 . GLU A 1 21  ? 6.553   -10.378 3.452   1.00 25.17 ? 39  GLU A OE1 1 
ATOM   155  O  OE2 . GLU A 1 21  ? 5.051   -11.866 2.871   1.00 26.61 ? 39  GLU A OE2 1 
ATOM   156  N  N   . LYS A 1 22  ? 4.868   -6.274  6.436   1.00 17.65 ? 40  LYS A N   1 
ATOM   157  C  CA  . LYS A 1 22  ? 5.407   -5.341  7.410   1.00 16.26 ? 40  LYS A CA  1 
ATOM   158  C  C   . LYS A 1 22  ? 5.938   -4.123  6.669   1.00 15.95 ? 40  LYS A C   1 
ATOM   159  O  O   . LYS A 1 22  ? 6.120   -4.170  5.454   1.00 14.51 ? 40  LYS A O   1 
ATOM   160  C  CB  . LYS A 1 22  ? 6.509   -5.995  8.230   1.00 15.75 ? 40  LYS A CB  1 
ATOM   161  C  CG  . LYS A 1 22  ? 7.807   -6.233  7.488   1.00 14.86 ? 40  LYS A CG  1 
ATOM   162  C  CD  . LYS A 1 22  ? 8.756   -7.082  8.303   1.00 17.57 ? 40  LYS A CD  1 
ATOM   163  C  CE  . LYS A 1 22  ? 9.931   -7.525  7.436   1.00 20.01 ? 40  LYS A CE  1 
ATOM   164  N  NZ  . LYS A 1 22  ? 10.951  -8.259  8.227   1.00 22.14 ? 40  LYS A NZ  1 
ATOM   165  N  N   . ILE A 1 23  ? 6.162   -3.046  7.413   1.00 14.67 ? 41  ILE A N   1 
ATOM   166  C  CA  . ILE A 1 23  ? 6.799   -1.868  6.867   1.00 13.87 ? 41  ILE A CA  1 
ATOM   167  C  C   . ILE A 1 23  ? 7.961   -1.464  7.771   1.00 14.82 ? 41  ILE A C   1 
ATOM   168  O  O   . ILE A 1 23  ? 7.811   -1.371  9.004   1.00 15.05 ? 41  ILE A O   1 
ATOM   169  C  CB  . ILE A 1 23  ? 5.789   -0.701  6.608   1.00 13.91 ? 41  ILE A CB  1 
ATOM   170  C  CG1 . ILE A 1 23  ? 6.490   0.480   5.891   1.00 11.53 ? 41  ILE A CG1 1 
ATOM   171  C  CG2 . ILE A 1 23  ? 5.110   -0.227  7.883   1.00 12.67 ? 41  ILE A CG2 1 
ATOM   172  C  CD1 . ILE A 1 23  ? 5.503   1.627   5.528   1.00 12.19 ? 41  ILE A CD1 1 
ATOM   173  N  N   . GLY A 1 24  ? 9.118   -1.264  7.148   1.00 14.43 ? 42  GLY A N   1 
ATOM   174  C  CA  . GLY A 1 24  ? 10.305  -0.748  7.814   1.00 15.02 ? 42  GLY A CA  1 
ATOM   175  C  C   . GLY A 1 24  ? 10.298  0.767   7.818   1.00 15.59 ? 42  GLY A C   1 
ATOM   176  O  O   . GLY A 1 24  ? 10.085  1.413   6.767   1.00 16.17 ? 42  GLY A O   1 
ATOM   177  N  N   . LEU A 1 25  ? 10.522  1.334   8.997   1.00 15.75 ? 43  LEU A N   1 
ATOM   178  C  CA  . LEU A 1 25  ? 10.615  2.782   9.166   1.00 15.48 ? 43  LEU A CA  1 
ATOM   179  C  C   . LEU A 1 25  ? 11.628  3.061   10.280  1.00 16.78 ? 43  LEU A C   1 
ATOM   180  O  O   . LEU A 1 25  ? 11.682  2.340   11.280  1.00 15.87 ? 43  LEU A O   1 
ATOM   181  C  CB  . LEU A 1 25  ? 9.234   3.375   9.516   1.00 15.89 ? 43  LEU A CB  1 
ATOM   182  C  CG  . LEU A 1 25  ? 8.068   3.243   8.518   1.00 14.80 ? 43  LEU A CG  1 
ATOM   183  C  CD1 . LEU A 1 25  ? 6.694   3.543   9.181   1.00 15.48 ? 43  LEU A CD1 1 
ATOM   184  C  CD2 . LEU A 1 25  ? 8.240   4.140   7.318   1.00 13.80 ? 43  LEU A CD2 1 
ATOM   185  N  N   . LYS A 1 26  ? 12.464  4.079   10.109  1.00 17.11 ? 44  LYS A N   1 
ATOM   186  C  CA  . LYS A 1 26  ? 13.499  4.351   11.108  1.00 20.00 ? 44  LYS A CA  1 
ATOM   187  C  C   . LYS A 1 26  ? 12.850  4.585   12.482  1.00 19.28 ? 44  LYS A C   1 
ATOM   188  O  O   . LYS A 1 26  ? 13.406  4.245   13.506  1.00 19.03 ? 44  LYS A O   1 
ATOM   189  C  CB  . LYS A 1 26  ? 14.323  5.586   10.711  1.00 20.76 ? 44  LYS A CB  1 
ATOM   190  C  CG  . LYS A 1 26  ? 15.364  5.338   9.623   1.00 26.88 ? 44  LYS A CG  1 
ATOM   191  C  CD  . LYS A 1 26  ? 15.439  6.496   8.602   1.00 32.54 ? 44  LYS A CD  1 
ATOM   192  C  CE  . LYS A 1 26  ? 16.502  7.537   8.925   1.00 35.95 ? 44  LYS A CE  1 
ATOM   193  N  NZ  . LYS A 1 26  ? 17.103  8.071   7.636   1.00 35.70 ? 44  LYS A NZ  1 
ATOM   194  N  N   . ASP A 1 27  ? 11.654  5.140   12.463  1.00 19.13 ? 45  ASP A N   1 
ATOM   195  C  CA  . ASP A 1 27  ? 10.946  5.532   13.684  1.00 18.66 ? 45  ASP A CA  1 
ATOM   196  C  C   . ASP A 1 27  ? 9.642   4.735   13.794  1.00 17.91 ? 45  ASP A C   1 
ATOM   197  O  O   . ASP A 1 27  ? 8.678   5.223   14.369  1.00 16.86 ? 45  ASP A O   1 
ATOM   198  C  CB  . ASP A 1 27  ? 10.678  7.048   13.677  1.00 19.01 ? 45  ASP A CB  1 
ATOM   199  C  CG  . ASP A 1 27  ? 10.004  7.527   12.394  1.00 21.68 ? 45  ASP A CG  1 
ATOM   200  O  OD1 . ASP A 1 27  ? 9.768   6.699   11.474  1.00 22.37 ? 45  ASP A OD1 1 
ATOM   201  O  OD2 . ASP A 1 27  ? 9.708   8.740   12.301  1.00 21.85 ? 45  ASP A OD2 1 
ATOM   202  N  N   . ALA A 1 28  ? 9.627   3.491   13.270  1.00 16.78 ? 46  ALA A N   1 
ATOM   203  C  CA  . ALA A 1 28  ? 8.394   2.670   13.243  1.00 16.50 ? 46  ALA A CA  1 
ATOM   204  C  C   . ALA A 1 28  ? 7.690   2.609   14.604  1.00 16.47 ? 46  ALA A C   1 
ATOM   205  O  O   . ALA A 1 28  ? 6.502   2.884   14.705  1.00 16.04 ? 46  ALA A O   1 
ATOM   206  C  CB  . ALA A 1 28  ? 8.692   1.234   12.756  1.00 16.57 ? 46  ALA A CB  1 
ATOM   207  N  N   . GLY A 1 29  ? 8.444   2.247   15.639  1.00 16.30 ? 47  GLY A N   1 
ATOM   208  C  CA  . GLY A 1 29  ? 7.898   2.056   16.991  1.00 17.01 ? 47  GLY A CA  1 
ATOM   209  C  C   . GLY A 1 29  ? 7.302   3.309   17.652  1.00 17.33 ? 47  GLY A C   1 
ATOM   210  O  O   . GLY A 1 29  ? 6.533   3.193   18.613  1.00 17.27 ? 47  GLY A O   1 
ATOM   211  N  N   . GLN A 1 30  ? 7.666   4.482   17.149  1.00 17.54 ? 48  GLN A N   1 
ATOM   212  C  CA  . GLN A 1 30  ? 7.116   5.763   17.619  1.00 18.20 ? 48  GLN A CA  1 
ATOM   213  C  C   . GLN A 1 30  ? 5.752   6.094   17.036  1.00 18.74 ? 48  GLN A C   1 
ATOM   214  O  O   . GLN A 1 30  ? 5.036   6.988   17.568  1.00 19.38 ? 48  GLN A O   1 
ATOM   215  C  CB  . GLN A 1 30  ? 8.062   6.913   17.259  1.00 17.88 ? 48  GLN A CB  1 
ATOM   216  C  CG  . GLN A 1 30  ? 9.489   6.742   17.767  1.00 17.62 ? 48  GLN A CG  1 
ATOM   217  C  CD  . GLN A 1 30  ? 10.256  8.042   17.794  1.00 19.19 ? 48  GLN A CD  1 
ATOM   218  O  OE1 . GLN A 1 30  ? 10.061  8.925   16.940  1.00 19.13 ? 48  GLN A OE1 1 
ATOM   219  N  NE2 . GLN A 1 30  ? 11.142  8.179   18.789  1.00 20.14 ? 48  GLN A NE2 1 
ATOM   220  N  N   . CYS A 1 31  ? 5.419   5.453   15.911  1.00 17.86 ? 49  CYS A N   1 
ATOM   221  C  CA  . CYS A 1 31  ? 4.227   5.786   15.162  1.00 18.19 ? 49  CYS A CA  1 
ATOM   222  C  C   . CYS A 1 31  ? 3.012   5.236   15.879  1.00 17.73 ? 49  CYS A C   1 
ATOM   223  O  O   . CYS A 1 31  ? 2.940   4.046   16.195  1.00 17.51 ? 49  CYS A O   1 
ATOM   224  C  CB  . CYS A 1 31  ? 4.291   5.278   13.689  1.00 17.25 ? 49  CYS A CB  1 
ATOM   225  S  SG  . CYS A 1 31  ? 5.663   5.985   12.765  1.00 19.53 ? 49  CYS A SG  1 
ATOM   226  N  N   . ILE A 1 32  ? 2.083   6.140   16.167  1.00 17.24 ? 50  ILE A N   1 
ATOM   227  C  CA  . ILE A 1 32  ? 0.881   5.837   16.941  1.00 16.76 ? 50  ILE A CA  1 
ATOM   228  C  C   . ILE A 1 32  ? -0.301  5.479   16.038  1.00 17.12 ? 50  ILE A C   1 
ATOM   229  O  O   . ILE A 1 32  ? -0.610  6.202   15.080  1.00 17.82 ? 50  ILE A O   1 
ATOM   230  C  CB  . ILE A 1 32  ? 0.487   7.059   17.867  1.00 17.19 ? 50  ILE A CB  1 
ATOM   231  C  CG1 . ILE A 1 32  ? 1.679   7.498   18.748  1.00 16.09 ? 50  ILE A CG1 1 
ATOM   232  C  CG2 . ILE A 1 32  ? -0.751  6.716   18.684  1.00 15.89 ? 50  ILE A CG2 1 
ATOM   233  C  CD1 . ILE A 1 32  ? 2.279   6.383   19.631  1.00 20.67 ? 50  ILE A CD1 1 
ATOM   234  N  N   . ASP A 1 33  ? -0.940  4.350   16.339  1.00 16.24 ? 51  ASP A N   1 
ATOM   235  C  CA  . ASP A 1 33  ? -2.129  3.869   15.613  1.00 16.97 ? 51  ASP A CA  1 
ATOM   236  C  C   . ASP A 1 33  ? -1.865  3.824   14.105  1.00 17.09 ? 51  ASP A C   1 
ATOM   237  O  O   . ASP A 1 33  ? -2.604  4.412   13.308  1.00 16.87 ? 51  ASP A O   1 
ATOM   238  C  CB  . ASP A 1 33  ? -3.354  4.730   15.924  1.00 17.64 ? 51  ASP A CB  1 
ATOM   239  C  CG  . ASP A 1 33  ? -3.784  4.623   17.387  1.00 18.28 ? 51  ASP A CG  1 
ATOM   240  O  OD1 . ASP A 1 33  ? -3.373  3.671   18.063  1.00 20.25 ? 51  ASP A OD1 1 
ATOM   241  O  OD2 . ASP A 1 33  ? -4.535  5.503   17.833  1.00 24.93 ? 51  ASP A OD2 1 
ATOM   242  N  N   . PRO A 1 34  ? -0.798  3.121   13.722  1.00 16.70 ? 52  PRO A N   1 
ATOM   243  C  CA  . PRO A 1 34  ? -0.421  3.113   12.297  1.00 16.86 ? 52  PRO A CA  1 
ATOM   244  C  C   . PRO A 1 34  ? -1.367  2.280   11.435  1.00 16.77 ? 52  PRO A C   1 
ATOM   245  O  O   . PRO A 1 34  ? -1.855  1.217   11.859  1.00 17.41 ? 52  PRO A O   1 
ATOM   246  C  CB  . PRO A 1 34  ? 0.979   2.500   12.310  1.00 16.26 ? 52  PRO A CB  1 
ATOM   247  C  CG  . PRO A 1 34  ? 0.976   1.591   13.509  1.00 17.68 ? 52  PRO A CG  1 
ATOM   248  C  CD  . PRO A 1 34  ? 0.118   2.314   14.557  1.00 16.20 ? 52  PRO A CD  1 
ATOM   249  N  N   . TYR A 1 35  ? -1.618  2.748   10.223  1.00 17.35 ? 53  TYR A N   1 
ATOM   250  C  CA  . TYR A 1 35  ? -2.356  1.936   9.254   1.00 16.47 ? 53  TYR A CA  1 
ATOM   251  C  C   . TYR A 1 35  ? -1.975  2.312   7.833   1.00 15.71 ? 53  TYR A C   1 
ATOM   252  O  O   . TYR A 1 35  ? -1.215  3.248   7.609   1.00 15.44 ? 53  TYR A O   1 
ATOM   253  C  CB  . TYR A 1 35  ? -3.873  2.017   9.455   1.00 16.92 ? 53  TYR A CB  1 
ATOM   254  C  CG  . TYR A 1 35  ? -4.493  3.359   9.136   1.00 17.63 ? 53  TYR A CG  1 
ATOM   255  C  CD1 . TYR A 1 35  ? -4.506  4.394   10.090  1.00 19.09 ? 53  TYR A CD1 1 
ATOM   256  C  CD2 . TYR A 1 35  ? -5.073  3.599   7.891   1.00 13.89 ? 53  TYR A CD2 1 
ATOM   257  C  CE1 . TYR A 1 35  ? -5.090  5.637   9.797   1.00 19.64 ? 53  TYR A CE1 1 
ATOM   258  C  CE2 . TYR A 1 35  ? -5.650  4.833   7.581   1.00 16.33 ? 53  TYR A CE2 1 
ATOM   259  C  CZ  . TYR A 1 35  ? -5.673  5.842   8.557   1.00 18.90 ? 53  TYR A CZ  1 
ATOM   260  O  OH  . TYR A 1 35  ? -6.244  7.059   8.251   1.00 18.98 ? 53  TYR A OH  1 
ATOM   261  N  N   . ILE A 1 36  ? -2.492  1.552   6.874   1.00 14.91 ? 54  ILE A N   1 
ATOM   262  C  CA  . ILE A 1 36  ? -2.176  1.806   5.460   1.00 14.65 ? 54  ILE A CA  1 
ATOM   263  C  C   . ILE A 1 36  ? -3.437  1.930   4.641   1.00 14.88 ? 54  ILE A C   1 
ATOM   264  O  O   . ILE A 1 36  ? -4.370  1.146   4.801   1.00 14.68 ? 54  ILE A O   1 
ATOM   265  C  CB  . ILE A 1 36  ? -1.231  0.714   4.889   1.00 15.11 ? 54  ILE A CB  1 
ATOM   266  C  CG1 . ILE A 1 36  ? 0.151   0.845   5.544   1.00 14.18 ? 54  ILE A CG1 1 
ATOM   267  C  CG2 . ILE A 1 36  ? -1.109  0.801   3.295   1.00 14.16 ? 54  ILE A CG2 1 
ATOM   268  C  CD1 . ILE A 1 36  ? 1.166   -0.287  5.131   1.00 15.92 ? 54  ILE A CD1 1 
ATOM   269  N  N   . THR A 1 37  ? -3.438  2.927   3.752   1.00 14.87 ? 55  THR A N   1 
ATOM   270  C  CA  . THR A 1 37  ? -4.480  3.133   2.786   1.00 16.03 ? 55  THR A CA  1 
ATOM   271  C  C   . THR A 1 37  ? -3.947  2.646   1.455   1.00 16.55 ? 55  THR A C   1 
ATOM   272  O  O   . THR A 1 37  ? -2.873  3.089   0.993   1.00 16.20 ? 55  THR A O   1 
ATOM   273  C  CB  . THR A 1 37  ? -4.856  4.602   2.671   1.00 16.26 ? 55  THR A CB  1 
ATOM   274  O  OG1 . THR A 1 37  ? -5.433  5.015   3.903   1.00 17.15 ? 55  THR A OG1 1 
ATOM   275  C  CG2 . THR A 1 37  ? -5.900  4.845   1.550   1.00 14.96 ? 55  THR A CG2 1 
ATOM   276  N  N   . VAL A 1 38  ? -4.705  1.731   0.872   1.00 16.35 ? 56  VAL A N   1 
ATOM   277  C  CA  . VAL A 1 38  ? -4.386  1.143   -0.429  1.00 16.61 ? 56  VAL A CA  1 
ATOM   278  C  C   . VAL A 1 38  ? -5.410  1.648   -1.443  1.00 17.19 ? 56  VAL A C   1 
ATOM   279  O  O   . VAL A 1 38  ? -6.632  1.479   -1.275  1.00 17.44 ? 56  VAL A O   1 
ATOM   280  C  CB  . VAL A 1 38  ? -4.378  -0.416  -0.392  1.00 16.73 ? 56  VAL A CB  1 
ATOM   281  C  CG1 . VAL A 1 38  ? -3.969  -1.033  -1.800  1.00 17.26 ? 56  VAL A CG1 1 
ATOM   282  C  CG2 . VAL A 1 38  ? -3.475  -0.958  0.724   1.00 14.74 ? 56  VAL A CG2 1 
ATOM   283  N  N   . SER A 1 39  ? -4.894  2.287   -2.490  1.00 18.41 ? 57  SER A N   1 
ATOM   284  C  CA  . SER A 1 39  ? -5.706  2.797   -3.555  1.00 18.65 ? 57  SER A CA  1 
ATOM   285  C  C   . SER A 1 39  ? -5.102  2.357   -4.908  1.00 19.99 ? 57  SER A C   1 
ATOM   286  O  O   . SER A 1 39  ? -3.927  1.994   -4.982  1.00 18.84 ? 57  SER A O   1 
ATOM   287  C  CB  . SER A 1 39  ? -5.806  4.323   -3.472  1.00 18.31 ? 57  SER A CB  1 
ATOM   288  O  OG  . SER A 1 39  ? -4.545  4.966   -3.594  1.00 18.34 ? 57  SER A OG  1 
ATOM   289  N  N   . VAL A 1 40  ? -5.940  2.375   -5.947  1.00 19.29 ? 58  VAL A N   1 
ATOM   290  C  CA  . VAL A 1 40  ? -5.501  2.110   -7.316  1.00 20.45 ? 58  VAL A CA  1 
ATOM   291  C  C   . VAL A 1 40  ? -5.837  3.361   -8.123  1.00 20.92 ? 58  VAL A C   1 
ATOM   292  O  O   . VAL A 1 40  ? -7.020  3.748   -8.217  1.00 21.18 ? 58  VAL A O   1 
ATOM   293  C  CB  . VAL A 1 40  ? -6.191  0.868   -7.904  1.00 20.31 ? 58  VAL A CB  1 
ATOM   294  C  CG1 . VAL A 1 40  ? -5.650  0.565   -9.310  1.00 20.91 ? 58  VAL A CG1 1 
ATOM   295  C  CG2 . VAL A 1 40  ? -5.964  -0.361  -6.984  1.00 20.54 ? 58  VAL A CG2 1 
ATOM   296  N  N   . LYS A 1 41  ? -4.802  4.000   -8.666  1.00 20.84 ? 59  LYS A N   1 
ATOM   297  C  CA  . LYS A 1 41  ? -4.935  5.298   -9.339  1.00 22.84 ? 59  LYS A CA  1 
ATOM   298  C  C   . LYS A 1 41  ? -4.597  5.163   -10.809 1.00 23.62 ? 59  LYS A C   1 
ATOM   299  O  O   . LYS A 1 41  ? -3.699  4.400   -11.149 1.00 23.61 ? 59  LYS A O   1 
ATOM   300  C  CB  . LYS A 1 41  ? -3.979  6.342   -8.717  1.00 22.56 ? 59  LYS A CB  1 
ATOM   301  C  CG  . LYS A 1 41  ? -4.229  6.682   -7.222  1.00 23.50 ? 59  LYS A CG  1 
ATOM   302  C  CD  . LYS A 1 41  ? -5.565  7.339   -6.998  1.00 24.27 ? 59  LYS A CD  1 
ATOM   303  C  CE  . LYS A 1 41  ? -5.539  8.245   -5.751  1.00 22.69 ? 59  LYS A CE  1 
ATOM   304  N  NZ  . LYS A 1 41  ? -5.997  7.559   -4.546  1.00 26.10 ? 59  LYS A NZ  1 
ATOM   305  N  N   . ASP A 1 42  ? -5.292  5.904   -11.674 1.00 24.91 ? 60  ASP A N   1 
ATOM   306  C  CA  . ASP A 1 42  ? -4.894  5.954   -13.098 1.00 25.98 ? 60  ASP A CA  1 
ATOM   307  C  C   . ASP A 1 42  ? -3.649  6.819   -13.300 1.00 25.81 ? 60  ASP A C   1 
ATOM   308  O  O   . ASP A 1 42  ? -3.089  7.367   -12.338 1.00 24.98 ? 60  ASP A O   1 
ATOM   309  C  CB  . ASP A 1 42  ? -6.060  6.329   -14.056 1.00 26.00 ? 60  ASP A CB  1 
ATOM   310  C  CG  . ASP A 1 42  ? -6.528  7.785   -13.932 1.00 28.12 ? 60  ASP A CG  1 
ATOM   311  O  OD1 . ASP A 1 42  ? -5.870  8.620   -13.284 1.00 29.70 ? 60  ASP A OD1 1 
ATOM   312  O  OD2 . ASP A 1 42  ? -7.600  8.103   -14.501 1.00 29.48 ? 60  ASP A OD2 1 
ATOM   313  N  N   . LEU A 1 43  ? -3.212  6.935   -14.548 1.00 26.60 ? 61  LEU A N   1 
ATOM   314  C  CA  . LEU A 1 43  ? -2.081  7.815   -14.889 1.00 27.79 ? 61  LEU A CA  1 
ATOM   315  C  C   . LEU A 1 43  ? -2.181  9.212   -14.324 1.00 27.71 ? 61  LEU A C   1 
ATOM   316  O  O   . LEU A 1 43  ? -1.164  9.842   -14.035 1.00 27.95 ? 61  LEU A O   1 
ATOM   317  C  CB  . LEU A 1 43  ? -1.971  7.984   -16.392 1.00 28.24 ? 61  LEU A CB  1 
ATOM   318  C  CG  . LEU A 1 43  ? -0.991  7.119   -17.135 1.00 30.00 ? 61  LEU A CG  1 
ATOM   319  C  CD1 . LEU A 1 43  ? -0.970  7.670   -18.548 1.00 32.54 ? 61  LEU A CD1 1 
ATOM   320  C  CD2 . LEU A 1 43  ? 0.389   7.149   -16.487 1.00 31.95 ? 61  LEU A CD2 1 
ATOM   321  N  N   . ASN A 1 44  ? -3.403  9.718   -14.240 1.00 27.42 ? 62  ASN A N   1 
ATOM   322  C  CA  . ASN A 1 44  ? -3.604  11.093  -13.807 1.00 28.15 ? 62  ASN A CA  1 
ATOM   323  C  C   . ASN A 1 44  ? -3.874  11.221  -12.316 1.00 27.47 ? 62  ASN A C   1 
ATOM   324  O  O   . ASN A 1 44  ? -4.229  12.297  -11.855 1.00 27.86 ? 62  ASN A O   1 
ATOM   325  C  CB  . ASN A 1 44  ? -4.702  11.764  -14.630 1.00 28.80 ? 62  ASN A CB  1 
ATOM   326  C  CG  . ASN A 1 44  ? -4.357  11.836  -16.127 1.00 31.09 ? 62  ASN A CG  1 
ATOM   327  O  OD1 . ASN A 1 44  ? -5.164  11.455  -16.970 1.00 35.50 ? 62  ASN A OD1 1 
ATOM   328  N  ND2 . ASN A 1 44  ? -3.161  12.320  -16.447 1.00 31.13 ? 62  ASN A ND2 1 
ATOM   329  N  N   . GLY A 1 45  ? -3.696  10.126  -11.572 1.00 27.14 ? 63  GLY A N   1 
ATOM   330  C  CA  . GLY A 1 45  ? -3.834  10.139  -10.116 1.00 26.65 ? 63  GLY A CA  1 
ATOM   331  C  C   . GLY A 1 45  ? -5.277  10.059  -9.635  1.00 27.15 ? 63  GLY A C   1 
ATOM   332  O  O   . GLY A 1 45  ? -5.573  10.411  -8.494  1.00 26.80 ? 63  GLY A O   1 
ATOM   333  N  N   . ILE A 1 46  ? -6.161  9.573   -10.502 1.00 26.77 ? 64  ILE A N   1 
ATOM   334  C  CA  . ILE A 1 46  ? -7.587  9.417   -10.195 1.00 26.96 ? 64  ILE A CA  1 
ATOM   335  C  C   . ILE A 1 46  ? -7.893  7.991   -9.793  1.00 26.24 ? 64  ILE A C   1 
ATOM   336  O  O   . ILE A 1 46  ? -7.469  7.050   -10.467 1.00 26.48 ? 64  ILE A O   1 
ATOM   337  C  CB  . ILE A 1 46  ? -8.510  9.799   -11.415 1.00 27.32 ? 64  ILE A CB  1 
ATOM   338  C  CG1 . ILE A 1 46  ? -8.226  11.223  -11.921 1.00 29.08 ? 64  ILE A CG1 1 
ATOM   339  C  CG2 . ILE A 1 46  ? -10.021 9.582   -11.089 1.00 26.69 ? 64  ILE A CG2 1 
ATOM   340  C  CD1 . ILE A 1 46  ? -8.104  12.308  -10.843 1.00 31.14 ? 64  ILE A CD1 1 
ATOM   341  N  N   . ASP A 1 47  ? -8.638  7.840   -8.694  1.00 25.80 ? 65  ASP A N   1 
ATOM   342  C  CA  . ASP A 1 47  ? -9.114  6.538   -8.223  1.00 25.54 ? 65  ASP A CA  1 
ATOM   343  C  C   . ASP A 1 47  ? -9.904  5.726   -9.243  1.00 26.26 ? 65  ASP A C   1 
ATOM   344  O  O   . ASP A 1 47  ? -10.902 6.195   -9.794  1.00 26.19 ? 65  ASP A O   1 
ATOM   345  C  CB  . ASP A 1 47  ? -9.946  6.692   -6.964  1.00 25.31 ? 65  ASP A CB  1 
ATOM   346  C  CG  . ASP A 1 47  ? -9.093  6.915   -5.743  1.00 26.59 ? 65  ASP A CG  1 
ATOM   347  O  OD1 . ASP A 1 47  ? -8.206  6.081   -5.450  1.00 26.15 ? 65  ASP A OD1 1 
ATOM   348  O  OD2 . ASP A 1 47  ? -9.306  7.945   -5.098  1.00 29.54 ? 65  ASP A OD2 1 
ATOM   349  N  N   . LEU A 1 48  ? -9.420  4.513   -9.493  1.00 25.97 ? 66  LEU A N   1 
ATOM   350  C  CA  . LEU A 1 48  ? -10.051 3.574   -10.408 1.00 26.41 ? 66  LEU A CA  1 
ATOM   351  C  C   . LEU A 1 48  ? -10.928 2.607   -9.618  1.00 26.26 ? 66  LEU A C   1 
ATOM   352  O  O   . LEU A 1 48  ? -11.794 1.938   -10.181 1.00 26.34 ? 66  LEU A O   1 
ATOM   353  C  CB  . LEU A 1 48  ? -8.978  2.794   -11.173 1.00 26.42 ? 66  LEU A CB  1 
ATOM   354  C  CG  . LEU A 1 48  ? -8.211  3.515   -12.288 1.00 27.42 ? 66  LEU A CG  1 
ATOM   355  C  CD1 . LEU A 1 48  ? -6.913  2.766   -12.543 1.00 26.46 ? 66  LEU A CD1 1 
ATOM   356  C  CD2 . LEU A 1 48  ? -9.046  3.590   -13.570 1.00 29.11 ? 66  LEU A CD2 1 
ATOM   357  N  N   . ASN A 1 49  ? -10.673 2.548   -8.309  1.00 25.86 ? 67  ASN A N   1 
ATOM   358  C  CA  . ASN A 1 49  ? -11.278 1.607   -7.375  1.00 26.23 ? 67  ASN A CA  1 
ATOM   359  C  C   . ASN A 1 49  ? -11.622 2.346   -6.075  1.00 26.53 ? 67  ASN A C   1 
ATOM   360  O  O   . ASN A 1 49  ? -11.079 3.446   -5.823  1.00 26.62 ? 67  ASN A O   1 
ATOM   361  C  CB  . ASN A 1 49  ? -10.279 0.512   -6.968  1.00 25.71 ? 67  ASN A CB  1 
ATOM   362  C  CG  . ASN A 1 49  ? -9.968  -0.484  -8.071  1.00 27.97 ? 67  ASN A CG  1 
ATOM   363  O  OD1 . ASN A 1 49  ? -10.486 -0.410  -9.195  1.00 30.47 ? 67  ASN A OD1 1 
ATOM   364  N  ND2 . ASN A 1 49  ? -9.110  -1.437  -7.742  1.00 25.09 ? 67  ASN A ND2 1 
ATOM   365  N  N   . PRO A 1 50  ? -12.489 1.736   -5.229  1.00 26.82 ? 68  PRO A N   1 
ATOM   366  C  CA  . PRO A 1 50  ? -12.672 2.245   -3.861  1.00 26.85 ? 68  PRO A CA  1 
ATOM   367  C  C   . PRO A 1 50  ? -11.387 2.105   -3.057  1.00 26.45 ? 68  PRO A C   1 
ATOM   368  O  O   . PRO A 1 50  ? -10.684 1.090   -3.170  1.00 26.33 ? 68  PRO A O   1 
ATOM   369  C  CB  . PRO A 1 50  ? -13.762 1.343   -3.273  1.00 27.02 ? 68  PRO A CB  1 
ATOM   370  C  CG  . PRO A 1 50  ? -13.815 0.149   -4.166  1.00 27.91 ? 68  PRO A CG  1 
ATOM   371  C  CD  . PRO A 1 50  ? -13.381 0.599   -5.520  1.00 26.93 ? 68  PRO A CD  1 
ATOM   372  N  N   . VAL A 1 51  ? -11.113 3.130   -2.262  1.00 25.65 ? 69  VAL A N   1 
ATOM   373  C  CA  . VAL A 1 51  ? -9.940  3.214   -1.408  1.00 25.69 ? 69  VAL A CA  1 
ATOM   374  C  C   . VAL A 1 51  ? -10.204 2.280   -0.242  1.00 25.40 ? 69  VAL A C   1 
ATOM   375  O  O   . VAL A 1 51  ? -11.353 2.173   0.198   1.00 26.69 ? 69  VAL A O   1 
ATOM   376  C  CB  . VAL A 1 51  ? -9.722  4.692   -0.976  1.00 25.57 ? 69  VAL A CB  1 
ATOM   377  C  CG1 . VAL A 1 51  ? -8.504  4.841   -0.119  1.00 25.43 ? 69  VAL A CG1 1 
ATOM   378  C  CG2 . VAL A 1 51  ? -9.564  5.577   -2.223  1.00 26.07 ? 69  VAL A CG2 1 
ATOM   379  N  N   . GLN A 1 52  ? -9.178  1.577   0.230   1.00 23.76 ? 70  GLN A N   1 
ATOM   380  C  CA  . GLN A 1 52  ? -9.305  0.657   1.350   1.00 23.38 ? 70  GLN A CA  1 
ATOM   381  C  C   . GLN A 1 52  ? -8.270  0.918   2.451   1.00 23.58 ? 70  GLN A C   1 
ATOM   382  O  O   . GLN A 1 52  ? -7.074  1.030   2.163   1.00 23.39 ? 70  GLN A O   1 
ATOM   383  C  CB  . GLN A 1 52  ? -9.130  -0.781  0.888   1.00 23.48 ? 70  GLN A CB  1 
ATOM   384  C  CG  . GLN A 1 52  ? -10.118 -1.281  -0.180  1.00 23.53 ? 70  GLN A CG  1 
ATOM   385  C  CD  . GLN A 1 52  ? -9.763  -2.670  -0.618  1.00 23.20 ? 70  GLN A CD  1 
ATOM   386  O  OE1 . GLN A 1 52  ? -10.057 -3.638  0.082   1.00 26.43 ? 70  GLN A OE1 1 
ATOM   387  N  NE2 . GLN A 1 52  ? -9.086  -2.787  -1.765  1.00 20.31 ? 70  GLN A NE2 1 
ATOM   388  N  N   . ASP A 1 53  ? -8.731  0.991   3.705   1.00 23.12 ? 71  ASP A N   1 
ATOM   389  C  CA  . ASP A 1 53  ? -7.833  1.173   4.857   1.00 22.43 ? 71  ASP A CA  1 
ATOM   390  C  C   . ASP A 1 53  ? -7.604  -0.129  5.585   1.00 21.96 ? 71  ASP A C   1 
ATOM   391  O  O   . ASP A 1 53  ? -8.568  -0.830  5.925   1.00 23.34 ? 71  ASP A O   1 
ATOM   392  C  CB  . ASP A 1 53  ? -8.415  2.183   5.859   1.00 22.16 ? 71  ASP A CB  1 
ATOM   393  C  CG  . ASP A 1 53  ? -8.399  3.597   5.360   1.00 24.19 ? 71  ASP A CG  1 
ATOM   394  O  OD1 . ASP A 1 53  ? -7.803  3.896   4.287   1.00 22.46 ? 71  ASP A OD1 1 
ATOM   395  O  OD2 . ASP A 1 53  ? -8.986  4.451   6.067   1.00 23.81 ? 71  ASP A OD2 1 
ATOM   396  N  N   . THR A 1 54  ? -6.352  -0.468  5.874   1.00 21.03 ? 72  THR A N   1 
ATOM   397  C  CA  . THR A 1 54  ? -6.130  -1.585  6.781   1.00 20.00 ? 72  THR A CA  1 
ATOM   398  C  C   . THR A 1 54  ? -6.677  -1.185  8.160   1.00 21.35 ? 72  THR A C   1 
ATOM   399  O  O   . THR A 1 54  ? -6.842  0.023   8.451   1.00 19.93 ? 72  THR A O   1 
ATOM   400  C  CB  . THR A 1 54  ? -4.655  -2.038  6.956   1.00 20.12 ? 72  THR A CB  1 
ATOM   401  O  OG1 . THR A 1 54  ? -3.927  -1.079  7.740   1.00 18.45 ? 72  THR A OG1 1 
ATOM   402  C  CG2 . THR A 1 54  ? -3.928  -2.322  5.591   1.00 17.30 ? 72  THR A CG2 1 
ATOM   403  N  N   . PRO A 1 55  ? -6.996  -2.191  8.991   1.00 21.70 ? 73  PRO A N   1 
ATOM   404  C  CA  . PRO A 1 55  ? -7.135  -1.892  10.415  1.00 21.82 ? 73  PRO A CA  1 
ATOM   405  C  C   . PRO A 1 55  ? -5.810  -1.363  10.937  1.00 22.11 ? 73  PRO A C   1 
ATOM   406  O  O   . PRO A 1 55  ? -4.754  -1.550  10.297  1.00 22.02 ? 73  PRO A O   1 
ATOM   407  C  CB  . PRO A 1 55  ? -7.369  -3.257  11.052  1.00 21.96 ? 73  PRO A CB  1 
ATOM   408  C  CG  . PRO A 1 55  ? -7.862  -4.150  9.935   1.00 22.75 ? 73  PRO A CG  1 
ATOM   409  C  CD  . PRO A 1 55  ? -7.245  -3.612  8.672   1.00 21.86 ? 73  PRO A CD  1 
ATOM   410  N  N   . VAL A 1 56  ? -5.861  -0.730  12.107  1.00 21.11 ? 74  VAL A N   1 
ATOM   411  C  CA  . VAL A 1 56  ? -4.655  -0.307  12.816  1.00 20.02 ? 74  VAL A CA  1 
ATOM   412  C  C   . VAL A 1 56  ? -3.783  -1.499  13.219  1.00 20.13 ? 74  VAL A C   1 
ATOM   413  O  O   . VAL A 1 56  ? -4.268  -2.523  13.718  1.00 19.11 ? 74  VAL A O   1 
ATOM   414  C  CB  . VAL A 1 56  ? -5.014  0.599   14.034  1.00 19.99 ? 74  VAL A CB  1 
ATOM   415  C  CG1 . VAL A 1 56  ? -3.842  0.748   15.014  1.00 19.68 ? 74  VAL A CG1 1 
ATOM   416  C  CG2 . VAL A 1 56  ? -5.441  1.950   13.534  1.00 20.75 ? 74  VAL A CG2 1 
ATOM   417  N  N   . ALA A 1 57  ? -2.488  -1.367  12.977  1.00 19.50 ? 75  ALA A N   1 
ATOM   418  C  CA  . ALA A 1 57  ? -1.536  -2.402  13.309  1.00 20.98 ? 75  ALA A CA  1 
ATOM   419  C  C   . ALA A 1 57  ? -1.038  -2.176  14.739  1.00 22.20 ? 75  ALA A C   1 
ATOM   420  O  O   . ALA A 1 57  ? -0.728  -1.038  15.127  1.00 22.80 ? 75  ALA A O   1 
ATOM   421  C  CB  . ALA A 1 57  ? -0.362  -2.384  12.323  1.00 20.42 ? 75  ALA A CB  1 
ATOM   422  N  N   . THR A 1 58  ? -0.921  -3.261  15.496  1.00 23.02 ? 76  THR A N   1 
ATOM   423  C  CA  . THR A 1 58  ? -0.546  -3.176  16.914  1.00 24.46 ? 76  THR A CA  1 
ATOM   424  C  C   . THR A 1 58  ? 0.806   -3.811  17.173  1.00 24.74 ? 76  THR A C   1 
ATOM   425  O  O   . THR A 1 58  ? 1.435   -3.560  18.204  1.00 24.85 ? 76  THR A O   1 
ATOM   426  C  CB  . THR A 1 58  ? -1.646  -3.834  17.815  1.00 24.40 ? 76  THR A CB  1 
ATOM   427  O  OG1 . THR A 1 58  ? -1.896  -5.174  17.362  1.00 25.98 ? 76  THR A OG1 1 
ATOM   428  C  CG2 . THR A 1 58  ? -2.946  -3.039  17.708  1.00 25.28 ? 76  THR A CG2 1 
ATOM   429  N  N   . ARG A 1 59  ? 1.274   -4.627  16.232  1.00 24.94 ? 77  ARG A N   1 
ATOM   430  C  CA  . ARG A 1 59  ? 2.534   -5.321  16.414  1.00 25.78 ? 77  ARG A CA  1 
ATOM   431  C  C   . ARG A 1 59  ? 3.691   -4.427  15.966  1.00 25.63 ? 77  ARG A C   1 
ATOM   432  O  O   . ARG A 1 59  ? 4.060   -4.420  14.788  1.00 25.58 ? 77  ARG A O   1 
ATOM   433  C  CB  . ARG A 1 59  ? 2.531   -6.676  15.680  1.00 25.70 ? 77  ARG A CB  1 
ATOM   434  C  CG  . ARG A 1 59  ? 1.405   -7.654  16.129  1.00 28.55 ? 77  ARG A CG  1 
ATOM   435  C  CD  . ARG A 1 59  ? 1.119   -8.716  15.038  1.00 28.34 ? 77  ARG A CD  1 
ATOM   436  N  NE  . ARG A 1 59  ? 2.351   -9.397  14.650  1.00 32.68 ? 77  ARG A NE  1 
ATOM   437  C  CZ  . ARG A 1 59  ? 2.591   -9.893  13.440  1.00 34.31 ? 77  ARG A CZ  1 
ATOM   438  N  NH1 . ARG A 1 59  ? 1.685   -9.779  12.463  1.00 33.93 ? 77  ARG A NH1 1 
ATOM   439  N  NH2 . ARG A 1 59  ? 3.746   -10.498 13.210  1.00 34.49 ? 77  ARG A NH2 1 
ATOM   440  N  N   . LYS A 1 60  ? 4.248   -3.672  16.917  1.00 25.23 ? 78  LYS A N   1 
ATOM   441  C  CA  . LYS A 1 60  ? 5.273   -2.654  16.633  1.00 24.85 ? 78  LYS A CA  1 
ATOM   442  C  C   . LYS A 1 60  ? 6.610   -3.087  17.213  1.00 24.84 ? 78  LYS A C   1 
ATOM   443  O  O   . LYS A 1 60  ? 6.671   -3.691  18.290  1.00 24.83 ? 78  LYS A O   1 
ATOM   444  C  CB  . LYS A 1 60  ? 4.874   -1.275  17.207  1.00 25.22 ? 78  LYS A CB  1 
ATOM   445  C  CG  . LYS A 1 60  ? 3.497   -0.727  16.750  1.00 25.21 ? 78  LYS A CG  1 
ATOM   446  C  CD  . LYS A 1 60  ? 3.431   0.794   16.916  1.00 25.53 ? 78  LYS A CD  1 
ATOM   447  C  CE  . LYS A 1 60  ? 3.781   1.257   18.349  1.00 24.57 ? 78  LYS A CE  1 
ATOM   448  N  NZ  . LYS A 1 60  ? 3.324   2.657   18.570  1.00 23.04 ? 78  LYS A NZ  1 
ATOM   449  N  N   . GLU A 1 61  ? 7.673   -2.812  16.471  1.00 23.81 ? 79  GLU A N   1 
ATOM   450  C  CA  . GLU A 1 61  ? 9.045   -3.034  16.894  1.00 24.02 ? 79  GLU A CA  1 
ATOM   451  C  C   . GLU A 1 61  ? 9.704   -1.675  16.674  1.00 23.12 ? 79  GLU A C   1 
ATOM   452  O  O   . GLU A 1 61  ? 9.046   -0.744  16.190  1.00 23.52 ? 79  GLU A O   1 
ATOM   453  C  CB  . GLU A 1 61  ? 9.755   -4.106  16.035  1.00 24.15 ? 79  GLU A CB  1 
ATOM   454  C  CG  . GLU A 1 61  ? 9.079   -5.482  15.980  1.00 26.50 ? 79  GLU A CG  1 
ATOM   455  C  CD  . GLU A 1 61  ? 9.868   -6.561  15.184  1.00 27.22 ? 79  GLU A CD  1 
ATOM   456  O  OE1 . GLU A 1 61  ? 10.703  -6.255  14.284  1.00 28.91 ? 79  GLU A OE1 1 
ATOM   457  O  OE2 . GLU A 1 61  ? 9.620   -7.757  15.467  1.00 33.98 ? 79  GLU A OE2 1 
ATOM   458  N  N   . ASP A 1 62  ? 10.978  -1.561  17.017  1.00 22.07 ? 80  ASP A N   1 
ATOM   459  C  CA  . ASP A 1 62  ? 11.720  -0.325  16.845  1.00 21.66 ? 80  ASP A CA  1 
ATOM   460  C  C   . ASP A 1 62  ? 11.668  0.177   15.388  1.00 20.52 ? 80  ASP A C   1 
ATOM   461  O  O   . ASP A 1 62  ? 11.374  1.355   15.133  1.00 18.42 ? 80  ASP A O   1 
ATOM   462  C  CB  . ASP A 1 62  ? 13.187  -0.531  17.231  1.00 22.86 ? 80  ASP A CB  1 
ATOM   463  C  CG  . ASP A 1 62  ? 13.397  -0.767  18.735  1.00 27.51 ? 80  ASP A CG  1 
ATOM   464  O  OD1 . ASP A 1 62  ? 12.417  -0.857  19.519  1.00 31.82 ? 80  ASP A OD1 1 
ATOM   465  O  OD2 . ASP A 1 62  ? 14.582  -0.845  19.117  1.00 31.36 ? 80  ASP A OD2 1 
ATOM   466  N  N   . THR A 1 63  ? 11.952  -0.714  14.436  1.00 18.87 ? 81  THR A N   1 
ATOM   467  C  CA  . THR A 1 63  ? 12.061  -0.286  13.033  1.00 19.40 ? 81  THR A CA  1 
ATOM   468  C  C   . THR A 1 63  ? 11.078  -0.990  12.077  1.00 19.04 ? 81  THR A C   1 
ATOM   469  O  O   . THR A 1 63  ? 11.116  -0.752  10.870  1.00 18.40 ? 81  THR A O   1 
ATOM   470  C  CB  . THR A 1 63  ? 13.503  -0.403  12.499  1.00 19.70 ? 81  THR A CB  1 
ATOM   471  O  OG1 . THR A 1 63  ? 13.892  -1.776  12.517  1.00 20.42 ? 81  THR A OG1 1 
ATOM   472  C  CG2 . THR A 1 63  ? 14.468  0.371   13.359  1.00 21.13 ? 81  THR A CG2 1 
ATOM   473  N  N   . TYR A 1 64  ? 10.176  -1.811  12.616  1.00 18.33 ? 82  TYR A N   1 
ATOM   474  C  CA  . TYR A 1 64  ? 9.119   -2.424  11.816  1.00 18.92 ? 82  TYR A CA  1 
ATOM   475  C  C   . TYR A 1 64  ? 7.761   -2.381  12.488  1.00 18.75 ? 82  TYR A C   1 
ATOM   476  O  O   . TYR A 1 64  ? 7.647   -2.483  13.702  1.00 19.36 ? 82  TYR A O   1 
ATOM   477  C  CB  . TYR A 1 64  ? 9.458   -3.889  11.443  1.00 18.29 ? 82  TYR A CB  1 
ATOM   478  C  CG  . TYR A 1 64  ? 10.544  -3.996  10.416  1.00 18.11 ? 82  TYR A CG  1 
ATOM   479  C  CD1 . TYR A 1 64  ? 10.247  -3.952  9.057   1.00 16.45 ? 82  TYR A CD1 1 
ATOM   480  C  CD2 . TYR A 1 64  ? 11.888  -4.081  10.809  1.00 16.94 ? 82  TYR A CD2 1 
ATOM   481  C  CE1 . TYR A 1 64  ? 11.269  -4.004  8.103   1.00 17.02 ? 82  TYR A CE1 1 
ATOM   482  C  CE2 . TYR A 1 64  ? 12.921  -4.129  9.860   1.00 20.18 ? 82  TYR A CE2 1 
ATOM   483  C  CZ  . TYR A 1 64  ? 12.592  -4.110  8.514   1.00 18.93 ? 82  TYR A CZ  1 
ATOM   484  O  OH  . TYR A 1 64  ? 13.593  -4.158  7.587   1.00 19.95 ? 82  TYR A OH  1 
ATOM   485  N  N   . ILE A 1 65  ? 6.732   -2.219  11.669  1.00 18.97 ? 83  ILE A N   1 
ATOM   486  C  CA  . ILE A 1 65  ? 5.368   -2.434  12.089  1.00 18.73 ? 83  ILE A CA  1 
ATOM   487  C  C   . ILE A 1 65  ? 4.883   -3.602  11.260  1.00 19.05 ? 83  ILE A C   1 
ATOM   488  O  O   . ILE A 1 65  ? 4.930   -3.560  10.028  1.00 16.54 ? 83  ILE A O   1 
ATOM   489  C  CB  . ILE A 1 65  ? 4.508   -1.178  11.858  1.00 18.77 ? 83  ILE A CB  1 
ATOM   490  C  CG1 . ILE A 1 65  ? 4.940   -0.092  12.847  1.00 19.27 ? 83  ILE A CG1 1 
ATOM   491  C  CG2 . ILE A 1 65  ? 3.002   -1.470  12.037  1.00 19.09 ? 83  ILE A CG2 1 
ATOM   492  C  CD1 . ILE A 1 65  ? 4.787   1.293   12.293  1.00 19.53 ? 83  ILE A CD1 1 
ATOM   493  N  N   . HIS A 1 66  ? 4.441   -4.651  11.953  1.00 19.40 ? 84  HIS A N   1 
ATOM   494  C  CA  . HIS A 1 66  ? 3.901   -5.851  11.311  1.00 19.88 ? 84  HIS A CA  1 
ATOM   495  C  C   . HIS A 1 66  ? 2.388   -5.731  11.138  1.00 20.65 ? 84  HIS A C   1 
ATOM   496  O  O   . HIS A 1 66  ? 1.678   -5.352  12.073  1.00 20.78 ? 84  HIS A O   1 
ATOM   497  C  CB  . HIS A 1 66  ? 4.299   -7.101  12.110  1.00 19.90 ? 84  HIS A CB  1 
ATOM   498  C  CG  . HIS A 1 66  ? 5.783   -7.285  12.189  1.00 20.26 ? 84  HIS A CG  1 
ATOM   499  N  ND1 . HIS A 1 66  ? 6.563   -6.652  13.128  1.00 22.70 ? 84  HIS A ND1 1 
ATOM   500  C  CD2 . HIS A 1 66  ? 6.633   -7.961  11.391  1.00 19.69 ? 84  HIS A CD2 1 
ATOM   501  C  CE1 . HIS A 1 66  ? 7.833   -6.937  12.913  1.00 19.83 ? 84  HIS A CE1 1 
ATOM   502  N  NE2 . HIS A 1 66  ? 7.900   -7.729  11.861  1.00 23.49 ? 84  HIS A NE2 1 
ATOM   503  N  N   . PHE A 1 67  ? 1.920   -6.017  9.919   1.00 20.18 ? 85  PHE A N   1 
ATOM   504  C  CA  . PHE A 1 67  ? 0.526   -5.926  9.536   1.00 20.72 ? 85  PHE A CA  1 
ATOM   505  C  C   . PHE A 1 67  ? -0.077  -7.312  9.347   1.00 22.05 ? 85  PHE A C   1 
ATOM   506  O  O   . PHE A 1 67  ? -1.129  -7.621  9.947   1.00 21.56 ? 85  PHE A O   1 
ATOM   507  C  CB  . PHE A 1 67  ? 0.371   -5.135  8.220   1.00 20.50 ? 85  PHE A CB  1 
ATOM   508  C  CG  . PHE A 1 67  ? 0.380   -3.635  8.404   1.00 19.22 ? 85  PHE A CG  1 
ATOM   509  C  CD1 . PHE A 1 67  ? -0.816  -2.918  8.500   1.00 19.63 ? 85  PHE A CD1 1 
ATOM   510  C  CD2 . PHE A 1 67  ? 1.591   -2.946  8.529   1.00 19.17 ? 85  PHE A CD2 1 
ATOM   511  C  CE1 . PHE A 1 67  ? -0.793  -1.525  8.693   1.00 17.84 ? 85  PHE A CE1 1 
ATOM   512  C  CE2 . PHE A 1 67  ? 1.624   -1.558  8.734   1.00 18.21 ? 85  PHE A CE2 1 
ATOM   513  C  CZ  . PHE A 1 67  ? 0.432   -0.843  8.816   1.00 17.27 ? 85  PHE A CZ  1 
ATOM   514  N  N   . SER A 1 68  ? 0.595   -8.130  8.517   1.00 22.25 ? 86  SER A N   1 
ATOM   515  C  CA  . SER A 1 68  ? 0.134   -9.478  8.156   1.00 23.09 ? 86  SER A CA  1 
ATOM   516  C  C   . SER A 1 68  ? -1.347  -9.474  7.814   1.00 23.16 ? 86  SER A C   1 
ATOM   517  O  O   . SER A 1 68  ? -2.140  -10.164 8.451   1.00 23.97 ? 86  SER A O   1 
ATOM   518  C  CB  . SER A 1 68  ? 0.412   -10.472 9.289   1.00 22.78 ? 86  SER A CB  1 
ATOM   519  O  OG  . SER A 1 68  ? 1.763   -10.412 9.704   1.00 22.74 ? 86  SER A OG  1 
ATOM   520  N  N   . VAL A 1 69  ? -1.713  -8.679  6.815   1.00 23.18 ? 87  VAL A N   1 
ATOM   521  C  CA  . VAL A 1 69  ? -3.090  -8.561  6.386   1.00 22.98 ? 87  VAL A CA  1 
ATOM   522  C  C   . VAL A 1 69  ? -3.186  -8.596  4.862   1.00 23.09 ? 87  VAL A C   1 
ATOM   523  O  O   . VAL A 1 69  ? -2.341  -8.021  4.166   1.00 22.01 ? 87  VAL A O   1 
ATOM   524  C  CB  . VAL A 1 69  ? -3.744  -7.279  6.964   1.00 22.89 ? 87  VAL A CB  1 
ATOM   525  C  CG1 . VAL A 1 69  ? -3.151  -6.001  6.330   1.00 23.15 ? 87  VAL A CG1 1 
ATOM   526  C  CG2 . VAL A 1 69  ? -5.265  -7.332  6.819   1.00 23.64 ? 87  VAL A CG2 1 
ATOM   527  N  N   . ASP A 1 70  ? -4.213  -9.282  4.348   1.00 23.21 ? 88  ASP A N   1 
ATOM   528  C  CA  . ASP A 1 70  ? -4.459  -9.351  2.903   1.00 23.78 ? 88  ASP A CA  1 
ATOM   529  C  C   . ASP A 1 70  ? -5.339  -8.207  2.441   1.00 23.48 ? 88  ASP A C   1 
ATOM   530  O  O   . ASP A 1 70  ? -6.362  -7.901  3.060   1.00 24.23 ? 88  ASP A O   1 
ATOM   531  C  CB  . ASP A 1 70  ? -5.137  -10.669 2.504   1.00 24.01 ? 88  ASP A CB  1 
ATOM   532  C  CG  . ASP A 1 70  ? -4.247  -11.875 2.677   1.00 27.32 ? 88  ASP A CG  1 
ATOM   533  O  OD1 . ASP A 1 70  ? -3.010  -11.736 2.897   1.00 28.75 ? 88  ASP A OD1 1 
ATOM   534  O  OD2 . ASP A 1 70  ? -4.813  -12.995 2.579   1.00 31.14 ? 88  ASP A OD2 1 
ATOM   535  N  N   . VAL A 1 71  ? -4.935  -7.561  1.359   1.00 22.21 ? 89  VAL A N   1 
ATOM   536  C  CA  . VAL A 1 71  ? -5.760  -6.555  0.724   1.00 22.17 ? 89  VAL A CA  1 
ATOM   537  C  C   . VAL A 1 71  ? -6.172  -7.074  -0.661  1.00 22.53 ? 89  VAL A C   1 
ATOM   538  O  O   . VAL A 1 71  ? -5.319  -7.438  -1.468  1.00 21.66 ? 89  VAL A O   1 
ATOM   539  C  CB  . VAL A 1 71  ? -5.029  -5.178  0.625   1.00 22.22 ? 89  VAL A CB  1 
ATOM   540  C  CG1 . VAL A 1 71  ? -5.895  -4.143  -0.065  1.00 22.41 ? 89  VAL A CG1 1 
ATOM   541  C  CG2 . VAL A 1 71  ? -4.624  -4.695  2.037   1.00 22.03 ? 89  VAL A CG2 1 
ATOM   542  N  N   . GLU A 1 72  ? -7.480  -7.067  -0.921  1.00 22.23 ? 90  GLU A N   1 
ATOM   543  C  CA  . GLU A 1 72  ? -8.042  -7.533  -2.187  1.00 22.49 ? 90  GLU A CA  1 
ATOM   544  C  C   . GLU A 1 72  ? -8.212  -6.384  -3.156  1.00 22.16 ? 90  GLU A C   1 
ATOM   545  O  O   . GLU A 1 72  ? -8.982  -5.447  -2.911  1.00 22.01 ? 90  GLU A O   1 
ATOM   546  C  CB  . GLU A 1 72  ? -9.388  -8.272  -1.955  1.00 22.38 ? 90  GLU A CB  1 
ATOM   547  C  CG  . GLU A 1 72  ? -9.321  -9.365  -0.855  1.00 23.63 ? 90  GLU A CG  1 
ATOM   548  C  CD  . GLU A 1 72  ? -8.479  -10.592 -1.229  1.00 25.66 ? 90  GLU A CD  1 
ATOM   549  O  OE1 . GLU A 1 72  ? -8.133  -10.787 -2.424  1.00 25.28 ? 90  GLU A OE1 1 
ATOM   550  O  OE2 . GLU A 1 72  ? -8.166  -11.381 -0.319  1.00 26.21 ? 90  GLU A OE2 1 
ATOM   551  N  N   . ILE A 1 73  ? -7.481  -6.449  -4.267  1.00 21.37 ? 91  ILE A N   1 
ATOM   552  C  CA  . ILE A 1 73  ? -7.549  -5.396  -5.287  1.00 21.36 ? 91  ILE A CA  1 
ATOM   553  C  C   . ILE A 1 73  ? -8.876  -5.500  -6.045  1.00 22.29 ? 91  ILE A C   1 
ATOM   554  O  O   . ILE A 1 73  ? -9.202  -6.553  -6.608  1.00 22.24 ? 91  ILE A O   1 
ATOM   555  C  CB  . ILE A 1 73  ? -6.305  -5.451  -6.218  1.00 21.15 ? 91  ILE A CB  1 
ATOM   556  C  CG1 . ILE A 1 73  ? -5.049  -5.161  -5.394  1.00 22.29 ? 91  ILE A CG1 1 
ATOM   557  C  CG2 . ILE A 1 73  ? -6.403  -4.432  -7.365  1.00 19.71 ? 91  ILE A CG2 1 
ATOM   558  C  CD1 . ILE A 1 73  ? -5.096  -3.811  -4.665  1.00 24.34 ? 91  ILE A CD1 1 
ATOM   559  N  N   . GLN A 1 74  ? -9.626  -4.400  -6.043  1.00 22.51 ? 92  GLN A N   1 
ATOM   560  C  CA  . GLN A 1 74  ? -11.034 -4.384  -6.424  1.00 23.13 ? 92  GLN A CA  1 
ATOM   561  C  C   . GLN A 1 74  ? -11.267 -4.195  -7.918  1.00 23.11 ? 92  GLN A C   1 
ATOM   562  O  O   . GLN A 1 74  ? -12.158 -3.465  -8.342  1.00 23.45 ? 92  GLN A O   1 
ATOM   563  C  CB  . GLN A 1 74  ? -11.771 -3.313  -5.616  1.00 23.48 ? 92  GLN A CB  1 
ATOM   564  C  CG  . GLN A 1 74  ? -11.778 -3.621  -4.124  1.00 22.79 ? 92  GLN A CG  1 
ATOM   565  C  CD  . GLN A 1 74  ? -12.602 -4.856  -3.801  1.00 23.58 ? 92  GLN A CD  1 
ATOM   566  O  OE1 . GLN A 1 74  ? -13.796 -4.907  -4.118  1.00 27.10 ? 92  GLN A OE1 1 
ATOM   567  N  NE2 . GLN A 1 74  ? -11.987 -5.840  -3.166  1.00 20.12 ? 92  GLN A NE2 1 
ATOM   568  N  N   . ARG A 1 75  ? -10.451 -4.864  -8.720  1.00 23.75 ? 93  ARG A N   1 
ATOM   569  C  CA  . ARG A 1 75  ? -10.732 -4.985  -10.145 1.00 24.29 ? 93  ARG A CA  1 
ATOM   570  C  C   . ARG A 1 75  ? -9.913  -6.130  -10.712 1.00 23.87 ? 93  ARG A C   1 
ATOM   571  O  O   . ARG A 1 75  ? -8.736  -6.293  -10.379 1.00 22.90 ? 93  ARG A O   1 
ATOM   572  C  CB  . ARG A 1 75  ? -10.449 -3.683  -10.914 1.00 24.55 ? 93  ARG A CB  1 
ATOM   573  C  CG  . ARG A 1 75  ? -11.215 -3.602  -12.238 1.00 26.35 ? 93  ARG A CG  1 
ATOM   574  C  CD  . ARG A 1 75  ? -10.736 -2.452  -13.151 1.00 26.64 ? 93  ARG A CD  1 
ATOM   575  N  NE  . ARG A 1 75  ? -11.277 -1.160  -12.726 1.00 29.38 ? 93  ARG A NE  1 
ATOM   576  C  CZ  . ARG A 1 75  ? -11.255 -0.044  -13.453 1.00 30.97 ? 93  ARG A CZ  1 
ATOM   577  N  NH1 . ARG A 1 75  ? -10.725 -0.037  -14.669 1.00 29.85 ? 93  ARG A NH1 1 
ATOM   578  N  NH2 . ARG A 1 75  ? -11.772 1.077   -12.959 1.00 28.74 ? 93  ARG A NH2 1 
ATOM   579  N  N   . HIS A 1 76  ? -10.541 -6.921  -11.574 1.00 22.91 ? 94  HIS A N   1 
ATOM   580  C  CA  . HIS A 1 76  ? -9.799  -7.935  -12.342 1.00 23.64 ? 94  HIS A CA  1 
ATOM   581  C  C   . HIS A 1 76  ? -8.663  -7.272  -13.112 1.00 22.74 ? 94  HIS A C   1 
ATOM   582  O  O   . HIS A 1 76  ? -8.845  -6.239  -13.753 1.00 23.78 ? 94  HIS A O   1 
ATOM   583  C  CB  . HIS A 1 76  ? -10.754 -8.742  -13.254 1.00 23.42 ? 94  HIS A CB  1 
ATOM   584  C  CG  . HIS A 1 76  ? -11.788 -9.509  -12.487 1.00 24.39 ? 94  HIS A CG  1 
ATOM   585  N  ND1 . HIS A 1 76  ? -12.985 -8.951  -12.094 1.00 26.30 ? 94  HIS A ND1 1 
ATOM   586  C  CD2 . HIS A 1 76  ? -11.783 -10.771 -11.999 1.00 24.43 ? 94  HIS A CD2 1 
ATOM   587  C  CE1 . HIS A 1 76  ? -13.683 -9.843  -11.412 1.00 25.88 ? 94  HIS A CE1 1 
ATOM   588  N  NE2 . HIS A 1 76  ? -12.973 -10.956 -11.335 1.00 25.88 ? 94  HIS A NE2 1 
ATOM   589  N  N   . LEU A 1 77  ? -7.471  -7.848  -13.007 1.00 24.09 ? 95  LEU A N   1 
ATOM   590  C  CA  . LEU A 1 77  ? -6.247  -7.217  -13.542 1.00 23.93 ? 95  LEU A CA  1 
ATOM   591  C  C   . LEU A 1 77  ? -6.331  -6.816  -15.011 1.00 24.15 ? 95  LEU A C   1 
ATOM   592  O  O   . LEU A 1 77  ? -5.884  -5.740  -15.375 1.00 23.85 ? 95  LEU A O   1 
ATOM   593  C  CB  . LEU A 1 77  ? -5.013  -8.097  -13.298 1.00 23.88 ? 95  LEU A CB  1 
ATOM   594  C  CG  . LEU A 1 77  ? -4.607  -8.378  -11.854 1.00 25.03 ? 95  LEU A CG  1 
ATOM   595  C  CD1 . LEU A 1 77  ? -3.349  -9.233  -11.802 1.00 21.93 ? 95  LEU A CD1 1 
ATOM   596  C  CD2 . LEU A 1 77  ? -4.449  -7.060  -11.059 1.00 23.07 ? 95  LEU A CD2 1 
ATOM   597  N  N   . GLU A 1 78  ? -6.936  -7.670  -15.846 1.00 24.64 ? 96  GLU A N   1 
ATOM   598  C  CA  . GLU A 1 78  ? -7.033  -7.425  -17.294 1.00 24.80 ? 96  GLU A CA  1 
ATOM   599  C  C   . GLU A 1 78  ? -7.893  -6.211  -17.651 1.00 25.27 ? 96  GLU A C   1 
ATOM   600  O  O   . GLU A 1 78  ? -7.839  -5.701  -18.785 1.00 24.59 ? 96  GLU A O   1 
ATOM   601  C  CB  . GLU A 1 78  ? -7.529  -8.697  -18.018 1.00 25.23 ? 96  GLU A CB  1 
ATOM   602  C  CG  . GLU A 1 78  ? -6.584  -9.903  -17.891 1.00 25.07 ? 96  GLU A CG  1 
ATOM   603  C  CD  . GLU A 1 78  ? -6.797  -10.703 -16.622 1.00 25.17 ? 96  GLU A CD  1 
ATOM   604  O  OE1 . GLU A 1 78  ? -7.652  -10.301 -15.814 1.00 27.73 ? 96  GLU A OE1 1 
ATOM   605  O  OE2 . GLU A 1 78  ? -6.132  -11.743 -16.421 1.00 25.32 ? 96  GLU A OE2 1 
ATOM   606  N  N   . LYS A 1 79  ? -8.653  -5.718  -16.669 1.00 25.70 ? 97  LYS A N   1 
ATOM   607  C  CA  . LYS A 1 79  ? -9.534  -4.558  -16.856 1.00 26.67 ? 97  LYS A CA  1 
ATOM   608  C  C   . LYS A 1 79  ? -8.940  -3.233  -16.384 1.00 26.29 ? 97  LYS A C   1 
ATOM   609  O  O   . LYS A 1 79  ? -9.531  -2.147  -16.605 1.00 26.74 ? 97  LYS A O   1 
ATOM   610  C  CB  . LYS A 1 79  ? -10.875 -4.801  -16.169 1.00 26.97 ? 97  LYS A CB  1 
ATOM   611  C  CG  . LYS A 1 79  ? -11.680 -5.920  -16.786 1.00 29.37 ? 97  LYS A CG  1 
ATOM   612  C  CD  . LYS A 1 79  ? -12.904 -6.208  -15.948 1.00 33.61 ? 97  LYS A CD  1 
ATOM   613  C  CE  . LYS A 1 79  ? -13.584 -7.500  -16.356 1.00 34.80 ? 97  LYS A CE  1 
ATOM   614  N  NZ  . LYS A 1 79  ? -14.511 -7.917  -15.278 1.00 37.30 ? 97  LYS A NZ  1 
ATOM   615  N  N   . LEU A 1 80  ? -7.777  -3.312  -15.738 1.00 26.21 ? 98  LEU A N   1 
ATOM   616  C  CA  . LEU A 1 80  ? -7.022  -2.124  -15.351 1.00 25.94 ? 98  LEU A CA  1 
ATOM   617  C  C   . LEU A 1 80  ? -6.299  -1.513  -16.555 1.00 27.02 ? 98  LEU A C   1 
ATOM   618  O  O   . LEU A 1 80  ? -5.738  -2.252  -17.393 1.00 27.18 ? 98  LEU A O   1 
ATOM   619  C  CB  . LEU A 1 80  ? -6.052  -2.446  -14.188 1.00 25.48 ? 98  LEU A CB  1 
ATOM   620  C  CG  . LEU A 1 80  ? -6.714  -2.648  -12.809 1.00 23.52 ? 98  LEU A CG  1 
ATOM   621  C  CD1 . LEU A 1 80  ? -5.782  -3.329  -11.830 1.00 21.92 ? 98  LEU A CD1 1 
ATOM   622  C  CD2 . LEU A 1 80  ? -7.250  -1.324  -12.205 1.00 21.26 ? 98  LEU A CD2 1 
ATOM   623  N  N   . PRO A 1 81  ? -6.326  -0.171  -16.663 1.00 27.26 ? 99  PRO A N   1 
ATOM   624  C  CA  . PRO A 1 81  ? -5.646  0.516   -17.768 1.00 28.21 ? 99  PRO A CA  1 
ATOM   625  C  C   . PRO A 1 81  ? -4.127  0.464   -17.597 1.00 29.26 ? 99  PRO A C   1 
ATOM   626  O  O   . PRO A 1 81  ? -3.640  0.342   -16.466 1.00 28.98 ? 99  PRO A O   1 
ATOM   627  C  CB  . PRO A 1 81  ? -6.174  1.957   -17.675 1.00 28.48 ? 99  PRO A CB  1 
ATOM   628  C  CG  . PRO A 1 81  ? -6.586  2.144   -16.247 1.00 27.25 ? 99  PRO A CG  1 
ATOM   629  C  CD  . PRO A 1 81  ? -7.001  0.771   -15.740 1.00 27.11 ? 99  PRO A CD  1 
ATOM   630  N  N   . LYS A 1 82  ? -3.381  0.527   -18.709 1.00 29.85 ? 100 LYS A N   1 
ATOM   631  C  CA  . LYS A 1 82  ? -1.928  0.308   -18.669 1.00 30.96 ? 100 LYS A CA  1 
ATOM   632  C  C   . LYS A 1 82  ? -1.107  1.227   -17.732 1.00 30.57 ? 100 LYS A C   1 
ATOM   633  O  O   . LYS A 1 82  ? -0.087  0.792   -17.159 1.00 31.99 ? 100 LYS A O   1 
ATOM   634  C  CB  . LYS A 1 82  ? -1.336  0.272   -20.088 1.00 31.97 ? 100 LYS A CB  1 
ATOM   635  C  CG  . LYS A 1 82  ? -1.563  -1.024  -20.659 1.00 35.68 ? 100 LYS A CG  1 
ATOM   636  N  N   . GLY A 1 83  ? -1.531  2.470   -17.556 1.00 29.20 ? 101 GLY A N   1 
ATOM   637  C  CA  . GLY A 1 83  ? -0.788  3.361   -16.653 1.00 27.77 ? 101 GLY A CA  1 
ATOM   638  C  C   . GLY A 1 83  ? -1.263  3.378   -15.201 1.00 27.22 ? 101 GLY A C   1 
ATOM   639  O  O   . GLY A 1 83  ? -0.916  4.294   -14.451 1.00 27.41 ? 101 GLY A O   1 
ATOM   640  N  N   . ALA A 1 84  ? -2.057  2.390   -14.790 1.00 25.36 ? 102 ALA A N   1 
ATOM   641  C  CA  . ALA A 1 84  ? -2.513  2.351   -13.394 1.00 23.70 ? 102 ALA A CA  1 
ATOM   642  C  C   . ALA A 1 84  ? -1.367  2.023   -12.437 1.00 23.11 ? 102 ALA A C   1 
ATOM   643  O  O   . ALA A 1 84  ? -0.347  1.423   -12.821 1.00 22.24 ? 102 ALA A O   1 
ATOM   644  C  CB  . ALA A 1 84  ? -3.643  1.372   -13.223 1.00 23.56 ? 102 ALA A CB  1 
ATOM   645  N  N   . ALA A 1 85  ? -1.515  2.463   -11.192 1.00 21.20 ? 103 ALA A N   1 
ATOM   646  C  CA  . ALA A 1 85  ? -0.576  2.081   -10.143 1.00 20.29 ? 103 ALA A CA  1 
ATOM   647  C  C   . ALA A 1 85  ? -1.350  1.848   -8.850  1.00 19.58 ? 103 ALA A C   1 
ATOM   648  O  O   . ALA A 1 85  ? -2.391  2.472   -8.609  1.00 18.67 ? 103 ALA A O   1 
ATOM   649  C  CB  . ALA A 1 85  ? 0.456   3.157   -9.934  1.00 20.80 ? 103 ALA A CB  1 
ATOM   650  N  N   . ILE A 1 86  ? -0.839  0.938   -8.041  1.00 18.39 ? 104 ILE A N   1 
ATOM   651  C  CA  . ILE A 1 86  ? -1.375  0.679   -6.711  1.00 17.90 ? 104 ILE A CA  1 
ATOM   652  C  C   . ILE A 1 86  ? -0.507  1.457   -5.695  1.00 17.32 ? 104 ILE A C   1 
ATOM   653  O  O   . ILE A 1 86  ? 0.723   1.279   -5.647  1.00 16.58 ? 104 ILE A O   1 
ATOM   654  C  CB  . ILE A 1 86  ? -1.351  -0.835  -6.381  1.00 17.37 ? 104 ILE A CB  1 
ATOM   655  C  CG1 . ILE A 1 86  ? -1.970  -1.667  -7.533  1.00 17.60 ? 104 ILE A CG1 1 
ATOM   656  C  CG2 . ILE A 1 86  ? -2.114  -1.146  -5.068  1.00 17.07 ? 104 ILE A CG2 1 
ATOM   657  C  CD1 . ILE A 1 86  ? -1.868  -3.163  -7.295  1.00 18.91 ? 104 ILE A CD1 1 
ATOM   658  N  N   . PHE A 1 87  ? -1.163  2.279   -4.879  1.00 17.15 ? 105 PHE A N   1 
ATOM   659  C  CA  . PHE A 1 87  ? -0.501  3.080   -3.841  1.00 16.62 ? 105 PHE A CA  1 
ATOM   660  C  C   . PHE A 1 87  ? -0.737  2.510   -2.458  1.00 16.43 ? 105 PHE A C   1 
ATOM   661  O  O   . PHE A 1 87  ? -1.790  1.948   -2.192  1.00 16.38 ? 105 PHE A O   1 
ATOM   662  C  CB  . PHE A 1 87  ? -1.066  4.501   -3.870  1.00 16.93 ? 105 PHE A CB  1 
ATOM   663  C  CG  . PHE A 1 87  ? -0.453  5.351   -4.920  1.00 16.97 ? 105 PHE A CG  1 
ATOM   664  C  CD1 . PHE A 1 87  ? 0.596   6.198   -4.603  1.00 14.91 ? 105 PHE A CD1 1 
ATOM   665  C  CD2 . PHE A 1 87  ? -0.912  5.296   -6.233  1.00 18.92 ? 105 PHE A CD2 1 
ATOM   666  C  CE1 . PHE A 1 87  ? 1.209   7.000   -5.627  1.00 19.31 ? 105 PHE A CE1 1 
ATOM   667  C  CE2 . PHE A 1 87  ? -0.319  6.073   -7.237  1.00 18.67 ? 105 PHE A CE2 1 
ATOM   668  C  CZ  . PHE A 1 87  ? 0.742   6.923   -6.923  1.00 17.21 ? 105 PHE A CZ  1 
ATOM   669  N  N   . PHE A 1 88  ? 0.265   2.659   -1.586  1.00 15.20 ? 106 PHE A N   1 
ATOM   670  C  CA  . PHE A 1 88  ? 0.213   2.236   -0.208  1.00 14.97 ? 106 PHE A CA  1 
ATOM   671  C  C   . PHE A 1 88  ? 0.682   3.458   0.553   1.00 15.35 ? 106 PHE A C   1 
ATOM   672  O  O   . PHE A 1 88  ? 1.827   3.873   0.373   1.00 14.57 ? 106 PHE A O   1 
ATOM   673  C  CB  . PHE A 1 88  ? 1.182   1.070   0.055   1.00 15.76 ? 106 PHE A CB  1 
ATOM   674  C  CG  . PHE A 1 88  ? 1.003   -0.063  -0.905  1.00 16.21 ? 106 PHE A CG  1 
ATOM   675  C  CD1 . PHE A 1 88  ? 0.179   -1.129  -0.595  1.00 16.88 ? 106 PHE A CD1 1 
ATOM   676  C  CD2 . PHE A 1 88  ? 1.604   -0.014  -2.165  1.00 18.97 ? 106 PHE A CD2 1 
ATOM   677  C  CE1 . PHE A 1 88  ? -0.022  -2.176  -1.526  1.00 20.67 ? 106 PHE A CE1 1 
ATOM   678  C  CE2 . PHE A 1 88  ? 1.415   -1.041  -3.072  1.00 19.48 ? 106 PHE A CE2 1 
ATOM   679  C  CZ  . PHE A 1 88  ? 0.586   -2.106  -2.762  1.00 18.53 ? 106 PHE A CZ  1 
ATOM   680  N  N   . GLU A 1 89  ? -0.232  4.065   1.303   1.00 15.01 ? 107 GLU A N   1 
ATOM   681  C  CA  . GLU A 1 89  ? 0.076   5.274   2.094   1.00 15.51 ? 107 GLU A CA  1 
ATOM   682  C  C   . GLU A 1 89  ? 0.056   4.885   3.554   1.00 15.23 ? 107 GLU A C   1 
ATOM   683  O  O   . GLU A 1 89  ? -0.953  4.399   4.027   1.00 15.81 ? 107 GLU A O   1 
ATOM   684  C  CB  . GLU A 1 89  ? -0.969  6.349   1.870   1.00 14.98 ? 107 GLU A CB  1 
ATOM   685  C  CG  . GLU A 1 89  ? -0.980  6.929   0.460   1.00 16.75 ? 107 GLU A CG  1 
ATOM   686  C  CD  . GLU A 1 89  ? -2.079  7.948   0.299   1.00 19.84 ? 107 GLU A CD  1 
ATOM   687  O  OE1 . GLU A 1 89  ? -3.249  7.530   0.141   1.00 21.89 ? 107 GLU A OE1 1 
ATOM   688  O  OE2 . GLU A 1 89  ? -1.767  9.148   0.354   1.00 20.29 ? 107 GLU A OE2 1 
ATOM   689  N  N   . PHE A 1 90  ? 1.173   5.109   4.239   1.00 15.08 ? 108 PHE A N   1 
ATOM   690  C  CA  . PHE A 1 90  ? 1.298   4.800   5.645   1.00 15.52 ? 108 PHE A CA  1 
ATOM   691  C  C   . PHE A 1 90  ? 0.847   6.020   6.437   1.00 15.55 ? 108 PHE A C   1 
ATOM   692  O  O   . PHE A 1 90  ? 1.370   7.122   6.257   1.00 14.94 ? 108 PHE A O   1 
ATOM   693  C  CB  . PHE A 1 90  ? 2.729   4.440   5.984   1.00 15.67 ? 108 PHE A CB  1 
ATOM   694  C  CG  . PHE A 1 90  ? 2.958   4.178   7.452   1.00 15.73 ? 108 PHE A CG  1 
ATOM   695  C  CD1 . PHE A 1 90  ? 2.844   2.904   7.961   1.00 14.17 ? 108 PHE A CD1 1 
ATOM   696  C  CD2 . PHE A 1 90  ? 3.277   5.236   8.317   1.00 13.72 ? 108 PHE A CD2 1 
ATOM   697  C  CE1 . PHE A 1 90  ? 3.059   2.676   9.333   1.00 17.24 ? 108 PHE A CE1 1 
ATOM   698  C  CE2 . PHE A 1 90  ? 3.487   5.028   9.651   1.00 14.81 ? 108 PHE A CE2 1 
ATOM   699  C  CZ  . PHE A 1 90  ? 3.386   3.736   10.170  1.00 15.85 ? 108 PHE A CZ  1 
ATOM   700  N  N   . LYS A 1 91  ? -0.166  5.801   7.279   1.00 15.84 ? 109 LYS A N   1 
ATOM   701  C  CA  . LYS A 1 91  ? -0.782  6.873   8.056   1.00 15.78 ? 109 LYS A CA  1 
ATOM   702  C  C   . LYS A 1 91  ? -0.691  6.573   9.541   1.00 16.10 ? 109 LYS A C   1 
ATOM   703  O  O   . LYS A 1 91  ? -0.664  5.411   9.953   1.00 16.51 ? 109 LYS A O   1 
ATOM   704  C  CB  . LYS A 1 91  ? -2.227  7.026   7.627   1.00 15.78 ? 109 LYS A CB  1 
ATOM   705  C  CG  . LYS A 1 91  ? -2.365  7.575   6.169   1.00 16.57 ? 109 LYS A CG  1 
ATOM   706  C  CD  . LYS A 1 91  ? -3.799  7.696   5.765   1.00 15.54 ? 109 LYS A CD  1 
ATOM   707  C  CE  . LYS A 1 91  ? -3.946  8.041   4.304   1.00 17.42 ? 109 LYS A CE  1 
ATOM   708  N  NZ  . LYS A 1 91  ? -5.392  7.970   3.918   1.00 18.08 ? 109 LYS A NZ  1 
ATOM   709  N  N   . HIS A 1 92  ? -0.661  7.634   10.351  1.00 16.16 ? 110 HIS A N   1 
ATOM   710  C  CA  . HIS A 1 92  ? -0.478  7.490   11.783  1.00 15.41 ? 110 HIS A CA  1 
ATOM   711  C  C   . HIS A 1 92  ? -1.002  8.754   12.477  1.00 15.70 ? 110 HIS A C   1 
ATOM   712  O  O   . HIS A 1 92  ? -1.166  9.826   11.845  1.00 15.17 ? 110 HIS A O   1 
ATOM   713  C  CB  . HIS A 1 92  ? 0.991   7.159   12.151  1.00 15.47 ? 110 HIS A CB  1 
ATOM   714  C  CG  . HIS A 1 92  ? 1.960   8.278   11.886  1.00 17.33 ? 110 HIS A CG  1 
ATOM   715  N  ND1 . HIS A 1 92  ? 2.184   8.798   10.626  1.00 22.09 ? 110 HIS A ND1 1 
ATOM   716  C  CD2 . HIS A 1 92  ? 2.744   8.993   12.725  1.00 18.11 ? 110 HIS A CD2 1 
ATOM   717  C  CE1 . HIS A 1 92  ? 3.059   9.783   10.705  1.00 20.21 ? 110 HIS A CE1 1 
ATOM   718  N  NE2 . HIS A 1 92  ? 3.421   9.916   11.965  1.00 23.43 ? 110 HIS A NE2 1 
ATOM   719  N  N   . TYR A 1 93  ? -1.268  8.599   13.769  1.00 15.32 ? 111 TYR A N   1 
ATOM   720  C  CA  . TYR A 1 93  ? -1.836  9.683   14.579  1.00 16.79 ? 111 TYR A CA  1 
ATOM   721  C  C   . TYR A 1 93  ? -0.709  10.516  15.160  1.00 16.06 ? 111 TYR A C   1 
ATOM   722  O  O   . TYR A 1 93  ? 0.150   9.974   15.845  1.00 16.33 ? 111 TYR A O   1 
ATOM   723  C  CB  . TYR A 1 93  ? -2.650  9.079   15.740  1.00 17.00 ? 111 TYR A CB  1 
ATOM   724  C  CG  . TYR A 1 93  ? -3.196  10.134  16.694  1.00 17.49 ? 111 TYR A CG  1 
ATOM   725  C  CD1 . TYR A 1 93  ? -4.261  10.938  16.308  1.00 18.15 ? 111 TYR A CD1 1 
ATOM   726  C  CD2 . TYR A 1 93  ? -2.629  10.327  17.956  1.00 18.89 ? 111 TYR A CD2 1 
ATOM   727  C  CE1 . TYR A 1 93  ? -4.791  11.921  17.174  1.00 18.25 ? 111 TYR A CE1 1 
ATOM   728  C  CE2 . TYR A 1 93  ? -3.149  11.294  18.831  1.00 20.26 ? 111 TYR A CE2 1 
ATOM   729  C  CZ  . TYR A 1 93  ? -4.219  12.090  18.429  1.00 18.03 ? 111 TYR A CZ  1 
ATOM   730  O  OH  . TYR A 1 93  ? -4.741  13.064  19.275  1.00 20.20 ? 111 TYR A OH  1 
ATOM   731  N  N   . LYS A 1 94  ? -0.734  11.830  14.924  1.00 16.77 ? 112 LYS A N   1 
ATOM   732  C  CA  . LYS A 1 94  ? 0.307   12.731  15.462  1.00 17.84 ? 112 LYS A CA  1 
ATOM   733  C  C   . LYS A 1 94  ? -0.216  13.389  16.743  1.00 17.38 ? 112 LYS A C   1 
ATOM   734  O  O   . LYS A 1 94  ? -1.121  14.245  16.687  1.00 17.35 ? 112 LYS A O   1 
ATOM   735  C  CB  . LYS A 1 94  ? 0.699   13.800  14.441  1.00 19.16 ? 112 LYS A CB  1 
ATOM   736  C  CG  . LYS A 1 94  ? 1.437   13.247  13.221  1.00 21.05 ? 112 LYS A CG  1 
ATOM   737  C  CD  . LYS A 1 94  ? 1.834   14.397  12.313  1.00 27.98 ? 112 LYS A CD  1 
ATOM   738  C  CE  . LYS A 1 94  ? 3.339   14.694  12.361  1.00 30.85 ? 112 LYS A CE  1 
ATOM   739  N  NZ  . LYS A 1 94  ? 3.737   15.417  11.091  1.00 30.46 ? 112 LYS A NZ  1 
ATOM   740  N  N   . PRO A 1 95  ? 0.318   12.974  17.908  1.00 17.56 ? 113 PRO A N   1 
ATOM   741  C  CA  . PRO A 1 95  ? -0.315  13.421  19.162  1.00 17.13 ? 113 PRO A CA  1 
ATOM   742  C  C   . PRO A 1 95  ? -0.221  14.917  19.451  1.00 17.74 ? 113 PRO A C   1 
ATOM   743  O  O   . PRO A 1 95  ? -1.077  15.452  20.179  1.00 18.34 ? 113 PRO A O   1 
ATOM   744  C  CB  . PRO A 1 95  ? 0.442   12.619  20.244  1.00 17.31 ? 113 PRO A CB  1 
ATOM   745  C  CG  . PRO A 1 95  ? 1.120   11.524  19.515  1.00 17.50 ? 113 PRO A CG  1 
ATOM   746  C  CD  . PRO A 1 95  ? 1.450   12.073  18.166  1.00 16.73 ? 113 PRO A CD  1 
ATOM   747  N  N   . LYS A 1 96  ? 0.826   15.580  18.947  1.00 18.69 ? 114 LYS A N   1 
ATOM   748  C  CA  . LYS A 1 96  ? 0.937   17.043  19.089  1.00 19.25 ? 114 LYS A CA  1 
ATOM   749  C  C   . LYS A 1 96  ? -0.048  17.815  18.189  1.00 20.20 ? 114 LYS A C   1 
ATOM   750  O  O   . LYS A 1 96  ? -0.284  19.003  18.411  1.00 20.45 ? 114 LYS A O   1 
ATOM   751  C  CB  . LYS A 1 96  ? 2.373   17.534  18.845  1.00 18.67 ? 114 LYS A CB  1 
ATOM   752  C  CG  . LYS A 1 96  ? 3.356   17.242  20.008  1.00 18.41 ? 114 LYS A CG  1 
ATOM   753  C  CD  . LYS A 1 96  ? 4.809   17.557  19.608  1.00 19.36 ? 114 LYS A CD  1 
ATOM   754  C  CE  . LYS A 1 96  ? 5.772   17.371  20.794  1.00 19.75 ? 114 LYS A CE  1 
ATOM   755  N  NZ  . LYS A 1 96  ? 6.015   15.927  21.001  1.00 17.87 ? 114 LYS A NZ  1 
ATOM   756  N  N   . LYS A 1 97  ? -0.594  17.153  17.171  1.00 20.25 ? 115 LYS A N   1 
ATOM   757  C  CA  . LYS A 1 97  ? -1.433  17.799  16.159  1.00 20.78 ? 115 LYS A CA  1 
ATOM   758  C  C   . LYS A 1 97  ? -2.870  17.354  16.310  1.00 20.03 ? 115 LYS A C   1 
ATOM   759  O  O   . LYS A 1 97  ? -3.785  18.032  15.860  1.00 20.55 ? 115 LYS A O   1 
ATOM   760  C  CB  . LYS A 1 97  ? -0.951  17.434  14.745  1.00 21.15 ? 115 LYS A CB  1 
ATOM   761  C  CG  . LYS A 1 97  ? 0.457   17.902  14.414  1.00 25.88 ? 115 LYS A CG  1 
ATOM   762  C  CD  . LYS A 1 97  ? 0.586   19.421  14.494  1.00 28.04 ? 115 LYS A CD  1 
ATOM   763  C  CE  . LYS A 1 97  ? 1.958   19.871  14.048  1.00 31.10 ? 115 LYS A CE  1 
ATOM   764  N  NZ  . LYS A 1 97  ? 1.953   21.309  13.698  1.00 33.16 ? 115 LYS A NZ  1 
ATOM   765  N  N   . ARG A 1 98  ? -3.062  16.224  16.967  1.00 19.52 ? 116 ARG A N   1 
ATOM   766  C  CA  . ARG A 1 98  ? -4.376  15.636  17.163  1.00 20.13 ? 116 ARG A CA  1 
ATOM   767  C  C   . ARG A 1 98  ? -5.102  15.306  15.847  1.00 20.98 ? 116 ARG A C   1 
ATOM   768  O  O   . ARG A 1 98  ? -6.336  15.380  15.755  1.00 20.42 ? 116 ARG A O   1 
ATOM   769  C  CB  . ARG A 1 98  ? -5.230  16.545  18.068  1.00 19.95 ? 116 ARG A CB  1 
ATOM   770  C  CG  . ARG A 1 98  ? -4.514  16.903  19.363  1.00 21.15 ? 116 ARG A CG  1 
ATOM   771  C  CD  . ARG A 1 98  ? -5.440  17.716  20.308  1.00 21.75 ? 116 ARG A CD  1 
ATOM   772  N  NE  . ARG A 1 98  ? -6.715  17.025  20.493  1.00 24.36 ? 116 ARG A NE  1 
ATOM   773  C  CZ  . ARG A 1 98  ? -6.845  15.919  21.202  1.00 22.02 ? 116 ARG A CZ  1 
ATOM   774  N  NH1 . ARG A 1 98  ? -5.765  15.430  21.780  1.00 26.19 ? 116 ARG A NH1 1 
ATOM   775  N  NH2 . ARG A 1 98  ? -8.030  15.313  21.338  1.00 20.00 ? 116 ARG A NH2 1 
ATOM   776  N  N   . PHE A 1 99  ? -4.332  14.944  14.815  1.00 21.19 ? 117 PHE A N   1 
ATOM   777  C  CA  . PHE A 1 99  ? -4.944  14.384  13.619  1.00 21.68 ? 117 PHE A CA  1 
ATOM   778  C  C   . PHE A 1 99  ? -4.055  13.311  13.000  1.00 21.71 ? 117 PHE A C   1 
ATOM   779  O  O   . PHE A 1 99  ? -2.908  13.155  13.379  1.00 19.15 ? 117 PHE A O   1 
ATOM   780  C  CB  . PHE A 1 99  ? -5.284  15.476  12.583  1.00 22.93 ? 117 PHE A CB  1 
ATOM   781  C  CG  . PHE A 1 99  ? -4.109  16.308  12.132  1.00 24.54 ? 117 PHE A CG  1 
ATOM   782  C  CD1 . PHE A 1 99  ? -4.118  17.690  12.320  1.00 28.83 ? 117 PHE A CD1 1 
ATOM   783  C  CD2 . PHE A 1 99  ? -3.024  15.735  11.466  1.00 28.37 ? 117 PHE A CD2 1 
ATOM   784  C  CE1 . PHE A 1 99  ? -3.038  18.490  11.883  1.00 27.84 ? 117 PHE A CE1 1 
ATOM   785  C  CE2 . PHE A 1 99  ? -1.946  16.511  11.030  1.00 28.30 ? 117 PHE A CE2 1 
ATOM   786  C  CZ  . PHE A 1 99  ? -1.955  17.892  11.239  1.00 28.09 ? 117 PHE A CZ  1 
ATOM   787  N  N   . THR A 1 100 ? -4.620  12.617  12.016  1.00 22.06 ? 118 THR A N   1 
ATOM   788  C  CA  . THR A 1 100 ? -3.916  11.600  11.231  1.00 22.91 ? 118 THR A CA  1 
ATOM   789  C  C   . THR A 1 100 ? -3.147  12.219  10.072  1.00 23.01 ? 118 THR A C   1 
ATOM   790  O  O   . THR A 1 100 ? -3.670  13.066  9.346   1.00 24.18 ? 118 THR A O   1 
ATOM   791  C  CB  . THR A 1 100 ? -4.918  10.599  10.677  1.00 23.01 ? 118 THR A CB  1 
ATOM   792  O  OG1 . THR A 1 100 ? -5.531  9.929   11.777  1.00 27.29 ? 118 THR A OG1 1 
ATOM   793  C  CG2 . THR A 1 100 ? -4.214  9.532   9.743   1.00 23.12 ? 118 THR A CG2 1 
ATOM   794  N  N   . SER A 1 101 ? -1.898  11.788  9.912   1.00 21.63 ? 119 SER A N   1 
ATOM   795  C  CA  . SER A 1 101 ? -0.990  12.351  8.926   1.00 21.24 ? 119 SER A CA  1 
ATOM   796  C  C   . SER A 1 101 ? -0.548  11.177  8.043   1.00 20.11 ? 119 SER A C   1 
ATOM   797  O  O   . SER A 1 101 ? -0.428  10.054  8.516   1.00 18.12 ? 119 SER A O   1 
ATOM   798  C  CB  . SER A 1 101 ? 0.216   12.968  9.635   1.00 21.27 ? 119 SER A CB  1 
ATOM   799  O  OG  . SER A 1 101 ? 1.263   13.386  8.741   1.00 22.55 ? 119 SER A OG  1 
ATOM   800  N  N   . THR A 1 102 ? -0.372  11.450  6.759   1.00 19.63 ? 120 THR A N   1 
ATOM   801  C  CA  . THR A 1 102 ? 0.302   10.530  5.855   1.00 19.35 ? 120 THR A CA  1 
ATOM   802  C  C   . THR A 1 102 ? 1.792   10.808  6.011   1.00 18.24 ? 120 THR A C   1 
ATOM   803  O  O   . THR A 1 102 ? 2.231   11.931  5.834   1.00 19.20 ? 120 THR A O   1 
ATOM   804  C  CB  . THR A 1 102 ? -0.090  10.788  4.407   1.00 19.83 ? 120 THR A CB  1 
ATOM   805  O  OG1 . THR A 1 102 ? -1.506  10.678  4.277   1.00 23.51 ? 120 THR A OG1 1 
ATOM   806  C  CG2 . THR A 1 102 ? 0.575   9.767   3.502   1.00 20.91 ? 120 THR A CG2 1 
ATOM   807  N  N   . LYS A 1 103 ? 2.556   9.796   6.392   1.00 16.08 ? 121 LYS A N   1 
ATOM   808  C  CA  . LYS A 1 103 ? 3.987   9.943   6.601   1.00 15.90 ? 121 LYS A CA  1 
ATOM   809  C  C   . LYS A 1 103 ? 4.730   9.729   5.297   1.00 15.79 ? 121 LYS A C   1 
ATOM   810  O  O   . LYS A 1 103 ? 5.679   10.442  4.957   1.00 15.95 ? 121 LYS A O   1 
ATOM   811  C  CB  . LYS A 1 103 ? 4.431   8.860   7.578   1.00 15.50 ? 121 LYS A CB  1 
ATOM   812  C  CG  . LYS A 1 103 ? 5.911   8.901   7.977   1.00 16.32 ? 121 LYS A CG  1 
ATOM   813  C  CD  . LYS A 1 103 ? 6.104   7.869   9.103   1.00 19.58 ? 121 LYS A CD  1 
ATOM   814  C  CE  . LYS A 1 103 ? 7.493   7.886   9.638   1.00 22.62 ? 121 LYS A CE  1 
ATOM   815  N  NZ  . LYS A 1 103 ? 7.653   9.118   10.471  1.00 24.45 ? 121 LYS A NZ  1 
ATOM   816  N  N   . CYS A 1 104 ? 4.308   8.708   4.565   1.00 15.38 ? 122 CYS A N   1 
ATOM   817  C  CA  . CYS A 1 104 ? 5.068   8.290   3.385   1.00 14.67 ? 122 CYS A CA  1 
ATOM   818  C  C   . CYS A 1 104 ? 4.198   7.373   2.559   1.00 14.17 ? 122 CYS A C   1 
ATOM   819  O  O   . CYS A 1 104 ? 3.120   6.962   2.995   1.00 14.42 ? 122 CYS A O   1 
ATOM   820  C  CB  . CYS A 1 104 ? 6.362   7.584   3.827   1.00 13.79 ? 122 CYS A CB  1 
ATOM   821  S  SG  . CYS A 1 104 ? 6.074   6.137   4.931   1.00 16.48 ? 122 CYS A SG  1 
ATOM   822  N  N   . PHE A 1 105 ? 4.652   7.077   1.344   1.00 14.24 ? 123 PHE A N   1 
ATOM   823  C  CA  . PHE A 1 105 ? 3.910   6.204   0.457   1.00 14.03 ? 123 PHE A CA  1 
ATOM   824  C  C   . PHE A 1 105 ? 4.836   5.337   -0.412  1.00 14.52 ? 123 PHE A C   1 
ATOM   825  O  O   . PHE A 1 105 ? 6.035   5.616   -0.597  1.00 14.80 ? 123 PHE A O   1 
ATOM   826  C  CB  . PHE A 1 105 ? 2.956   7.010   -0.426  1.00 13.91 ? 123 PHE A CB  1 
ATOM   827  C  CG  . PHE A 1 105 ? 3.667   7.891   -1.452  1.00 13.71 ? 123 PHE A CG  1 
ATOM   828  C  CD1 . PHE A 1 105 ? 4.203   9.118   -1.086  1.00 14.66 ? 123 PHE A CD1 1 
ATOM   829  C  CD2 . PHE A 1 105 ? 3.805   7.467   -2.769  1.00 13.55 ? 123 PHE A CD2 1 
ATOM   830  C  CE1 . PHE A 1 105 ? 4.839   9.931   -2.024  1.00 15.31 ? 123 PHE A CE1 1 
ATOM   831  C  CE2 . PHE A 1 105 ? 4.446   8.270   -3.737  1.00 13.87 ? 123 PHE A CE2 1 
ATOM   832  C  CZ  . PHE A 1 105 ? 4.971   9.494   -3.368  1.00 17.87 ? 123 PHE A CZ  1 
ATOM   833  N  N   . ALA A 1 106 ? 4.251   4.271   -0.930  1.00 15.00 ? 124 ALA A N   1 
ATOM   834  C  CA  . ALA A 1 106 ? 4.927   3.378   -1.868  1.00 14.70 ? 124 ALA A CA  1 
ATOM   835  C  C   . ALA A 1 106 ? 3.922   3.184   -2.973  1.00 14.93 ? 124 ALA A C   1 
ATOM   836  O  O   . ALA A 1 106 ? 2.714   3.312   -2.759  1.00 13.73 ? 124 ALA A O   1 
ATOM   837  C  CB  . ALA A 1 106 ? 5.240   2.027   -1.200  1.00 14.87 ? 124 ALA A CB  1 
ATOM   838  N  N   . PHE A 1 107 ? 4.400   2.838   -4.161  1.00 15.31 ? 125 PHE A N   1 
ATOM   839  C  CA  . PHE A 1 107 ? 3.470   2.481   -5.199  1.00 16.42 ? 125 PHE A CA  1 
ATOM   840  C  C   . PHE A 1 107 ? 4.067   1.387   -6.044  1.00 18.04 ? 125 PHE A C   1 
ATOM   841  O  O   . PHE A 1 107 ? 5.278   1.142   -5.998  1.00 16.66 ? 125 PHE A O   1 
ATOM   842  C  CB  . PHE A 1 107 ? 3.121   3.701   -6.062  1.00 15.58 ? 125 PHE A CB  1 
ATOM   843  C  CG  . PHE A 1 107 ? 4.302   4.289   -6.789  1.00 17.64 ? 125 PHE A CG  1 
ATOM   844  C  CD1 . PHE A 1 107 ? 5.168   5.160   -6.152  1.00 15.01 ? 125 PHE A CD1 1 
ATOM   845  C  CD2 . PHE A 1 107 ? 4.551   3.947   -8.123  1.00 18.54 ? 125 PHE A CD2 1 
ATOM   846  C  CE1 . PHE A 1 107 ? 6.248   5.739   -6.841  1.00 16.34 ? 125 PHE A CE1 1 
ATOM   847  C  CE2 . PHE A 1 107 ? 5.631   4.474   -8.796  1.00 17.80 ? 125 PHE A CE2 1 
ATOM   848  C  CZ  . PHE A 1 107 ? 6.475   5.372   -8.183  1.00 17.41 ? 125 PHE A CZ  1 
HETATM 849  N  N   . MSE A 1 108 ? 3.205   0.726   -6.806  1.00 20.29 ? 126 MSE A N   1 
HETATM 850  C  CA  . MSE A 1 108 ? 3.670   -0.223  -7.804  1.00 25.69 ? 126 MSE A CA  1 
HETATM 851  C  C   . MSE A 1 108 ? 2.900   -0.079  -9.099  1.00 23.09 ? 126 MSE A C   1 
HETATM 852  O  O   . MSE A 1 108 ? 1.671   0.009   -9.086  1.00 22.47 ? 126 MSE A O   1 
HETATM 853  C  CB  . MSE A 1 108 ? 3.671   -1.667  -7.287  1.00 24.62 ? 126 MSE A CB  1 
HETATM 854  C  CG  . MSE A 1 108 ? 2.405   -2.174  -6.631  1.00 29.06 ? 126 MSE A CG  1 
HETATM 855  SE SE  . MSE A 1 108 ? 2.711   -4.084  -6.063  1.00 40.62 ? 126 MSE A SE  1 
HETATM 856  C  CE  . MSE A 1 108 ? 2.195   -4.836  -7.504  1.00 16.92 ? 126 MSE A CE  1 
ATOM   857  N  N   . GLU A 1 109 ? 3.649   -0.032  -10.204 1.00 23.22 ? 127 GLU A N   1 
ATOM   858  C  CA  . GLU A 1 109 ? 3.087   0.000   -11.553 1.00 22.47 ? 127 GLU A CA  1 
ATOM   859  C  C   . GLU A 1 109 ? 2.553   -1.376  -11.969 1.00 21.08 ? 127 GLU A C   1 
ATOM   860  O  O   . GLU A 1 109 ? 2.876   -2.393  -11.358 1.00 19.69 ? 127 GLU A O   1 
ATOM   861  C  CB  . GLU A 1 109 ? 4.122   0.507   -12.577 1.00 23.70 ? 127 GLU A CB  1 
ATOM   862  C  CG  . GLU A 1 109 ? 4.729   1.928   -12.331 1.00 27.06 ? 127 GLU A CG  1 
ATOM   863  C  CD  . GLU A 1 109 ? 3.749   3.110   -12.531 1.00 33.02 ? 127 GLU A CD  1 
ATOM   864  O  OE1 . GLU A 1 109 ? 2.635   2.939   -13.070 1.00 34.08 ? 127 GLU A OE1 1 
ATOM   865  O  OE2 . GLU A 1 109 ? 4.098   4.252   -12.143 1.00 36.25 ? 127 GLU A OE2 1 
HETATM 866  N  N   . MSE A 1 110 ? 1.746   -1.406  -13.022 1.00 20.61 ? 128 MSE A N   1 
HETATM 867  C  CA  . MSE A 1 110 ? 1.130   -2.659  -13.496 1.00 21.81 ? 128 MSE A CA  1 
HETATM 868  C  C   . MSE A 1 110 ? 2.142   -3.758  -13.844 1.00 21.67 ? 128 MSE A C   1 
HETATM 869  O  O   . MSE A 1 110 ? 1.913   -4.939  -13.561 1.00 20.53 ? 128 MSE A O   1 
HETATM 870  C  CB  . MSE A 1 110 ? 0.264   -2.379  -14.727 1.00 22.88 ? 128 MSE A CB  1 
HETATM 871  C  CG  . MSE A 1 110 ? -0.966  -1.547  -14.460 1.00 24.86 ? 128 MSE A CG  1 
HETATM 872  SE SE  . MSE A 1 110 ? -2.172  -2.252  -13.049 1.00 33.89 ? 128 MSE A SE  1 
HETATM 873  C  CE  . MSE A 1 110 ? -1.923  -4.053  -13.001 1.00 32.62 ? 128 MSE A CE  1 
ATOM   874  N  N   . ASP A 1 111 ? 3.259   -3.356  -14.451 1.00 22.70 ? 129 ASP A N   1 
ATOM   875  C  CA  . ASP A 1 111 ? 4.289   -4.308  -14.891 1.00 23.39 ? 129 ASP A CA  1 
ATOM   876  C  C   . ASP A 1 111 ? 5.097   -4.900  -13.723 1.00 22.86 ? 129 ASP A C   1 
ATOM   877  O  O   . ASP A 1 111 ? 5.943   -5.789  -13.917 1.00 22.06 ? 129 ASP A O   1 
ATOM   878  C  CB  . ASP A 1 111 ? 5.176   -3.689  -16.004 1.00 24.56 ? 129 ASP A CB  1 
ATOM   879  C  CG  . ASP A 1 111 ? 6.083   -2.548  -15.514 1.00 28.38 ? 129 ASP A CG  1 
ATOM   880  O  OD1 . ASP A 1 111 ? 5.998   -2.086  -14.350 1.00 26.90 ? 129 ASP A OD1 1 
ATOM   881  O  OD2 . ASP A 1 111 ? 6.924   -2.102  -16.323 1.00 30.66 ? 129 ASP A OD2 1 
ATOM   882  N  N   . GLU A 1 112 ? 4.812   -4.421  -12.500 1.00 21.26 ? 130 GLU A N   1 
ATOM   883  C  CA  . GLU A 1 112 ? 5.404   -4.965  -11.277 1.00 21.06 ? 130 GLU A CA  1 
ATOM   884  C  C   . GLU A 1 112 ? 4.553   -6.030  -10.585 1.00 21.29 ? 130 GLU A C   1 
ATOM   885  O  O   . GLU A 1 112 ? 4.968   -6.609  -9.567  1.00 19.91 ? 130 GLU A O   1 
ATOM   886  C  CB  . GLU A 1 112 ? 5.704   -3.856  -10.276 1.00 21.18 ? 130 GLU A CB  1 
ATOM   887  C  CG  . GLU A 1 112 ? 6.705   -2.852  -10.770 1.00 22.49 ? 130 GLU A CG  1 
ATOM   888  C  CD  . GLU A 1 112 ? 7.014   -1.831  -9.711  1.00 22.63 ? 130 GLU A CD  1 
ATOM   889  O  OE1 . GLU A 1 112 ? 7.839   -2.151  -8.848  1.00 27.45 ? 130 GLU A OE1 1 
ATOM   890  O  OE2 . GLU A 1 112 ? 6.444   -0.723  -9.747  1.00 20.71 ? 130 GLU A OE2 1 
ATOM   891  N  N   . ILE A 1 113 ? 3.369   -6.283  -11.136 1.00 21.54 ? 131 ILE A N   1 
ATOM   892  C  CA  . ILE A 1 113 ? 2.482   -7.308  -10.593 1.00 22.84 ? 131 ILE A CA  1 
ATOM   893  C  C   . ILE A 1 113 ? 2.960   -8.664  -11.098 1.00 23.96 ? 131 ILE A C   1 
ATOM   894  O  O   . ILE A 1 113 ? 2.925   -8.918  -12.308 1.00 24.70 ? 131 ILE A O   1 
ATOM   895  C  CB  . ILE A 1 113 ? 1.007   -7.060  -10.983 1.00 22.43 ? 131 ILE A CB  1 
ATOM   896  C  CG1 . ILE A 1 113 ? 0.549   -5.707  -10.422 1.00 23.11 ? 131 ILE A CG1 1 
ATOM   897  C  CG2 . ILE A 1 113 ? 0.138   -8.207  -10.455 1.00 22.59 ? 131 ILE A CG2 1 
ATOM   898  C  CD1 . ILE A 1 113 ? -0.828  -5.269  -10.861 1.00 21.04 ? 131 ILE A CD1 1 
ATOM   899  N  N   . LYS A 1 114 ? 3.434   -9.483  -10.160 1.00 24.62 ? 132 LYS A N   1 
ATOM   900  C  CA  . LYS A 1 114 ? 4.030   -10.799 -10.380 1.00 25.61 ? 132 LYS A CA  1 
ATOM   901  C  C   . LYS A 1 114 ? 3.937   -11.554 -9.040  1.00 25.68 ? 132 LYS A C   1 
ATOM   902  O  O   . LYS A 1 114 ? 3.981   -10.931 -7.974  1.00 25.86 ? 132 LYS A O   1 
ATOM   903  C  CB  . LYS A 1 114 ? 5.492   -10.682 -10.876 1.00 25.65 ? 132 LYS A CB  1 
ATOM   904  C  CG  . LYS A 1 114 ? 6.483   -10.149 -9.847  1.00 26.86 ? 132 LYS A CG  1 
ATOM   905  C  CD  . LYS A 1 114 ? 7.958   -10.335 -10.259 1.00 27.48 ? 132 LYS A CD  1 
ATOM   906  C  CE  . LYS A 1 114 ? 8.950   -9.623  -9.293  1.00 28.74 ? 132 LYS A CE  1 
ATOM   907  N  NZ  . LYS A 1 114 ? 8.440   -9.287  -7.900  1.00 22.35 ? 132 LYS A NZ  1 
ATOM   908  N  N   . PRO A 1 115 ? 3.805   -12.897 -9.074  1.00 25.59 ? 133 PRO A N   1 
ATOM   909  C  CA  . PRO A 1 115 ? 3.677   -13.674 -7.836  1.00 24.97 ? 133 PRO A CA  1 
ATOM   910  C  C   . PRO A 1 115 ? 4.882   -13.556 -6.894  1.00 24.96 ? 133 PRO A C   1 
ATOM   911  O  O   . PRO A 1 115 ? 6.007   -13.338 -7.351  1.00 25.51 ? 133 PRO A O   1 
ATOM   912  C  CB  . PRO A 1 115 ? 3.515   -15.115 -8.342  1.00 25.65 ? 133 PRO A CB  1 
ATOM   913  C  CG  . PRO A 1 115 ? 4.079   -15.107 -9.694  1.00 25.84 ? 133 PRO A CG  1 
ATOM   914  C  CD  . PRO A 1 115 ? 3.765   -13.768 -10.267 1.00 26.08 ? 133 PRO A CD  1 
ATOM   915  N  N   . GLY A 1 116 ? 4.643   -13.666 -5.588  1.00 24.06 ? 134 GLY A N   1 
ATOM   916  C  CA  . GLY A 1 116 ? 5.739   -13.770 -4.638  1.00 23.62 ? 134 GLY A CA  1 
ATOM   917  C  C   . GLY A 1 116 ? 6.063   -12.500 -3.870  1.00 22.62 ? 134 GLY A C   1 
ATOM   918  O  O   . GLY A 1 116 ? 5.343   -11.501 -3.985  1.00 22.90 ? 134 GLY A O   1 
ATOM   919  N  N   . PRO A 1 117 ? 7.136   -12.553 -3.063  1.00 22.39 ? 135 PRO A N   1 
ATOM   920  C  CA  . PRO A 1 117 ? 7.604   -11.415 -2.271  1.00 21.42 ? 135 PRO A CA  1 
ATOM   921  C  C   . PRO A 1 117 ? 8.114   -10.257 -3.125  1.00 20.62 ? 135 PRO A C   1 
ATOM   922  O  O   . PRO A 1 117 ? 8.735   -10.456 -4.171  1.00 19.35 ? 135 PRO A O   1 
ATOM   923  C  CB  . PRO A 1 117 ? 8.747   -12.005 -1.449  1.00 21.91 ? 135 PRO A CB  1 
ATOM   924  C  CG  . PRO A 1 117 ? 9.252   -13.153 -2.282  1.00 22.31 ? 135 PRO A CG  1 
ATOM   925  C  CD  . PRO A 1 117 ? 7.990   -13.739 -2.846  1.00 21.84 ? 135 PRO A CD  1 
ATOM   926  N  N   . ILE A 1 118 ? 7.816   -9.047  -2.673  1.00 19.65 ? 136 ILE A N   1 
ATOM   927  C  CA  . ILE A 1 118 ? 8.389   -7.828  -3.250  1.00 19.08 ? 136 ILE A CA  1 
ATOM   928  C  C   . ILE A 1 118 ? 8.665   -6.836  -2.107  1.00 18.24 ? 136 ILE A C   1 
ATOM   929  O  O   . ILE A 1 118 ? 7.886   -6.763  -1.146  1.00 17.29 ? 136 ILE A O   1 
ATOM   930  C  CB  . ILE A 1 118 ? 7.440   -7.189  -4.324  1.00 19.05 ? 136 ILE A CB  1 
ATOM   931  C  CG1 . ILE A 1 118 ? 8.081   -5.961  -4.992  1.00 17.87 ? 136 ILE A CG1 1 
ATOM   932  C  CG2 . ILE A 1 118 ? 6.047   -6.868  -3.741  1.00 18.35 ? 136 ILE A CG2 1 
ATOM   933  C  CD1 . ILE A 1 118 ? 7.230   -5.397  -6.099  1.00 19.73 ? 136 ILE A CD1 1 
ATOM   934  N  N   . VAL A 1 119 ? 9.783   -6.110  -2.195  1.00 17.63 ? 137 VAL A N   1 
ATOM   935  C  CA  . VAL A 1 119 ? 10.007  -4.980  -1.298  1.00 17.72 ? 137 VAL A CA  1 
ATOM   936  C  C   . VAL A 1 119 ? 9.940   -3.683  -2.121  1.00 16.92 ? 137 VAL A C   1 
ATOM   937  O  O   . VAL A 1 119 ? 10.382  -3.627  -3.287  1.00 17.08 ? 137 VAL A O   1 
ATOM   938  C  CB  . VAL A 1 119 ? 11.333  -5.103  -0.444  1.00 18.61 ? 137 VAL A CB  1 
ATOM   939  C  CG1 . VAL A 1 119 ? 11.349  -6.430  0.368   1.00 20.64 ? 137 VAL A CG1 1 
ATOM   940  C  CG2 . VAL A 1 119 ? 12.567  -4.986  -1.310  1.00 18.23 ? 137 VAL A CG2 1 
ATOM   941  N  N   . ILE A 1 120 ? 9.323   -2.664  -1.545  1.00 15.59 ? 138 ILE A N   1 
ATOM   942  C  CA  . ILE A 1 120 ? 9.132   -1.422  -2.251  1.00 15.81 ? 138 ILE A CA  1 
ATOM   943  C  C   . ILE A 1 120 ? 9.577   -0.294  -1.310  1.00 15.24 ? 138 ILE A C   1 
ATOM   944  O  O   . ILE A 1 120 ? 9.233   -0.285  -0.116  1.00 14.20 ? 138 ILE A O   1 
ATOM   945  C  CB  . ILE A 1 120 ? 7.655   -1.160  -2.618  1.00 15.35 ? 138 ILE A CB  1 
ATOM   946  C  CG1 . ILE A 1 120 ? 7.040   -2.316  -3.425  1.00 15.03 ? 138 ILE A CG1 1 
ATOM   947  C  CG2 . ILE A 1 120 ? 7.538   0.163   -3.395  1.00 17.21 ? 138 ILE A CG2 1 
ATOM   948  C  CD1 . ILE A 1 120 ? 5.521   -2.197  -3.592  1.00 18.09 ? 138 ILE A CD1 1 
ATOM   949  N  N   . GLU A 1 121 ? 10.337  0.643   -1.880  1.00 14.37 ? 139 GLU A N   1 
ATOM   950  C  CA  . GLU A 1 121 ? 10.849  1.811   -1.148  1.00 14.79 ? 139 GLU A CA  1 
ATOM   951  C  C   . GLU A 1 121 ? 9.761   2.845   -0.823  1.00 14.69 ? 139 GLU A C   1 
ATOM   952  O  O   . GLU A 1 121 ? 8.720   2.942   -1.517  1.00 14.60 ? 139 GLU A O   1 
ATOM   953  C  CB  . GLU A 1 121 ? 11.998  2.473   -1.945  1.00 14.87 ? 139 GLU A CB  1 
ATOM   954  C  CG  . GLU A 1 121 ? 11.541  3.315   -3.165  1.00 16.31 ? 139 GLU A CG  1 
ATOM   955  C  CD  . GLU A 1 121 ? 11.316  2.495   -4.443  1.00 19.22 ? 139 GLU A CD  1 
ATOM   956  O  OE1 . GLU A 1 121 ? 11.172  1.259   -4.372  1.00 15.21 ? 139 GLU A OE1 1 
ATOM   957  O  OE2 . GLU A 1 121 ? 11.242  3.111   -5.528  1.00 16.68 ? 139 GLU A OE2 1 
ATOM   958  N  N   . LEU A 1 122 ? 10.021  3.638   0.214   1.00 14.18 ? 140 LEU A N   1 
ATOM   959  C  CA  . LEU A 1 122 ? 9.067   4.654   0.656   1.00 15.23 ? 140 LEU A CA  1 
ATOM   960  C  C   . LEU A 1 122 ? 9.508   6.054   0.236   1.00 14.73 ? 140 LEU A C   1 
ATOM   961  O  O   . LEU A 1 122 ? 10.691  6.395   0.331   1.00 15.57 ? 140 LEU A O   1 
ATOM   962  C  CB  . LEU A 1 122 ? 8.875   4.621   2.180   1.00 13.90 ? 140 LEU A CB  1 
ATOM   963  C  CG  . LEU A 1 122 ? 8.243   3.220   2.400   1.00 16.93 ? 140 LEU A CG  1 
ATOM   964  C  CD1 . LEU A 1 122 ? 8.768   2.465   3.563   1.00 20.63 ? 140 LEU A CD1 1 
ATOM   965  C  CD2 . LEU A 1 122 ? 6.743   3.219   2.260   1.00 16.29 ? 140 LEU A CD2 1 
ATOM   966  N  N   . TYR A 1 123 ? 8.522   6.849   -0.148  1.00 15.00 ? 141 TYR A N   1 
ATOM   967  C  CA  . TYR A 1 123 ? 8.727   8.234   -0.519  1.00 15.38 ? 141 TYR A CA  1 
ATOM   968  C  C   . TYR A 1 123 ? 8.013   9.126   0.469   1.00 16.22 ? 141 TYR A C   1 
ATOM   969  O  O   . TYR A 1 123 ? 6.981   8.747   0.992   1.00 15.87 ? 141 TYR A O   1 
ATOM   970  C  CB  . TYR A 1 123 ? 8.207   8.463   -1.942  1.00 14.70 ? 141 TYR A CB  1 
ATOM   971  C  CG  . TYR A 1 123 ? 9.073   7.718   -2.938  1.00 14.64 ? 141 TYR A CG  1 
ATOM   972  C  CD1 . TYR A 1 123 ? 10.370  8.157   -3.209  1.00 15.10 ? 141 TYR A CD1 1 
ATOM   973  C  CD2 . TYR A 1 123 ? 8.630   6.542   -3.543  1.00 14.13 ? 141 TYR A CD2 1 
ATOM   974  C  CE1 . TYR A 1 123 ? 11.207  7.476   -4.074  1.00 15.78 ? 141 TYR A CE1 1 
ATOM   975  C  CE2 . TYR A 1 123 ? 9.462   5.838   -4.416  1.00 14.28 ? 141 TYR A CE2 1 
ATOM   976  C  CZ  . TYR A 1 123 ? 10.753  6.311   -4.664  1.00 14.45 ? 141 TYR A CZ  1 
ATOM   977  O  OH  . TYR A 1 123 ? 11.568  5.642   -5.552  1.00 15.57 ? 141 TYR A OH  1 
ATOM   978  N  N   . LYS A 1 124 ? 8.576   10.303  0.720   1.00 17.72 ? 142 LYS A N   1 
ATOM   979  C  CA  . LYS A 1 124 ? 8.045   11.238  1.714   1.00 17.71 ? 142 LYS A CA  1 
ATOM   980  C  C   . LYS A 1 124 ? 6.699   11.807  1.263   1.00 17.73 ? 142 LYS A C   1 
ATOM   981  O  O   . LYS A 1 124 ? 6.470   12.027  0.051   1.00 18.19 ? 142 LYS A O   1 
ATOM   982  C  CB  . LYS A 1 124 ? 9.022   12.396  1.912   1.00 17.98 ? 142 LYS A CB  1 
ATOM   983  C  CG  . LYS A 1 124 ? 10.380  12.039  2.426   1.00 20.04 ? 142 LYS A CG  1 
ATOM   984  C  CD  . LYS A 1 124 ? 11.248  13.272  2.551   1.00 23.24 ? 142 LYS A CD  1 
ATOM   985  C  CE  . LYS A 1 124 ? 12.538  12.978  3.354   1.00 27.81 ? 142 LYS A CE  1 
ATOM   986  N  NZ  . LYS A 1 124 ? 13.579  14.065  3.192   1.00 30.00 ? 142 LYS A NZ  1 
ATOM   987  N  N   . LYS A 1 125 ? 5.806   12.026  2.227   1.00 18.06 ? 143 LYS A N   1 
ATOM   988  C  CA  . LYS A 1 125 ? 4.604   12.826  2.030   1.00 18.65 ? 143 LYS A CA  1 
ATOM   989  C  C   . LYS A 1 125 ? 4.999   14.208  1.472   1.00 18.68 ? 143 LYS A C   1 
ATOM   990  O  O   . LYS A 1 125 ? 6.150   14.632  1.666   1.00 17.48 ? 143 LYS A O   1 
ATOM   991  C  CB  . LYS A 1 125 ? 3.846   13.009  3.366   1.00 20.20 ? 143 LYS A CB  1 
ATOM   992  C  CG  . LYS A 1 125 ? 4.676   13.585  4.513   1.00 20.86 ? 143 LYS A CG  1 
ATOM   993  C  CD  . LYS A 1 125 ? 4.400   15.072  4.784   1.00 27.04 ? 143 LYS A CD  1 
ATOM   994  C  CE  . LYS A 1 125 ? 2.951   15.323  5.169   1.00 27.53 ? 143 LYS A CE  1 
ATOM   995  N  NZ  . LYS A 1 125 ? 2.574   14.540  6.384   1.00 27.30 ? 143 LYS A NZ  1 
ATOM   996  N  N   . PRO A 1 126 ? 4.073   14.892  0.760   1.00 19.33 ? 144 PRO A N   1 
ATOM   997  C  CA  . PRO A 1 126 ? 2.705   14.457  0.419   1.00 19.85 ? 144 PRO A CA  1 
ATOM   998  C  C   . PRO A 1 126 ? 2.703   13.439  -0.718  1.00 19.54 ? 144 PRO A C   1 
ATOM   999  O  O   . PRO A 1 126 ? 3.590   13.446  -1.578  1.00 20.13 ? 144 PRO A O   1 
ATOM   1000 C  CB  . PRO A 1 126 ? 2.008   15.755  -0.035  1.00 19.73 ? 144 PRO A CB  1 
ATOM   1001 C  CG  . PRO A 1 126 ? 3.097   16.627  -0.524  1.00 21.34 ? 144 PRO A CG  1 
ATOM   1002 C  CD  . PRO A 1 126 ? 4.385   16.222  0.191   1.00 20.62 ? 144 PRO A CD  1 
ATOM   1003 N  N   . THR A 1 127 ? 1.718   12.559  -0.715  1.00 19.86 ? 145 THR A N   1 
ATOM   1004 C  CA  . THR A 1 127 ? 1.629   11.546  -1.764  1.00 19.18 ? 145 THR A CA  1 
ATOM   1005 C  C   . THR A 1 127 ? 1.476   12.231  -3.116  1.00 19.80 ? 145 THR A C   1 
ATOM   1006 O  O   . THR A 1 127 ? 0.641   13.135  -3.267  1.00 19.56 ? 145 THR A O   1 
ATOM   1007 C  CB  . THR A 1 127 ? 0.473   10.583  -1.506  1.00 19.64 ? 145 THR A CB  1 
ATOM   1008 O  OG1 . THR A 1 127 ? 0.607   10.047  -0.182  1.00 17.93 ? 145 THR A OG1 1 
ATOM   1009 C  CG2 . THR A 1 127 ? 0.523   9.400   -2.499  1.00 19.27 ? 145 THR A CG2 1 
ATOM   1010 N  N   . ASP A 1 128 ? 2.291   11.821  -4.088  1.00 19.50 ? 146 ASP A N   1 
ATOM   1011 C  CA  . ASP A 1 128 ? 2.067   12.249  -5.459  1.00 19.40 ? 146 ASP A CA  1 
ATOM   1012 C  C   . ASP A 1 128 ? 1.450   11.075  -6.170  1.00 19.47 ? 146 ASP A C   1 
ATOM   1013 O  O   . ASP A 1 128 ? 2.158   10.119  -6.535  1.00 18.20 ? 146 ASP A O   1 
ATOM   1014 C  CB  . ASP A 1 128 ? 3.380   12.660  -6.128  1.00 19.80 ? 146 ASP A CB  1 
ATOM   1015 C  CG  . ASP A 1 128 ? 3.188   13.157  -7.578  1.00 20.76 ? 146 ASP A CG  1 
ATOM   1016 O  OD1 . ASP A 1 128 ? 2.063   13.159  -8.110  1.00 19.72 ? 146 ASP A OD1 1 
ATOM   1017 O  OD2 . ASP A 1 128 ? 4.195   13.528  -8.191  1.00 24.10 ? 146 ASP A OD2 1 
ATOM   1018 N  N   . PHE A 1 129 ? 0.124   11.140  -6.345  1.00 19.17 ? 147 PHE A N   1 
ATOM   1019 C  CA  . PHE A 1 129 ? -0.629  10.101  -7.010  1.00 19.87 ? 147 PHE A CA  1 
ATOM   1020 C  C   . PHE A 1 129 ? -0.382  9.998   -8.509  1.00 19.86 ? 147 PHE A C   1 
ATOM   1021 O  O   . PHE A 1 129 ? -0.790  9.030   -9.135  1.00 21.05 ? 147 PHE A O   1 
ATOM   1022 C  CB  . PHE A 1 129 ? -2.125  10.242  -6.712  1.00 20.68 ? 147 PHE A CB  1 
ATOM   1023 C  CG  . PHE A 1 129 ? -2.497  9.903   -5.285  1.00 19.34 ? 147 PHE A CG  1 
ATOM   1024 C  CD1 . PHE A 1 129 ? -2.260  8.635   -4.769  1.00 19.56 ? 147 PHE A CD1 1 
ATOM   1025 C  CD2 . PHE A 1 129 ? -3.094  10.860  -4.463  1.00 21.81 ? 147 PHE A CD2 1 
ATOM   1026 C  CE1 . PHE A 1 129 ? -2.640  8.317   -3.464  1.00 17.55 ? 147 PHE A CE1 1 
ATOM   1027 C  CE2 . PHE A 1 129 ? -3.473  10.549  -3.163  1.00 19.62 ? 147 PHE A CE2 1 
ATOM   1028 C  CZ  . PHE A 1 129 ? -3.234  9.274   -2.666  1.00 17.99 ? 147 PHE A CZ  1 
ATOM   1029 N  N   . LYS A 1 130 ? 0.341   10.966  -9.066  1.00 20.42 ? 148 LYS A N   1 
ATOM   1030 C  CA  . LYS A 1 130 ? 0.844   10.845  -10.438 1.00 20.35 ? 148 LYS A CA  1 
ATOM   1031 C  C   . LYS A 1 130 ? 2.286   10.308  -10.474 1.00 20.82 ? 148 LYS A C   1 
ATOM   1032 O  O   . LYS A 1 130 ? 2.805   10.017  -11.558 1.00 19.61 ? 148 LYS A O   1 
ATOM   1033 C  CB  . LYS A 1 130 ? 0.747   12.191  -11.156 1.00 21.50 ? 148 LYS A CB  1 
ATOM   1034 C  CG  . LYS A 1 130 ? -0.696  12.662  -11.388 1.00 22.55 ? 148 LYS A CG  1 
ATOM   1035 C  CD  . LYS A 1 130 ? -0.682  14.059  -11.921 1.00 29.53 ? 148 LYS A CD  1 
ATOM   1036 C  CE  . LYS A 1 130 ? -2.094  14.604  -12.032 1.00 31.93 ? 148 LYS A CE  1 
ATOM   1037 N  NZ  . LYS A 1 130 ? -2.042  16.018  -12.463 1.00 36.27 ? 148 LYS A NZ  1 
ATOM   1038 N  N   . ARG A 1 131 ? 2.890   10.129  -9.284  1.00 19.82 ? 149 ARG A N   1 
ATOM   1039 C  CA  . ARG A 1 131 ? 4.294   9.672   -9.106  1.00 21.12 ? 149 ARG A CA  1 
ATOM   1040 C  C   . ARG A 1 131 ? 5.326   10.328  -10.054 1.00 21.67 ? 149 ARG A C   1 
ATOM   1041 O  O   . ARG A 1 131 ? 6.233   9.692   -10.579 1.00 21.98 ? 149 ARG A O   1 
ATOM   1042 C  CB  . ARG A 1 131 ? 4.426   8.130   -9.037  1.00 21.47 ? 149 ARG A CB  1 
ATOM   1043 C  CG  . ARG A 1 131 ? 3.878   7.317   -10.189 1.00 22.54 ? 149 ARG A CG  1 
ATOM   1044 C  CD  . ARG A 1 131 ? 2.413   6.905   -10.015 1.00 23.58 ? 149 ARG A CD  1 
ATOM   1045 N  NE  . ARG A 1 131 ? 1.951   6.112   -11.166 1.00 25.45 ? 149 ARG A NE  1 
ATOM   1046 C  CZ  . ARG A 1 131 ? 0.703   6.120   -11.658 1.00 25.64 ? 149 ARG A CZ  1 
ATOM   1047 N  NH1 . ARG A 1 131 ? -0.275  6.884   -11.132 1.00 24.57 ? 149 ARG A NH1 1 
ATOM   1048 N  NH2 . ARG A 1 131 ? 0.426   5.331   -12.670 1.00 24.31 ? 149 ARG A NH2 1 
ATOM   1049 N  N   . LYS A 1 132 ? 5.157   11.627  -10.237 1.00 22.06 ? 150 LYS A N   1 
ATOM   1050 C  CA  . LYS A 1 132 ? 6.004   12.434  -11.120 1.00 23.09 ? 150 LYS A CA  1 
ATOM   1051 C  C   . LYS A 1 132 ? 7.224   12.995  -10.392 1.00 21.95 ? 150 LYS A C   1 
ATOM   1052 O  O   . LYS A 1 132 ? 8.294   13.128  -10.983 1.00 22.19 ? 150 LYS A O   1 
ATOM   1053 C  CB  . LYS A 1 132 ? 5.179   13.610  -11.656 1.00 23.38 ? 150 LYS A CB  1 
ATOM   1054 C  CG  . LYS A 1 132 ? 4.019   13.245  -12.581 1.00 26.79 ? 150 LYS A CG  1 
ATOM   1055 C  CD  . LYS A 1 132 ? 4.428   12.204  -13.579 1.00 32.29 ? 150 LYS A CD  1 
ATOM   1056 C  CE  . LYS A 1 132 ? 3.766   12.421  -14.930 1.00 35.68 ? 150 LYS A CE  1 
ATOM   1057 N  NZ  . LYS A 1 132 ? 4.651   11.776  -15.942 1.00 36.62 ? 150 LYS A NZ  1 
ATOM   1058 N  N   . LYS A 1 133 ? 7.044   13.366  -9.130  1.00 20.64 ? 151 LYS A N   1 
ATOM   1059 C  CA  . LYS A 1 133 ? 8.123   13.933  -8.329  1.00 21.00 ? 151 LYS A CA  1 
ATOM   1060 C  C   . LYS A 1 133 ? 8.210   13.199  -7.003  1.00 19.43 ? 151 LYS A C   1 
ATOM   1061 O  O   . LYS A 1 133 ? 7.267   13.228  -6.232  1.00 19.75 ? 151 LYS A O   1 
ATOM   1062 C  CB  . LYS A 1 133 ? 7.925   15.432  -8.090  1.00 21.31 ? 151 LYS A CB  1 
ATOM   1063 C  CG  . LYS A 1 133 ? 8.367   16.322  -9.245  1.00 23.23 ? 151 LYS A CG  1 
ATOM   1064 C  CD  . LYS A 1 133 ? 7.894   17.784  -9.071  1.00 24.01 ? 151 LYS A CD  1 
ATOM   1065 C  CE  . LYS A 1 133 ? 8.640   18.505  -7.972  1.00 26.93 ? 151 LYS A CE  1 
ATOM   1066 N  NZ  . LYS A 1 133 ? 8.318   19.972  -8.126  1.00 31.52 ? 151 LYS A NZ  1 
ATOM   1067 N  N   . LEU A 1 134 ? 9.347   12.549  -6.764  1.00 18.60 ? 152 LEU A N   1 
ATOM   1068 C  CA  . LEU A 1 134 ? 9.544   11.637  -5.618  1.00 17.74 ? 152 LEU A CA  1 
ATOM   1069 C  C   . LEU A 1 134 ? 10.744  12.016  -4.744  1.00 17.26 ? 152 LEU A C   1 
ATOM   1070 O  O   . LEU A 1 134 ? 11.843  12.261  -5.248  1.00 18.49 ? 152 LEU A O   1 
ATOM   1071 C  CB  . LEU A 1 134 ? 9.682   10.188  -6.126  1.00 16.39 ? 152 LEU A CB  1 
ATOM   1072 C  CG  . LEU A 1 134 ? 8.561   9.689   -7.064  1.00 16.84 ? 152 LEU A CG  1 
ATOM   1073 C  CD1 . LEU A 1 134 ? 8.862   8.333   -7.674  1.00 15.27 ? 152 LEU A CD1 1 
ATOM   1074 C  CD2 . LEU A 1 134 ? 7.187   9.648   -6.308  1.00 15.74 ? 152 LEU A CD2 1 
ATOM   1075 N  N   . ASN A 1 135 ? 10.537  12.011  -3.425  1.00 17.20 ? 153 ASN A N   1 
ATOM   1076 C  CA  . ASN A 1 135 ? 11.586  12.311  -2.460  1.00 16.82 ? 153 ASN A CA  1 
ATOM   1077 C  C   . ASN A 1 135 ? 11.715  11.090  -1.570  1.00 15.84 ? 153 ASN A C   1 
ATOM   1078 O  O   . ASN A 1 135 ? 10.770  10.739  -0.885  1.00 15.48 ? 153 ASN A O   1 
ATOM   1079 C  CB  . ASN A 1 135 ? 11.214  13.551  -1.654  1.00 16.95 ? 153 ASN A CB  1 
ATOM   1080 C  CG  . ASN A 1 135 ? 10.931  14.767  -2.554  1.00 20.99 ? 153 ASN A CG  1 
ATOM   1081 O  OD1 . ASN A 1 135 ? 9.812   15.292  -2.586  1.00 26.77 ? 153 ASN A OD1 1 
ATOM   1082 N  ND2 . ASN A 1 135 ? 11.925  15.165  -3.328  1.00 18.67 ? 153 ASN A ND2 1 
ATOM   1083 N  N   . LEU A 1 136 ? 12.853  10.415  -1.658  1.00 15.40 ? 154 LEU A N   1 
ATOM   1084 C  CA  . LEU A 1 136 ? 13.067  9.149   -0.926  1.00 14.81 ? 154 LEU A CA  1 
ATOM   1085 C  C   . LEU A 1 136 ? 13.078  9.413   0.561   1.00 14.92 ? 154 LEU A C   1 
ATOM   1086 O  O   . LEU A 1 136 ? 13.749  10.338  1.032   1.00 14.13 ? 154 LEU A O   1 
ATOM   1087 C  CB  . LEU A 1 136 ? 14.386  8.494   -1.370  1.00 15.23 ? 154 LEU A CB  1 
ATOM   1088 C  CG  . LEU A 1 136 ? 14.678  7.074   -0.842  1.00 15.71 ? 154 LEU A CG  1 
ATOM   1089 C  CD1 . LEU A 1 136 ? 13.649  6.100   -1.370  1.00 15.89 ? 154 LEU A CD1 1 
ATOM   1090 C  CD2 . LEU A 1 136 ? 16.066  6.610   -1.276  1.00 14.30 ? 154 LEU A CD2 1 
ATOM   1091 N  N   . LEU A 1 137 ? 12.347  8.593   1.321   1.00 14.97 ? 155 LEU A N   1 
ATOM   1092 C  CA  . LEU A 1 137 ? 12.309  8.765   2.766   1.00 15.35 ? 155 LEU A CA  1 
ATOM   1093 C  C   . LEU A 1 137 ? 13.668  8.476   3.441   1.00 15.93 ? 155 LEU A C   1 
ATOM   1094 O  O   . LEU A 1 137 ? 14.137  9.243   4.281   1.00 15.38 ? 155 LEU A O   1 
ATOM   1095 C  CB  . LEU A 1 137 ? 11.185  7.882   3.373   1.00 14.80 ? 155 LEU A CB  1 
ATOM   1096 C  CG  . LEU A 1 137 ? 10.928  8.030   4.877   1.00 15.71 ? 155 LEU A CG  1 
ATOM   1097 C  CD1 . LEU A 1 137 ? 10.395  9.387   5.210   1.00 15.79 ? 155 LEU A CD1 1 
ATOM   1098 C  CD2 . LEU A 1 137 ? 9.945   6.960   5.336   1.00 14.65 ? 155 LEU A CD2 1 
ATOM   1099 N  N   . THR A 1 138 ? 14.281  7.343   3.085   1.00 16.77 ? 156 THR A N   1 
ATOM   1100 C  CA  . THR A 1 138 ? 15.531  6.921   3.669   1.00 16.78 ? 156 THR A CA  1 
ATOM   1101 C  C   . THR A 1 138 ? 16.284  6.039   2.681   1.00 17.06 ? 156 THR A C   1 
ATOM   1102 O  O   . THR A 1 138 ? 15.678  5.396   1.818   1.00 16.39 ? 156 THR A O   1 
ATOM   1103 C  CB  . THR A 1 138 ? 15.321  6.157   5.003   1.00 17.23 ? 156 THR A CB  1 
ATOM   1104 O  OG1 . THR A 1 138 ? 16.605  5.829   5.570   1.00 18.08 ? 156 THR A OG1 1 
ATOM   1105 C  CG2 . THR A 1 138 ? 14.501  4.867   4.796   1.00 17.69 ? 156 THR A CG2 1 
ATOM   1106 N  N   . LYS A 1 139 ? 17.611  6.057   2.787   1.00 17.35 ? 157 LYS A N   1 
ATOM   1107 C  CA  . LYS A 1 139 ? 18.462  5.147   2.023   1.00 18.78 ? 157 LYS A CA  1 
ATOM   1108 C  C   . LYS A 1 139 ? 18.703  3.865   2.808   1.00 18.65 ? 157 LYS A C   1 
ATOM   1109 O  O   . LYS A 1 139 ? 19.256  2.903   2.263   1.00 18.52 ? 157 LYS A O   1 
ATOM   1110 C  CB  . LYS A 1 139 ? 19.808  5.790   1.704   1.00 19.30 ? 157 LYS A CB  1 
ATOM   1111 C  CG  . LYS A 1 139 ? 19.744  6.782   0.568   1.00 20.48 ? 157 LYS A CG  1 
ATOM   1112 C  CD  . LYS A 1 139 ? 21.090  6.825   -0.100  1.00 26.18 ? 157 LYS A CD  1 
ATOM   1113 C  CE  . LYS A 1 139 ? 21.070  7.833   -1.161  1.00 28.08 ? 157 LYS A CE  1 
ATOM   1114 N  NZ  . LYS A 1 139 ? 20.833  9.180   -0.576  1.00 28.84 ? 157 LYS A NZ  1 
ATOM   1115 N  N   . LYS A 1 140 ? 18.274  3.847   4.076   1.00 19.02 ? 158 LYS A N   1 
ATOM   1116 C  CA  . LYS A 1 140 ? 18.342  2.618   4.877   1.00 19.60 ? 158 LYS A CA  1 
ATOM   1117 C  C   . LYS A 1 140 ? 17.472  1.497   4.267   1.00 18.64 ? 158 LYS A C   1 
ATOM   1118 O  O   . LYS A 1 140 ? 16.452  1.758   3.605   1.00 17.57 ? 158 LYS A O   1 
ATOM   1119 C  CB  . LYS A 1 140 ? 17.956  2.891   6.327   1.00 20.66 ? 158 LYS A CB  1 
ATOM   1120 C  CG  . LYS A 1 140 ? 18.993  3.737   7.079   1.00 24.90 ? 158 LYS A CG  1 
ATOM   1121 C  CD  . LYS A 1 140 ? 18.558  3.994   8.500   1.00 30.86 ? 158 LYS A CD  1 
ATOM   1122 C  CE  . LYS A 1 140 ? 19.741  4.480   9.334   1.00 33.50 ? 158 LYS A CE  1 
ATOM   1123 N  NZ  . LYS A 1 140 ? 19.334  4.813   10.732  1.00 38.14 ? 158 LYS A NZ  1 
ATOM   1124 N  N   . PRO A 1 141 ? 17.881  0.233   4.474   1.00 18.67 ? 159 PRO A N   1 
ATOM   1125 C  CA  . PRO A 1 141 ? 17.134  -0.881  3.904   1.00 18.50 ? 159 PRO A CA  1 
ATOM   1126 C  C   . PRO A 1 141 ? 15.851  -1.141  4.709   1.00 18.40 ? 159 PRO A C   1 
ATOM   1127 O  O   . PRO A 1 141 ? 15.654  -2.229  5.267   1.00 18.53 ? 159 PRO A O   1 
ATOM   1128 C  CB  . PRO A 1 141 ? 18.124  -2.051  4.010   1.00 18.23 ? 159 PRO A CB  1 
ATOM   1129 C  CG  . PRO A 1 141 ? 18.951  -1.718  5.215   1.00 18.09 ? 159 PRO A CG  1 
ATOM   1130 C  CD  . PRO A 1 141 ? 19.067  -0.218  5.230   1.00 18.65 ? 159 PRO A CD  1 
ATOM   1131 N  N   . LEU A 1 142 ? 14.993  -0.127  4.768   1.00 17.08 ? 160 LEU A N   1 
ATOM   1132 C  CA  . LEU A 1 142 ? 13.713  -0.195  5.452   1.00 16.51 ? 160 LEU A CA  1 
ATOM   1133 C  C   . LEU A 1 142 ? 12.633  0.036   4.410   1.00 16.11 ? 160 LEU A C   1 
ATOM   1134 O  O   . LEU A 1 142 ? 12.475  1.162   3.886   1.00 16.78 ? 160 LEU A O   1 
ATOM   1135 C  CB  . LEU A 1 142 ? 13.651  0.878   6.566   1.00 15.24 ? 160 LEU A CB  1 
ATOM   1136 C  CG  . LEU A 1 142 ? 14.659  0.647   7.690   1.00 17.32 ? 160 LEU A CG  1 
ATOM   1137 C  CD1 . LEU A 1 142 ? 14.778  1.919   8.577   1.00 16.88 ? 160 LEU A CD1 1 
ATOM   1138 C  CD2 . LEU A 1 142 ? 14.262  -0.590  8.523   1.00 17.87 ? 160 LEU A CD2 1 
ATOM   1139 N  N   . TYR A 1 143 ? 11.926  -1.041  4.094   1.00 15.49 ? 161 TYR A N   1 
ATOM   1140 C  CA  . TYR A 1 143 ? 11.004  -1.112  2.956   1.00 14.95 ? 161 TYR A CA  1 
ATOM   1141 C  C   . TYR A 1 143 ? 9.611   -1.524  3.381   1.00 14.56 ? 161 TYR A C   1 
ATOM   1142 O  O   . TYR A 1 143 ? 9.399   -2.021  4.489   1.00 15.22 ? 161 TYR A O   1 
ATOM   1143 C  CB  . TYR A 1 143 ? 11.507  -2.184  1.969   1.00 15.04 ? 161 TYR A CB  1 
ATOM   1144 C  CG  . TYR A 1 143 ? 12.854  -1.899  1.328   1.00 16.41 ? 161 TYR A CG  1 
ATOM   1145 C  CD1 . TYR A 1 143 ? 12.948  -0.996  0.272   1.00 15.10 ? 161 TYR A CD1 1 
ATOM   1146 C  CD2 . TYR A 1 143 ? 14.005  -2.585  1.727   1.00 14.21 ? 161 TYR A CD2 1 
ATOM   1147 C  CE1 . TYR A 1 143 ? 14.150  -0.734  -0.349  1.00 19.76 ? 161 TYR A CE1 1 
ATOM   1148 C  CE2 . TYR A 1 143 ? 15.234  -2.324  1.122   1.00 17.52 ? 161 TYR A CE2 1 
ATOM   1149 C  CZ  . TYR A 1 143 ? 15.292  -1.397  0.078   1.00 18.33 ? 161 TYR A CZ  1 
ATOM   1150 O  OH  . TYR A 1 143 ? 16.462  -1.127  -0.566  1.00 18.42 ? 161 TYR A OH  1 
ATOM   1151 N  N   . LEU A 1 144 ? 8.663   -1.369  2.477   1.00 14.28 ? 162 LEU A N   1 
ATOM   1152 C  CA  . LEU A 1 144 ? 7.376   -2.053  2.588   1.00 14.65 ? 162 LEU A CA  1 
ATOM   1153 C  C   . LEU A 1 144 ? 7.528   -3.461  1.992   1.00 15.46 ? 162 LEU A C   1 
ATOM   1154 O  O   . LEU A 1 144 ? 7.935   -3.608  0.839   1.00 15.45 ? 162 LEU A O   1 
ATOM   1155 C  CB  . LEU A 1 144 ? 6.294   -1.265  1.841   1.00 13.79 ? 162 LEU A CB  1 
ATOM   1156 C  CG  . LEU A 1 144 ? 4.884   -1.854  1.793   1.00 15.68 ? 162 LEU A CG  1 
ATOM   1157 C  CD1 . LEU A 1 144 ? 4.218   -1.887  3.203   1.00 14.44 ? 162 LEU A CD1 1 
ATOM   1158 C  CD2 . LEU A 1 144 ? 4.030   -1.103  0.776   1.00 15.67 ? 162 LEU A CD2 1 
ATOM   1159 N  N   . HIS A 1 145 ? 7.189   -4.481  2.784   1.00 14.44 ? 163 HIS A N   1 
ATOM   1160 C  CA  . HIS A 1 145 ? 7.319   -5.889  2.359   1.00 15.51 ? 163 HIS A CA  1 
ATOM   1161 C  C   . HIS A 1 145 ? 5.943   -6.423  2.080   1.00 15.32 ? 163 HIS A C   1 
ATOM   1162 O  O   . HIS A 1 145 ? 5.081   -6.418  2.979   1.00 15.42 ? 163 HIS A O   1 
ATOM   1163 C  CB  . HIS A 1 145 ? 7.916   -6.734  3.471   1.00 15.28 ? 163 HIS A CB  1 
ATOM   1164 C  CG  . HIS A 1 145 ? 9.369   -6.492  3.714   1.00 16.65 ? 163 HIS A CG  1 
ATOM   1165 N  ND1 . HIS A 1 145 ? 9.850   -5.343  4.307   1.00 18.36 ? 163 HIS A ND1 1 
ATOM   1166 C  CD2 . HIS A 1 145 ? 10.448  -7.265  3.468   1.00 15.76 ? 163 HIS A CD2 1 
ATOM   1167 C  CE1 . HIS A 1 145 ? 11.167  -5.416  4.407   1.00 13.83 ? 163 HIS A CE1 1 
ATOM   1168 N  NE2 . HIS A 1 145 ? 11.550  -6.576  3.911   1.00 20.75 ? 163 HIS A NE2 1 
ATOM   1169 N  N   . LEU A 1 146 ? 5.727   -6.844  0.828   1.00 15.47 ? 164 LEU A N   1 
ATOM   1170 C  CA  . LEU A 1 146 ? 4.465   -7.430  0.379   1.00 15.35 ? 164 LEU A CA  1 
ATOM   1171 C  C   . LEU A 1 146 ? 4.654   -8.848  -0.161  1.00 16.99 ? 164 LEU A C   1 
ATOM   1172 O  O   . LEU A 1 146 ? 5.774   -9.243  -0.538  1.00 15.72 ? 164 LEU A O   1 
ATOM   1173 C  CB  . LEU A 1 146 ? 3.812   -6.597  -0.741  1.00 16.86 ? 164 LEU A CB  1 
ATOM   1174 C  CG  . LEU A 1 146 ? 3.670   -5.078  -0.588  1.00 17.50 ? 164 LEU A CG  1 
ATOM   1175 C  CD1 . LEU A 1 146 ? 3.189   -4.450  -1.897  1.00 16.64 ? 164 LEU A CD1 1 
ATOM   1176 C  CD2 . LEU A 1 146 ? 2.737   -4.777  0.568   1.00 16.72 ? 164 LEU A CD2 1 
ATOM   1177 N  N   . ASN A 1 147 ? 3.554   -9.595  -0.183  1.00 18.27 ? 165 ASN A N   1 
ATOM   1178 C  CA  . ASN A 1 147 ? 3.479   -10.856 -0.956  1.00 20.70 ? 165 ASN A CA  1 
ATOM   1179 C  C   . ASN A 1 147 ? 2.314   -10.750 -1.914  1.00 21.33 ? 165 ASN A C   1 
ATOM   1180 O  O   . ASN A 1 147 ? 1.202   -10.386 -1.503  1.00 21.45 ? 165 ASN A O   1 
ATOM   1181 C  CB  . ASN A 1 147 ? 3.342   -12.089 -0.045  1.00 21.04 ? 165 ASN A CB  1 
ATOM   1182 C  CG  . ASN A 1 147 ? 3.521   -13.406 -0.806  1.00 22.43 ? 165 ASN A CG  1 
ATOM   1183 O  OD1 . ASN A 1 147 ? 4.465   -13.561 -1.546  1.00 20.98 ? 165 ASN A OD1 1 
ATOM   1184 N  ND2 . ASN A 1 147 ? 2.594   -14.338 -0.628  1.00 26.06 ? 165 ASN A ND2 1 
ATOM   1185 N  N   . GLN A 1 148 ? 2.571   -11.031 -3.200  1.00 21.73 ? 166 GLN A N   1 
ATOM   1186 C  CA  . GLN A 1 148 ? 1.529   -10.987 -4.231  1.00 22.40 ? 166 GLN A CA  1 
ATOM   1187 C  C   . GLN A 1 148 ? 1.048   -12.402 -4.564  1.00 23.96 ? 166 GLN A C   1 
ATOM   1188 O  O   . GLN A 1 148 ? 1.860   -13.316 -4.734  1.00 23.37 ? 166 GLN A O   1 
ATOM   1189 C  CB  . GLN A 1 148 ? 2.022   -10.326 -5.532  1.00 22.00 ? 166 GLN A CB  1 
ATOM   1190 C  CG  . GLN A 1 148 ? 2.891   -9.096  -5.347  1.00 20.28 ? 166 GLN A CG  1 
ATOM   1191 C  CD  . GLN A 1 148 ? 3.009   -8.286  -6.616  1.00 20.71 ? 166 GLN A CD  1 
ATOM   1192 O  OE1 . GLN A 1 148 ? 2.023   -8.082  -7.331  1.00 20.32 ? 166 GLN A OE1 1 
ATOM   1193 N  NE2 . GLN A 1 148 ? 4.222   -7.814  -6.910  1.00 19.34 ? 166 GLN A NE2 1 
ATOM   1194 N  N   . THR A 1 149 ? -0.268  -12.565 -4.622  1.00 25.11 ? 167 THR A N   1 
ATOM   1195 C  CA  . THR A 1 149 ? -0.885  -13.818 -5.048  1.00 26.31 ? 167 THR A CA  1 
ATOM   1196 C  C   . THR A 1 149 ? -1.861  -13.487 -6.148  1.00 27.08 ? 167 THR A C   1 
ATOM   1197 O  O   . THR A 1 149 ? -2.758  -12.639 -5.985  1.00 26.25 ? 167 THR A O   1 
ATOM   1198 C  CB  . THR A 1 149 ? -1.664  -14.536 -3.924  1.00 26.27 ? 167 THR A CB  1 
ATOM   1199 O  OG1 . THR A 1 149 ? -0.856  -14.620 -2.750  1.00 26.33 ? 167 THR A OG1 1 
ATOM   1200 C  CG2 . THR A 1 149 ? -2.069  -15.955 -4.375  1.00 27.08 ? 167 THR A CG2 1 
ATOM   1201 N  N   . LEU A 1 150 ? -1.701  -14.194 -7.266  1.00 27.97 ? 168 LEU A N   1 
ATOM   1202 C  CA  . LEU A 1 150 ? -2.562  -14.015 -8.412  1.00 28.94 ? 168 LEU A CA  1 
ATOM   1203 C  C   . LEU A 1 150 ? -3.528  -15.198 -8.493  1.00 29.54 ? 168 LEU A C   1 
ATOM   1204 O  O   . LEU A 1 150 ? -3.112  -16.363 -8.465  1.00 30.78 ? 168 LEU A O   1 
ATOM   1205 C  CB  . LEU A 1 150 ? -1.728  -13.814 -9.684  1.00 29.13 ? 168 LEU A CB  1 
ATOM   1206 C  CG  . LEU A 1 150 ? -1.097  -12.418 -9.879  1.00 28.54 ? 168 LEU A CG  1 
ATOM   1207 C  CD1 . LEU A 1 150 ? 0.077   -12.159 -8.947  1.00 29.74 ? 168 LEU A CD1 1 
ATOM   1208 C  CD2 . LEU A 1 150 ? -0.670  -12.222 -11.329 1.00 30.67 ? 168 LEU A CD2 1 
ATOM   1209 N  N   . HIS A 1 151 ? -4.815  -14.879 -8.511  1.00 29.43 ? 169 HIS A N   1 
ATOM   1210 C  CA  . HIS A 1 151 ? -5.873  -15.878 -8.460  1.00 30.24 ? 169 HIS A CA  1 
ATOM   1211 C  C   . HIS A 1 151 ? -6.479  -16.102 -9.832  1.00 30.73 ? 169 HIS A C   1 
ATOM   1212 O  O   . HIS A 1 151 ? -7.081  -15.192 -10.426 1.00 29.56 ? 169 HIS A O   1 
ATOM   1213 C  CB  . HIS A 1 151 ? -6.963  -15.494 -7.450  1.00 29.54 ? 169 HIS A CB  1 
ATOM   1214 C  CG  . HIS A 1 151 ? -6.459  -15.358 -6.050  1.00 28.80 ? 169 HIS A CG  1 
ATOM   1215 N  ND1 . HIS A 1 151 ? -5.930  -16.413 -5.338  1.00 28.57 ? 169 HIS A ND1 1 
ATOM   1216 C  CD2 . HIS A 1 151 ? -6.399  -14.280 -5.228  1.00 29.06 ? 169 HIS A CD2 1 
ATOM   1217 C  CE1 . HIS A 1 151 ? -5.569  -15.993 -4.137  1.00 29.64 ? 169 HIS A CE1 1 
ATOM   1218 N  NE2 . HIS A 1 151 ? -5.839  -14.701 -4.048  1.00 28.18 ? 169 HIS A NE2 1 
ATOM   1219 N  N   . LYS A 1 152 ? -6.236  -17.323 -10.313 1.00 32.52 ? 170 LYS A N   1 
ATOM   1220 C  CA  . LYS A 1 152 ? -6.740  -17.914 -11.566 1.00 34.77 ? 170 LYS A CA  1 
ATOM   1221 C  C   . LYS A 1 152 ? -6.308  -17.197 -12.829 1.00 35.57 ? 170 LYS A C   1 
ATOM   1222 O  O   . LYS A 1 152 ? -5.114  -17.262 -13.213 1.00 36.38 ? 170 LYS A O   1 
ATOM   1223 C  CB  . LYS A 1 152 ? -8.252  -18.222 -11.470 1.00 35.33 ? 170 LYS A CB  1 
ATOM   1224 C  CG  . LYS A 1 152 ? -9.024  -18.100 -12.749 1.00 36.56 ? 170 LYS A CG  1 
ATOM   1225 C  CD  . LYS A 1 152 ? -10.447 -18.538 -12.516 1.00 42.64 ? 170 LYS A CD  1 
ATOM   1226 C  CE  . LYS A 1 152 ? -11.417 -17.364 -12.505 1.00 44.32 ? 170 LYS A CE  1 
ATOM   1227 N  NZ  . LYS A 1 152 ? -12.828 -17.868 -12.559 1.00 46.65 ? 170 LYS A NZ  1 
HETATM 1228 O  O   . HOH B 2 .   ? 11.537  3.435   5.598   1.00 15.08 ? 171 HOH A O   1 
HETATM 1229 O  O   . HOH B 2 .   ? -3.371  4.953   -1.144  1.00 17.33 ? 172 HOH A O   1 
HETATM 1230 O  O   . HOH B 2 .   ? 2.585   8.981   15.547  1.00 15.64 ? 173 HOH A O   1 
HETATM 1231 O  O   . HOH B 2 .   ? 7.365   3.137   -4.075  1.00 16.15 ? 174 HOH A O   1 
HETATM 1232 O  O   . HOH B 2 .   ? 3.582   12.167  9.113   1.00 21.74 ? 175 HOH A O   1 
HETATM 1233 O  O   . HOH B 2 .   ? 12.682  5.301   1.855   1.00 19.35 ? 176 HOH A O   1 
HETATM 1234 O  O   . HOH B 2 .   ? 12.972  -3.538  5.214   1.00 14.90 ? 177 HOH A O   1 
HETATM 1235 O  O   . HOH B 2 .   ? -8.448  -1.902  -4.991  1.00 18.88 ? 178 HOH A O   1 
HETATM 1236 O  O   . HOH B 2 .   ? 8.609   11.967  -13.452 1.00 19.64 ? 179 HOH A O   1 
HETATM 1237 O  O   . HOH B 2 .   ? 8.071   -9.616  5.366   1.00 21.36 ? 180 HOH A O   1 
HETATM 1238 O  O   . HOH B 2 .   ? 12.681  2.552   1.545   1.00 14.22 ? 181 HOH A O   1 
HETATM 1239 O  O   . HOH B 2 .   ? 7.789   12.092  -2.423  1.00 16.17 ? 182 HOH A O   1 
HETATM 1240 O  O   . HOH B 2 .   ? 2.857   14.801  16.957  1.00 17.22 ? 183 HOH A O   1 
HETATM 1241 O  O   . HOH B 2 .   ? -10.746 -8.760  -5.368  1.00 21.96 ? 184 HOH A O   1 
HETATM 1242 O  O   . HOH B 2 .   ? 5.402   9.328   18.724  1.00 16.86 ? 185 HOH A O   1 
HETATM 1243 O  O   . HOH B 2 .   ? -8.430  3.382   -5.070  1.00 21.69 ? 186 HOH A O   1 
HETATM 1244 O  O   . HOH B 2 .   ? 15.571  2.799   1.163   1.00 14.40 ? 187 HOH A O   1 
HETATM 1245 O  O   . HOH B 2 .   ? 10.485  7.206   8.915   1.00 17.66 ? 188 HOH A O   1 
HETATM 1246 O  O   . HOH B 2 .   ? 15.087  12.043  -2.725  1.00 19.16 ? 189 HOH A O   1 
HETATM 1247 O  O   . HOH B 2 .   ? 11.537  -7.122  -4.225  1.00 19.78 ? 190 HOH A O   1 
HETATM 1248 O  O   . HOH B 2 .   ? -3.038  13.573  21.241  1.00 14.63 ? 191 HOH A O   1 
HETATM 1249 O  O   . HOH B 2 .   ? -8.276  -0.065  -3.005  1.00 20.85 ? 192 HOH A O   1 
HETATM 1250 O  O   . HOH B 2 .   ? -0.918  -12.483 -1.140  1.00 27.13 ? 193 HOH A O   1 
HETATM 1251 O  O   . HOH B 2 .   ? -9.351  -6.144  0.880   1.00 23.66 ? 194 HOH A O   1 
HETATM 1252 O  O   . HOH B 2 .   ? -7.536  -7.775  -8.381  1.00 20.16 ? 195 HOH A O   1 
HETATM 1253 O  O   . HOH B 2 .   ? 8.309   2.591   -6.596  1.00 18.91 ? 196 HOH A O   1 
HETATM 1254 O  O   . HOH B 2 .   ? 7.444   -0.627  -6.638  1.00 18.62 ? 197 HOH A O   1 
HETATM 1255 O  O   . HOH B 2 .   ? 11.867  -4.827  -5.090  1.00 21.83 ? 198 HOH A O   1 
HETATM 1256 O  O   . HOH B 2 .   ? 10.724  -9.744  2.267   1.00 22.11 ? 199 HOH A O   1 
HETATM 1257 O  O   . HOH B 2 .   ? 9.174   10.986  8.438   1.00 30.38 ? 200 HOH A O   1 
HETATM 1258 O  O   . HOH B 2 .   ? 12.421  5.481   7.464   1.00 18.71 ? 201 HOH A O   1 
HETATM 1259 O  O   . HOH B 2 .   ? -8.292  -10.069 -5.031  1.00 23.43 ? 202 HOH A O   1 
HETATM 1260 O  O   . HOH B 2 .   ? 3.958   16.772  15.414  1.00 22.94 ? 203 HOH A O   1 
HETATM 1261 O  O   . HOH B 2 .   ? 5.264   -9.363  9.532   1.00 21.99 ? 204 HOH A O   1 
HETATM 1262 O  O   . HOH B 2 .   ? 2.864   -11.324 7.346   1.00 33.25 ? 205 HOH A O   1 
HETATM 1263 O  O   . HOH B 2 .   ? -4.394  4.906   -16.382 1.00 28.05 ? 206 HOH A O   1 
HETATM 1264 O  O   . HOH B 2 .   ? -11.261 -14.013 -11.888 1.00 27.79 ? 207 HOH A O   1 
HETATM 1265 O  O   . HOH B 2 .   ? 7.598   15.647  18.361  1.00 23.14 ? 208 HOH A O   1 
HETATM 1266 O  O   . HOH B 2 .   ? 13.247  -3.311  14.618  1.00 22.15 ? 209 HOH A O   1 
HETATM 1267 O  O   . HOH B 2 .   ? 6.295   -9.877  -6.460  1.00 22.65 ? 210 HOH A O   1 
HETATM 1268 O  O   . HOH B 2 .   ? -0.420  -5.689  13.805  1.00 21.80 ? 211 HOH A O   1 
HETATM 1269 O  O   . HOH B 2 .   ? -3.101  4.276   20.714  1.00 24.48 ? 212 HOH A O   1 
HETATM 1270 O  O   . HOH B 2 .   ? -13.200 0.286   1.087   1.00 22.61 ? 213 HOH A O   1 
HETATM 1271 O  O   . HOH B 2 .   ? -8.552  -0.525  13.284  1.00 28.52 ? 214 HOH A O   1 
HETATM 1272 O  O   . HOH B 2 .   ? -9.684  10.061  -7.230  1.00 33.56 ? 215 HOH A O   1 
HETATM 1273 O  O   . HOH B 2 .   ? 4.402   10.404  16.326  1.00 21.65 ? 216 HOH A O   1 
HETATM 1274 O  O   . HOH B 2 .   ? -0.709  0.430   17.405  1.00 27.26 ? 217 HOH A O   1 
HETATM 1275 O  O   . HOH B 2 .   ? -5.258  8.786   1.104   1.00 23.76 ? 218 HOH A O   1 
HETATM 1276 O  O   . HOH B 2 .   ? 6.125   15.270  -5.109  1.00 26.96 ? 219 HOH A O   1 
HETATM 1277 O  O   . HOH B 2 .   ? -0.931  14.320  5.738   1.00 28.35 ? 220 HOH A O   1 
HETATM 1278 O  O   . HOH B 2 .   ? -3.894  -4.285  9.643   1.00 23.88 ? 221 HOH A O   1 
HETATM 1279 O  O   . HOH B 2 .   ? 1.559   1.166   -14.599 1.00 22.92 ? 222 HOH A O   1 
HETATM 1280 O  O   . HOH B 2 .   ? -1.361  13.731  -6.022  1.00 22.93 ? 223 HOH A O   1 
HETATM 1281 O  O   . HOH B 2 .   ? -5.958  6.833   15.796  1.00 34.46 ? 224 HOH A O   1 
HETATM 1282 O  O   . HOH B 2 .   ? -4.575  6.319   13.081  1.00 29.67 ? 225 HOH A O   1 
HETATM 1283 O  O   . HOH B 2 .   ? -0.418  13.101  1.197   1.00 24.29 ? 226 HOH A O   1 
HETATM 1284 O  O   . HOH B 2 .   ? 7.411   11.971  6.350   1.00 25.19 ? 227 HOH A O   1 
HETATM 1285 O  O   . HOH B 2 .   ? -2.301  -5.398  11.281  1.00 33.17 ? 228 HOH A O   1 
HETATM 1286 O  O   . HOH B 2 .   ? -14.805 -13.417 -18.361 1.00 26.12 ? 229 HOH A O   1 
HETATM 1287 O  O   . HOH B 2 .   ? 8.711   -12.328 -6.134  1.00 20.56 ? 230 HOH A O   1 
HETATM 1288 O  O   . HOH B 2 .   ? 8.159   -9.732  1.116   1.00 29.69 ? 231 HOH A O   1 
HETATM 1289 O  O   . HOH B 2 .   ? -2.451  11.283  1.819   1.00 25.78 ? 232 HOH A O   1 
HETATM 1290 O  O   . HOH B 2 .   ? 9.008   -4.315  -9.096  1.00 28.89 ? 233 HOH A O   1 
HETATM 1291 O  O   . HOH B 2 .   ? -13.480 -6.374  -12.354 1.00 40.74 ? 234 HOH A O   1 
HETATM 1292 O  O   . HOH B 2 .   ? -7.688  12.970  18.856  1.00 30.98 ? 235 HOH A O   1 
HETATM 1293 O  O   . HOH B 2 .   ? -3.599  20.581  15.119  1.00 32.78 ? 236 HOH A O   1 
HETATM 1294 O  O   . HOH B 2 .   ? 0.450   2.832   18.500  1.00 21.12 ? 237 HOH A O   1 
HETATM 1295 O  O   . HOH B 2 .   ? 0.982   20.692  19.937  1.00 30.70 ? 238 HOH A O   1 
HETATM 1296 O  O   . HOH B 2 .   ? -15.629 -6.535  -2.854  1.00 29.86 ? 239 HOH A O   1 
HETATM 1297 O  O   . HOH B 2 .   ? -13.298 5.008   -1.721  1.00 33.46 ? 240 HOH A O   1 
HETATM 1298 O  O   . HOH B 2 .   ? 7.773   15.300  -0.593  1.00 25.39 ? 241 HOH A O   1 
HETATM 1299 O  O   . HOH B 2 .   ? -7.542  13.138  11.349  1.00 31.03 ? 242 HOH A O   1 
HETATM 1300 O  O   . HOH B 2 .   ? -5.869  -10.734 6.203   1.00 31.35 ? 243 HOH A O   1 
HETATM 1301 O  O   . HOH B 2 .   ? -7.797  1.813   10.423  1.00 34.82 ? 244 HOH A O   1 
HETATM 1302 O  O   . HOH B 2 .   ? 6.028   14.428  -2.419  1.00 34.46 ? 245 HOH A O   1 
HETATM 1303 O  O   . HOH B 2 .   ? -9.769  -15.382 -9.570  1.00 35.09 ? 246 HOH A O   1 
HETATM 1304 O  O   . HOH B 2 .   ? 12.212  2.192   -7.822  1.00 23.87 ? 247 HOH A O   1 
HETATM 1305 O  O   . HOH B 2 .   ? 0.465   -16.271 -7.350  1.00 27.35 ? 248 HOH A O   1 
HETATM 1306 O  O   . HOH B 2 .   ? 16.086  -2.530  11.285  1.00 27.71 ? 249 HOH A O   1 
HETATM 1307 O  O   . HOH B 2 .   ? -12.440 -12.395 0.888   1.00 35.20 ? 250 HOH A O   1 
HETATM 1308 O  O   . HOH B 2 .   ? 9.615   -10.456 9.139   1.00 31.64 ? 251 HOH A O   1 
HETATM 1309 O  O   . HOH B 2 .   ? -4.079  6.076   22.101  1.00 34.11 ? 252 HOH A O   1 
HETATM 1310 O  O   . HOH B 2 .   ? 11.226  16.706  -6.070  1.00 37.48 ? 253 HOH A O   1 
HETATM 1311 O  O   . HOH B 2 .   ? 15.746  -4.851  4.554   1.00 40.03 ? 254 HOH A O   1 
HETATM 1312 O  O   . HOH B 2 .   ? 16.678  -3.193  8.436   1.00 30.34 ? 255 HOH A O   1 
HETATM 1313 O  O   . HOH B 2 .   ? -10.901 -18.710 -15.594 1.00 40.70 ? 256 HOH A O   1 
HETATM 1314 O  O   . HOH B 2 .   ? -8.622  -20.682 -14.199 1.00 52.61 ? 257 HOH A O   1 
HETATM 1315 O  O   . HOH B 2 .   ? 0.277   22.860  16.124  1.00 42.31 ? 258 HOH A O   1 
HETATM 1316 O  O   . HOH B 2 .   ? -10.646 -16.073 -6.834  1.00 37.48 ? 259 HOH A O   1 
HETATM 1317 O  O   . HOH B 2 .   ? 18.199  -0.366  8.659   1.00 32.32 ? 260 HOH A O   1 
HETATM 1318 O  O   . HOH B 2 .   ? 7.923   1.387   -9.236  1.00 29.91 ? 261 HOH A O   1 
HETATM 1319 O  O   . HOH B 2 .   ? 7.255   -13.953 -9.491  1.00 35.17 ? 262 HOH A O   1 
HETATM 1320 O  O   . HOH B 2 .   ? 1.407   9.323   -13.989 1.00 37.73 ? 263 HOH A O   1 
HETATM 1321 O  O   . HOH B 2 .   ? 8.479   21.461  -10.546 1.00 43.25 ? 264 HOH A O   1 
HETATM 1322 O  O   . HOH B 2 .   ? 4.418   16.402  -8.480  1.00 38.47 ? 265 HOH A O   1 
HETATM 1323 O  O   . HOH B 2 .   ? 19.026  8.005   4.652   1.00 33.18 ? 266 HOH A O   1 
HETATM 1324 O  O   . HOH B 2 .   ? 12.074  -3.903  18.620  1.00 30.33 ? 267 HOH A O   1 
HETATM 1325 O  O   . HOH B 2 .   ? 8.454   3.640   -10.968 1.00 30.42 ? 268 HOH A O   1 
HETATM 1326 O  O   . HOH B 2 .   ? 14.380  14.578  -3.183  1.00 37.25 ? 269 HOH A O   1 
HETATM 1327 O  O   . HOH B 2 .   ? 0.804   -13.981 1.596   1.00 29.34 ? 270 HOH A O   1 
HETATM 1328 O  O   . HOH B 2 .   ? 8.493   9.541   14.838  1.00 29.61 ? 271 HOH A O   1 
HETATM 1329 O  O   . HOH B 2 .   ? 11.460  9.895   8.744   1.00 34.43 ? 272 HOH A O   1 
HETATM 1330 O  O   . HOH B 2 .   ? -15.398 -3.029  -5.048  1.00 36.63 ? 273 HOH A O   1 
HETATM 1331 O  O   . HOH B 2 .   ? 14.235  12.985  0.587   1.00 33.33 ? 274 HOH A O   1 
HETATM 1332 O  O   . HOH B 2 .   ? 7.682   15.990  3.643   1.00 35.03 ? 275 HOH A O   1 
HETATM 1333 O  O   . HOH B 2 .   ? 3.375   -0.619  -15.928 1.00 27.69 ? 276 HOH A O   1 
HETATM 1334 O  O   . HOH B 2 .   ? 8.557   14.108  5.500   1.00 30.73 ? 277 HOH A O   1 
HETATM 1335 O  O   . HOH B 2 .   ? -13.720 -2.417  -14.958 1.00 40.84 ? 278 HOH A O   1 
HETATM 1336 O  O   . HOH B 2 .   ? -7.745  7.052   5.906   1.00 29.40 ? 279 HOH A O   1 
HETATM 1337 O  O   . HOH B 2 .   ? -5.459  -6.425  10.301  1.00 33.50 ? 280 HOH A O   1 
HETATM 1338 O  O   . HOH B 2 .   ? 10.473  -7.066  -11.655 1.00 44.07 ? 281 HOH A O   1 
HETATM 1339 O  O   . HOH B 2 .   ? -1.892  22.412  15.229  1.00 34.46 ? 282 HOH A O   1 
HETATM 1340 O  O   . HOH B 2 .   ? -1.358  14.034  -1.575  1.00 28.56 ? 283 HOH A O   1 
HETATM 1341 O  O   . HOH B 2 .   ? -3.938  -5.012  13.730  1.00 31.48 ? 284 HOH A O   1 
HETATM 1342 O  O   . HOH B 2 .   ? 7.722   -6.826  -9.379  1.00 24.49 ? 285 HOH A O   1 
HETATM 1343 O  O   . HOH B 2 .   ? -10.845 2.524   13.363  1.00 37.77 ? 286 HOH A O   1 
HETATM 1344 O  O   . HOH B 2 .   ? 1.714   -2.728  -18.212 1.00 41.03 ? 287 HOH A O   1 
HETATM 1345 O  O   . HOH B 2 .   ? -8.452  4.073   10.039  1.00 35.54 ? 288 HOH A O   1 
HETATM 1346 O  O   . HOH B 2 .   ? -8.064  -7.717  9.113   1.00 40.14 ? 289 HOH A O   1 
HETATM 1347 O  O   . HOH B 2 .   ? 2.313   -11.267 -13.735 1.00 37.34 ? 290 HOH A O   1 
HETATM 1348 O  O   . HOH B 2 .   ? -5.603  -0.218  17.967  1.00 34.17 ? 291 HOH A O   1 
HETATM 1349 O  O   . HOH B 2 .   ? 9.628   -5.343  -13.721 1.00 44.13 ? 292 HOH A O   1 
HETATM 1350 O  O   . HOH B 2 .   ? 12.058  9.993   15.455  1.00 36.50 ? 293 HOH A O   1 
HETATM 1351 O  O   . HOH B 2 .   ? -4.889  -19.249 -9.299  1.00 37.18 ? 294 HOH A O   1 
HETATM 1352 O  O   . HOH B 2 .   ? -3.321  -8.588  -17.126 1.00 38.95 ? 295 HOH A O   1 
HETATM 1353 O  O   . HOH B 2 .   ? -5.154  11.705  0.386   1.00 41.95 ? 296 HOH A O   1 
HETATM 1354 O  O   . HOH B 2 .   ? 17.873  0.595   10.852  1.00 31.55 ? 297 HOH A O   1 
HETATM 1355 O  O   . HOH B 2 .   ? 1.705   15.881  -4.172  1.00 42.98 ? 298 HOH A O   1 
HETATM 1356 O  O   . HOH B 2 .   ? 0.490   16.472  7.900   1.00 40.20 ? 299 HOH A O   1 
HETATM 1357 O  O   . HOH B 2 .   ? -13.208 -14.600 -5.874  1.00 37.20 ? 300 HOH A O   1 
HETATM 1358 O  O   . HOH B 2 .   ? -3.165  0.994   18.280  1.00 38.02 ? 301 HOH A O   1 
HETATM 1359 O  O   . HOH B 2 .   ? 11.561  -7.767  11.057  1.00 39.20 ? 302 HOH A O   1 
HETATM 1360 O  O   . HOH B 2 .   ? -15.998 -16.703 -6.950  1.00 43.01 ? 303 HOH A O   1 
HETATM 1361 O  O   . HOH B 2 .   ? -6.087  -13.882 -18.255 1.00 36.50 ? 304 HOH A O   1 
HETATM 1362 O  O   . HOH B 2 .   ? 10.710  -9.336  -5.774  1.00 26.23 ? 305 HOH A O   1 
HETATM 1363 O  O   . HOH B 2 .   ? -8.700  -8.761  4.285   1.00 38.08 ? 306 HOH A O   1 
HETATM 1364 O  O   . HOH B 2 .   ? 0.105   14.852  3.031   1.00 35.45 ? 307 HOH A O   1 
HETATM 1365 O  O   . HOH B 2 .   ? 0.396   -1.114  19.671  1.00 37.14 ? 308 HOH A O   1 
HETATM 1366 O  O   . HOH B 2 .   ? 3.984   -4.549  19.915  1.00 37.12 ? 309 HOH A O   1 
HETATM 1367 O  O   . HOH B 2 .   ? -15.576 -10.785 -17.449 1.00 30.83 ? 310 HOH A O   1 
HETATM 1368 O  O   . HOH B 2 .   ? -10.850 -2.521  10.052  1.00 35.70 ? 311 HOH A O   1 
HETATM 1369 O  O   . HOH B 2 .   ? 6.285   4.889   -12.477 1.00 31.64 ? 312 HOH A O   1 
HETATM 1370 O  O   . HOH B 2 .   ? 15.356  -6.731  7.951   1.00 39.79 ? 313 HOH A O   1 
HETATM 1371 O  O   . HOH B 2 .   ? -10.830 -4.034  7.394   1.00 29.06 ? 314 HOH A O   1 
# 
